data_2EC1
#
_entry.id   2EC1
#
_entity_poly.entity_id   1
_entity_poly.type   'polypeptide(L)'
_entity_poly.pdbx_seq_one_letter_code
;GSSGSSGEVKEEDAFYSKKCKLFYKKDNEFKEKGIGTLHLKPTANQKTQLLVRADTNLGNILLNVLIPPNMPCTRTGKNN
VLIVCVPNPPIDEKNATMPVTMLIRVKTSEDADELHKILLEKKDA
;
_entity_poly.pdbx_strand_id   A
#
# COMPACT_ATOMS: atom_id res chain seq x y z
N GLU A 8 0.96 7.34 27.34
CA GLU A 8 -0.04 7.99 26.51
C GLU A 8 0.32 7.88 25.04
N VAL A 9 -0.68 7.94 24.17
CA VAL A 9 -0.47 7.86 22.73
C VAL A 9 -0.18 9.23 22.13
N LYS A 10 0.94 9.34 21.42
CA LYS A 10 1.32 10.59 20.80
C LYS A 10 0.40 10.94 19.65
N GLU A 11 0.51 12.17 19.14
CA GLU A 11 -0.33 12.62 18.04
C GLU A 11 0.39 12.44 16.71
N GLU A 12 -0.36 12.02 15.68
CA GLU A 12 0.20 11.81 14.36
C GLU A 12 -0.87 11.91 13.29
N ASP A 13 -0.53 12.56 12.17
CA ASP A 13 -1.48 12.73 11.08
C ASP A 13 -2.04 11.39 10.64
N ALA A 14 -1.16 10.46 10.28
CA ALA A 14 -1.58 9.13 9.84
C ALA A 14 -2.06 8.29 11.02
N PHE A 15 -3.23 7.70 10.87
CA PHE A 15 -3.81 6.86 11.93
C PHE A 15 -3.17 5.48 11.94
N TYR A 16 -2.96 4.92 10.76
CA TYR A 16 -2.35 3.60 10.63
C TYR A 16 -0.94 3.70 10.04
N SER A 17 0.06 3.49 10.88
CA SER A 17 1.45 3.56 10.44
C SER A 17 2.22 2.33 10.88
N LYS A 18 2.72 1.56 9.92
CA LYS A 18 3.48 0.35 10.20
C LYS A 18 4.50 0.08 9.10
N LYS A 19 5.65 -0.46 9.50
CA LYS A 19 6.71 -0.77 8.54
C LYS A 19 6.36 -2.03 7.73
N CYS A 20 6.70 -2.01 6.45
CA CYS A 20 6.42 -3.14 5.58
C CYS A 20 7.24 -3.04 4.29
N LYS A 21 7.20 -4.10 3.48
CA LYS A 21 7.93 -4.14 2.22
C LYS A 21 6.98 -4.28 1.04
N LEU A 22 7.21 -3.48 0.00
CA LEU A 22 6.37 -3.53 -1.20
C LEU A 22 6.96 -4.47 -2.23
N PHE A 23 6.08 -5.11 -3.01
CA PHE A 23 6.52 -6.04 -4.04
C PHE A 23 5.48 -6.11 -5.17
N TYR A 24 5.93 -5.84 -6.39
CA TYR A 24 5.04 -5.87 -7.55
C TYR A 24 5.28 -7.13 -8.38
N LYS A 25 4.26 -7.55 -9.11
CA LYS A 25 4.36 -8.74 -9.96
C LYS A 25 4.77 -8.37 -11.37
N LYS A 26 5.93 -8.87 -11.80
CA LYS A 26 6.45 -8.59 -13.13
C LYS A 26 7.08 -9.83 -13.73
N ASP A 27 6.49 -10.32 -14.83
CA ASP A 27 7.01 -11.51 -15.50
C ASP A 27 6.87 -12.75 -14.62
N ASN A 28 5.70 -12.88 -13.99
CA ASN A 28 5.44 -14.02 -13.12
C ASN A 28 6.46 -14.09 -11.99
N GLU A 29 6.79 -12.93 -11.43
CA GLU A 29 7.76 -12.86 -10.34
C GLU A 29 7.52 -11.63 -9.47
N PHE A 30 8.05 -11.64 -8.26
CA PHE A 30 7.89 -10.53 -7.34
C PHE A 30 9.21 -9.80 -7.13
N LYS A 31 9.21 -8.48 -7.33
CA LYS A 31 10.40 -7.68 -7.17
C LYS A 31 10.21 -6.64 -6.07
N GLU A 32 11.18 -6.54 -5.17
CA GLU A 32 11.12 -5.59 -4.07
C GLU A 32 11.17 -4.15 -4.60
N LYS A 33 10.04 -3.44 -4.47
CA LYS A 33 9.95 -2.07 -4.92
C LYS A 33 10.82 -1.15 -4.06
N GLY A 34 10.77 -1.35 -2.76
CA GLY A 34 11.57 -0.53 -1.85
C GLY A 34 11.06 -0.59 -0.43
N ILE A 35 11.96 -0.90 0.51
CA ILE A 35 11.59 -0.99 1.91
C ILE A 35 11.16 0.37 2.46
N GLY A 36 10.03 0.38 3.17
CA GLY A 36 9.53 1.61 3.74
C GLY A 36 8.37 1.39 4.69
N THR A 37 7.72 2.47 5.11
CA THR A 37 6.60 2.38 6.04
C THR A 37 5.34 3.00 5.43
N LEU A 38 4.22 2.31 5.58
CA LEU A 38 2.96 2.79 5.06
C LEU A 38 2.31 3.80 6.01
N HIS A 39 1.75 4.86 5.44
CA HIS A 39 1.11 5.90 6.23
C HIS A 39 -0.28 6.22 5.69
N LEU A 40 -1.31 5.79 6.42
CA LEU A 40 -2.69 6.03 6.00
C LEU A 40 -3.26 7.26 6.70
N LYS A 41 -3.65 8.25 5.91
CA LYS A 41 -4.21 9.48 6.43
C LYS A 41 -5.31 10.02 5.53
N PRO A 42 -6.29 10.73 6.12
CA PRO A 42 -7.41 11.31 5.38
C PRO A 42 -6.98 12.47 4.48
N THR A 43 -7.66 12.63 3.35
CA THR A 43 -7.35 13.69 2.41
C THR A 43 -8.47 14.73 2.35
N ALA A 44 -8.22 15.83 1.66
CA ALA A 44 -9.21 16.89 1.52
C ALA A 44 -10.60 16.31 1.29
N ASN A 45 -10.69 15.31 0.42
CA ASN A 45 -11.95 14.66 0.10
C ASN A 45 -12.31 13.62 1.15
N GLN A 46 -13.47 13.00 0.99
CA GLN A 46 -13.93 11.98 1.93
C GLN A 46 -13.23 10.65 1.67
N LYS A 47 -12.26 10.67 0.78
CA LYS A 47 -11.51 9.46 0.44
C LYS A 47 -10.23 9.36 1.27
N THR A 48 -9.58 8.20 1.22
CA THR A 48 -8.35 7.97 1.96
C THR A 48 -7.14 8.02 1.04
N GLN A 49 -6.10 8.73 1.46
CA GLN A 49 -4.89 8.85 0.67
C GLN A 49 -3.84 7.84 1.12
N LEU A 50 -3.29 7.09 0.17
CA LEU A 50 -2.28 6.09 0.47
C LEU A 50 -0.88 6.61 0.19
N LEU A 51 -0.02 6.56 1.21
CA LEU A 51 1.36 7.03 1.06
C LEU A 51 2.33 6.05 1.71
N VAL A 52 3.53 5.95 1.13
CA VAL A 52 4.55 5.05 1.64
C VAL A 52 5.92 5.72 1.63
N ARG A 53 6.50 5.90 2.81
CA ARG A 53 7.80 6.53 2.94
C ARG A 53 8.92 5.48 2.95
N ALA A 54 10.03 5.81 2.31
CA ALA A 54 11.17 4.90 2.24
C ALA A 54 11.83 4.75 3.60
N ASP A 55 12.12 3.51 3.98
CA ASP A 55 12.77 3.24 5.26
C ASP A 55 14.16 3.86 5.33
N THR A 56 14.93 3.66 4.26
CA THR A 56 16.29 4.19 4.20
C THR A 56 16.29 5.70 4.46
N ASN A 57 17.46 6.22 4.84
CA ASN A 57 17.60 7.64 5.13
C ASN A 57 16.88 8.48 4.07
N LEU A 58 17.14 8.18 2.80
CA LEU A 58 16.52 8.90 1.70
C LEU A 58 15.00 8.84 1.79
N GLY A 59 14.38 10.00 2.04
CA GLY A 59 12.93 10.05 2.14
C GLY A 59 12.26 10.26 0.80
N ASN A 60 12.21 9.20 0.00
CA ASN A 60 11.58 9.26 -1.32
C ASN A 60 10.24 8.54 -1.33
N ILE A 61 9.28 9.07 -2.07
CA ILE A 61 7.96 8.47 -2.17
C ILE A 61 8.01 7.18 -2.98
N LEU A 62 7.61 6.07 -2.34
CA LEU A 62 7.61 4.78 -3.01
C LEU A 62 6.32 4.59 -3.82
N LEU A 63 5.19 4.83 -3.18
CA LEU A 63 3.89 4.70 -3.84
C LEU A 63 2.87 5.67 -3.27
N ASN A 64 2.38 6.58 -4.11
CA ASN A 64 1.40 7.57 -3.69
C ASN A 64 0.18 7.55 -4.60
N VAL A 65 -0.91 6.96 -4.11
CA VAL A 65 -2.15 6.88 -4.89
C VAL A 65 -3.37 7.09 -4.00
N LEU A 66 -4.54 7.13 -4.62
CA LEU A 66 -5.79 7.34 -3.88
C LEU A 66 -6.67 6.10 -3.95
N ILE A 67 -7.02 5.56 -2.78
CA ILE A 67 -7.85 4.37 -2.71
C ILE A 67 -9.15 4.58 -3.48
N PRO A 68 -9.28 3.89 -4.63
CA PRO A 68 -10.46 3.97 -5.47
C PRO A 68 -11.69 3.31 -4.84
N PRO A 69 -12.86 3.55 -5.43
CA PRO A 69 -14.12 2.99 -4.94
C PRO A 69 -14.21 1.48 -5.15
N ASN A 70 -13.67 1.01 -6.27
CA ASN A 70 -13.67 -0.41 -6.59
C ASN A 70 -12.27 -0.99 -6.58
N MET A 71 -11.96 -1.77 -5.55
CA MET A 71 -10.63 -2.37 -5.42
C MET A 71 -10.74 -3.77 -4.81
N PRO A 72 -10.30 -4.79 -5.56
CA PRO A 72 -10.34 -6.18 -5.11
C PRO A 72 -9.34 -6.45 -4.00
N CYS A 73 -9.65 -7.40 -3.12
CA CYS A 73 -8.79 -7.76 -2.01
C CYS A 73 -8.38 -9.23 -2.10
N THR A 74 -7.12 -9.50 -1.77
CA THR A 74 -6.59 -10.87 -1.80
C THR A 74 -5.63 -11.12 -0.65
N ARG A 75 -6.09 -11.87 0.34
CA ARG A 75 -5.27 -12.19 1.50
C ARG A 75 -4.53 -13.52 1.31
N THR A 76 -3.22 -13.45 1.19
CA THR A 76 -2.40 -14.65 1.00
C THR A 76 -1.60 -14.97 2.25
N GLY A 77 -1.21 -16.24 2.39
CA GLY A 77 -0.44 -16.66 3.54
C GLY A 77 -1.11 -16.27 4.85
N LYS A 78 -0.29 -15.95 5.85
CA LYS A 78 -0.82 -15.57 7.16
C LYS A 78 -0.46 -14.12 7.48
N ASN A 79 0.73 -13.69 7.05
CA ASN A 79 1.19 -12.34 7.29
C ASN A 79 1.40 -11.59 5.98
N ASN A 80 0.83 -12.12 4.90
CA ASN A 80 0.96 -11.51 3.59
C ASN A 80 -0.37 -10.93 3.13
N VAL A 81 -0.31 -9.89 2.31
CA VAL A 81 -1.51 -9.24 1.80
C VAL A 81 -1.30 -8.73 0.36
N LEU A 82 -2.28 -8.98 -0.48
CA LEU A 82 -2.21 -8.54 -1.88
C LEU A 82 -3.37 -7.62 -2.23
N ILE A 83 -3.11 -6.66 -3.11
CA ILE A 83 -4.14 -5.71 -3.52
C ILE A 83 -3.85 -5.16 -4.92
N VAL A 84 -4.90 -4.93 -5.68
CA VAL A 84 -4.77 -4.40 -7.05
C VAL A 84 -4.95 -2.89 -7.07
N CYS A 85 -3.89 -2.18 -7.46
CA CYS A 85 -3.93 -0.73 -7.53
C CYS A 85 -2.91 -0.21 -8.54
N VAL A 86 -3.11 1.04 -8.99
CA VAL A 86 -2.22 1.65 -9.96
C VAL A 86 -0.96 2.18 -9.29
N PRO A 87 0.20 1.60 -9.65
CA PRO A 87 1.49 1.99 -9.10
C PRO A 87 1.93 3.39 -9.57
N ASN A 88 2.23 4.25 -8.61
CA ASN A 88 2.65 5.62 -8.93
C ASN A 88 3.97 5.95 -8.23
N PRO A 89 5.01 6.22 -9.02
CA PRO A 89 4.92 6.19 -10.48
C PRO A 89 4.75 4.78 -11.03
N PRO A 90 4.16 4.68 -12.23
CA PRO A 90 3.91 3.39 -12.89
C PRO A 90 5.21 2.72 -13.35
N ILE A 91 5.32 1.42 -13.10
CA ILE A 91 6.51 0.67 -13.49
C ILE A 91 6.51 0.38 -14.99
N ASP A 92 5.35 -0.01 -15.51
CA ASP A 92 5.22 -0.30 -16.94
C ASP A 92 4.71 0.91 -17.70
N GLU A 93 5.17 1.06 -18.93
CA GLU A 93 4.77 2.19 -19.77
C GLU A 93 3.51 1.85 -20.56
N LYS A 94 3.40 0.60 -21.00
CA LYS A 94 2.25 0.15 -21.77
C LYS A 94 1.07 -0.15 -20.85
N ASN A 95 1.35 -0.85 -19.75
CA ASN A 95 0.31 -1.19 -18.79
C ASN A 95 0.15 -0.10 -17.73
N ALA A 96 0.83 1.02 -17.94
CA ALA A 96 0.77 2.14 -17.01
C ALA A 96 -0.65 2.33 -16.48
N THR A 97 -1.58 2.65 -17.37
CA THR A 97 -2.97 2.85 -16.98
C THR A 97 -3.48 1.69 -16.14
N MET A 98 -3.23 0.47 -16.61
CA MET A 98 -3.67 -0.73 -15.91
C MET A 98 -2.85 -0.93 -14.63
N PRO A 99 -3.54 -1.28 -13.54
CA PRO A 99 -2.90 -1.52 -12.24
C PRO A 99 -2.06 -2.79 -12.23
N VAL A 100 -1.23 -2.93 -11.20
CA VAL A 100 -0.38 -4.10 -11.07
C VAL A 100 -0.55 -4.76 -9.70
N THR A 101 -0.20 -6.05 -9.63
CA THR A 101 -0.32 -6.79 -8.38
C THR A 101 0.76 -6.39 -7.40
N MET A 102 0.35 -6.03 -6.18
CA MET A 102 1.28 -5.61 -5.14
C MET A 102 1.09 -6.45 -3.88
N LEU A 103 2.20 -6.85 -3.26
CA LEU A 103 2.15 -7.66 -2.05
C LEU A 103 2.87 -6.95 -0.91
N ILE A 104 2.25 -6.96 0.27
CA ILE A 104 2.83 -6.33 1.45
C ILE A 104 3.13 -7.35 2.54
N ARG A 105 4.40 -7.51 2.87
CA ARG A 105 4.81 -8.45 3.91
C ARG A 105 5.10 -7.74 5.21
N VAL A 106 4.28 -8.00 6.22
CA VAL A 106 4.45 -7.38 7.53
C VAL A 106 5.31 -8.25 8.45
N LYS A 107 5.58 -7.75 9.65
CA LYS A 107 6.38 -8.48 10.62
C LYS A 107 5.52 -9.50 11.39
N THR A 108 4.37 -9.05 11.86
CA THR A 108 3.45 -9.91 12.60
C THR A 108 2.20 -10.19 11.81
N SER A 109 1.90 -11.47 11.61
CA SER A 109 0.71 -11.88 10.86
C SER A 109 -0.51 -11.09 11.31
N GLU A 110 -0.44 -10.54 12.51
CA GLU A 110 -1.55 -9.75 13.06
C GLU A 110 -1.71 -8.44 12.29
N ASP A 111 -0.60 -7.78 12.02
CA ASP A 111 -0.62 -6.51 11.29
C ASP A 111 -1.25 -6.68 9.92
N ALA A 112 -0.94 -7.79 9.26
CA ALA A 112 -1.48 -8.09 7.94
C ALA A 112 -3.00 -8.03 7.94
N ASP A 113 -3.62 -8.92 8.72
CA ASP A 113 -5.07 -8.98 8.81
C ASP A 113 -5.66 -7.58 8.99
N GLU A 114 -5.19 -6.87 10.01
CA GLU A 114 -5.68 -5.52 10.28
C GLU A 114 -5.56 -4.64 9.05
N LEU A 115 -4.39 -4.66 8.42
CA LEU A 115 -4.14 -3.86 7.22
C LEU A 115 -5.19 -4.14 6.16
N HIS A 116 -5.49 -5.42 5.94
CA HIS A 116 -6.48 -5.82 4.95
C HIS A 116 -7.88 -5.36 5.37
N LYS A 117 -8.22 -5.59 6.63
CA LYS A 117 -9.53 -5.21 7.17
C LYS A 117 -9.77 -3.72 6.96
N ILE A 118 -8.89 -2.90 7.52
CA ILE A 118 -9.01 -1.45 7.41
C ILE A 118 -9.34 -1.04 5.98
N LEU A 119 -8.50 -1.47 5.04
CA LEU A 119 -8.70 -1.15 3.63
C LEU A 119 -10.18 -1.32 3.23
N LEU A 120 -10.71 -2.51 3.47
CA LEU A 120 -12.10 -2.80 3.14
C LEU A 120 -13.03 -1.69 3.64
N GLU A 121 -12.82 -1.26 4.88
CA GLU A 121 -13.62 -0.20 5.47
C GLU A 121 -13.37 1.13 4.77
N LYS A 122 -12.10 1.42 4.53
CA LYS A 122 -11.72 2.66 3.85
C LYS A 122 -12.41 2.78 2.50
N LYS A 123 -12.37 1.70 1.73
CA LYS A 123 -12.99 1.67 0.41
C LYS A 123 -14.51 1.68 0.52
N ASP A 124 -15.02 1.21 1.65
CA ASP A 124 -16.45 1.15 1.89
C ASP A 124 -17.07 2.54 1.81
N ALA A 125 -16.51 3.48 2.57
CA ALA A 125 -17.00 4.85 2.58
C ALA A 125 -16.59 5.59 1.33
N GLU A 8 -6.28 17.03 19.07
CA GLU A 8 -5.17 17.49 18.24
C GLU A 8 -3.84 17.31 18.95
N VAL A 9 -3.73 16.24 19.73
CA VAL A 9 -2.51 15.95 20.46
C VAL A 9 -1.75 14.78 19.84
N LYS A 10 -2.09 14.46 18.60
CA LYS A 10 -1.45 13.36 17.89
C LYS A 10 -0.02 13.74 17.50
N GLU A 11 0.93 12.87 17.84
CA GLU A 11 2.33 13.12 17.51
C GLU A 11 2.62 12.75 16.06
N GLU A 12 1.59 12.34 15.34
CA GLU A 12 1.74 11.95 13.94
C GLU A 12 0.51 12.37 13.12
N ASP A 13 0.73 12.61 11.83
CA ASP A 13 -0.36 13.02 10.94
C ASP A 13 -1.17 11.81 10.49
N ALA A 14 -0.48 10.74 10.11
CA ALA A 14 -1.13 9.53 9.65
C ALA A 14 -1.66 8.70 10.83
N PHE A 15 -2.97 8.51 10.88
CA PHE A 15 -3.60 7.74 11.94
C PHE A 15 -3.03 6.33 12.01
N TYR A 16 -2.92 5.68 10.86
CA TYR A 16 -2.40 4.33 10.77
C TYR A 16 -0.96 4.33 10.28
N SER A 17 -0.08 3.69 11.04
CA SER A 17 1.34 3.62 10.68
C SER A 17 1.91 2.25 11.01
N LYS A 18 2.23 1.49 9.96
CA LYS A 18 2.80 0.16 10.14
C LYS A 18 3.86 -0.13 9.08
N LYS A 19 5.03 -0.56 9.53
CA LYS A 19 6.13 -0.88 8.62
C LYS A 19 5.82 -2.13 7.81
N CYS A 20 6.19 -2.12 6.53
CA CYS A 20 5.95 -3.25 5.66
C CYS A 20 6.77 -3.13 4.37
N LYS A 21 6.74 -4.18 3.56
CA LYS A 21 7.48 -4.18 2.30
C LYS A 21 6.53 -4.03 1.12
N LEU A 22 7.06 -3.58 -0.02
CA LEU A 22 6.26 -3.39 -1.21
C LEU A 22 6.81 -4.23 -2.37
N PHE A 23 5.91 -4.87 -3.11
CA PHE A 23 6.30 -5.70 -4.24
C PHE A 23 5.32 -5.53 -5.40
N TYR A 24 5.83 -5.70 -6.61
CA TYR A 24 5.01 -5.56 -7.81
C TYR A 24 5.27 -6.70 -8.79
N LYS A 25 4.31 -6.94 -9.68
CA LYS A 25 4.44 -8.01 -10.68
C LYS A 25 5.14 -7.49 -11.93
N LYS A 26 6.36 -7.97 -12.17
CA LYS A 26 7.13 -7.56 -13.34
C LYS A 26 7.89 -8.75 -13.92
N ASP A 27 7.66 -9.03 -15.20
CA ASP A 27 8.33 -10.13 -15.87
C ASP A 27 8.01 -11.47 -15.20
N ASN A 28 6.76 -11.62 -14.77
CA ASN A 28 6.32 -12.83 -14.11
C ASN A 28 7.15 -13.10 -12.86
N GLU A 29 7.36 -12.06 -12.06
CA GLU A 29 8.13 -12.18 -10.83
C GLU A 29 7.80 -11.05 -9.87
N PHE A 30 7.99 -11.31 -8.57
CA PHE A 30 7.72 -10.30 -7.56
C PHE A 30 9.00 -9.59 -7.12
N LYS A 31 9.15 -8.35 -7.56
CA LYS A 31 10.34 -7.56 -7.22
C LYS A 31 10.03 -6.58 -6.10
N GLU A 32 10.99 -6.38 -5.20
CA GLU A 32 10.82 -5.47 -4.09
C GLU A 32 11.01 -4.03 -4.53
N LYS A 33 9.93 -3.24 -4.46
CA LYS A 33 9.98 -1.84 -4.85
C LYS A 33 10.88 -1.03 -3.92
N GLY A 34 10.76 -1.29 -2.62
CA GLY A 34 11.57 -0.59 -1.64
C GLY A 34 10.97 -0.63 -0.25
N ILE A 35 11.76 -1.08 0.72
CA ILE A 35 11.30 -1.17 2.09
C ILE A 35 11.02 0.21 2.68
N GLY A 36 10.12 0.26 3.65
CA GLY A 36 9.77 1.52 4.27
C GLY A 36 8.61 1.40 5.24
N THR A 37 7.94 2.52 5.50
CA THR A 37 6.80 2.53 6.42
C THR A 37 5.56 3.12 5.75
N LEU A 38 4.43 2.45 5.95
CA LEU A 38 3.17 2.92 5.37
C LEU A 38 2.47 3.90 6.30
N HIS A 39 1.92 4.96 5.72
CA HIS A 39 1.22 5.98 6.50
C HIS A 39 -0.07 6.41 5.80
N LEU A 40 -1.20 6.08 6.42
CA LEU A 40 -2.50 6.43 5.86
C LEU A 40 -2.98 7.77 6.40
N LYS A 41 -3.20 8.72 5.49
CA LYS A 41 -3.67 10.05 5.87
C LYS A 41 -4.89 10.45 5.06
N PRO A 42 -5.89 11.05 5.73
CA PRO A 42 -7.12 11.50 5.09
C PRO A 42 -6.89 12.68 4.15
N THR A 43 -7.67 12.74 3.07
CA THR A 43 -7.55 13.83 2.11
C THR A 43 -8.77 14.74 2.16
N ALA A 44 -8.63 15.94 1.60
CA ALA A 44 -9.72 16.92 1.58
C ALA A 44 -11.05 16.22 1.29
N ASN A 45 -11.06 15.36 0.29
CA ASN A 45 -12.28 14.64 -0.09
C ASN A 45 -12.59 13.54 0.92
N GLN A 46 -13.70 12.84 0.70
CA GLN A 46 -14.12 11.76 1.60
C GLN A 46 -13.34 10.49 1.29
N LYS A 47 -12.32 10.60 0.46
CA LYS A 47 -11.49 9.46 0.10
C LYS A 47 -10.24 9.39 0.97
N THR A 48 -9.48 8.31 0.82
CA THR A 48 -8.26 8.12 1.60
C THR A 48 -7.03 8.16 0.70
N GLN A 49 -5.97 8.80 1.20
CA GLN A 49 -4.73 8.91 0.44
C GLN A 49 -3.63 8.05 1.05
N LEU A 50 -3.22 7.02 0.32
CA LEU A 50 -2.18 6.12 0.80
C LEU A 50 -0.79 6.66 0.47
N LEU A 51 0.12 6.57 1.43
CA LEU A 51 1.49 7.06 1.24
C LEU A 51 2.49 6.10 1.89
N VAL A 52 3.50 5.71 1.11
CA VAL A 52 4.53 4.81 1.61
C VAL A 52 5.91 5.46 1.54
N ARG A 53 6.48 5.74 2.71
CA ARG A 53 7.80 6.36 2.79
C ARG A 53 8.90 5.31 2.90
N ALA A 54 10.02 5.56 2.25
CA ALA A 54 11.14 4.63 2.28
C ALA A 54 11.70 4.49 3.69
N ASP A 55 12.21 3.30 4.00
CA ASP A 55 12.77 3.03 5.31
C ASP A 55 13.94 3.97 5.61
N THR A 56 14.80 4.16 4.63
CA THR A 56 15.96 5.04 4.78
C THR A 56 15.55 6.41 5.30
N ASN A 57 16.40 7.00 6.12
CA ASN A 57 16.14 8.32 6.69
C ASN A 57 15.60 9.27 5.62
N LEU A 58 16.17 9.19 4.43
CA LEU A 58 15.76 10.05 3.32
C LEU A 58 14.29 9.81 2.97
N GLY A 59 13.44 10.77 3.34
CA GLY A 59 12.02 10.64 3.05
C GLY A 59 11.71 10.84 1.58
N ASN A 60 11.24 9.78 0.92
CA ASN A 60 10.91 9.84 -0.50
C ASN A 60 9.57 9.16 -0.76
N ILE A 61 9.00 9.42 -1.94
CA ILE A 61 7.72 8.84 -2.32
C ILE A 61 7.92 7.54 -3.10
N LEU A 62 7.52 6.43 -2.50
CA LEU A 62 7.66 5.12 -3.15
C LEU A 62 6.41 4.78 -3.95
N LEU A 63 5.25 5.03 -3.37
CA LEU A 63 3.98 4.75 -4.04
C LEU A 63 2.86 5.59 -3.44
N ASN A 64 2.24 6.43 -4.27
CA ASN A 64 1.15 7.28 -3.81
C ASN A 64 -0.08 7.09 -4.69
N VAL A 65 -1.19 6.68 -4.07
CA VAL A 65 -2.44 6.46 -4.78
C VAL A 65 -3.65 6.66 -3.87
N LEU A 66 -4.82 6.82 -4.48
CA LEU A 66 -6.05 7.02 -3.72
C LEU A 66 -6.94 5.79 -3.80
N ILE A 67 -7.28 5.23 -2.65
CA ILE A 67 -8.13 4.05 -2.58
C ILE A 67 -9.49 4.32 -3.24
N PRO A 68 -9.74 3.64 -4.37
CA PRO A 68 -10.99 3.78 -5.12
C PRO A 68 -12.18 3.19 -4.37
N PRO A 69 -13.39 3.45 -4.88
CA PRO A 69 -14.63 2.95 -4.28
C PRO A 69 -14.79 1.45 -4.45
N ASN A 70 -14.18 0.90 -5.51
CA ASN A 70 -14.26 -0.52 -5.78
C ASN A 70 -12.87 -1.10 -6.02
N MET A 71 -12.38 -1.86 -5.05
CA MET A 71 -11.06 -2.48 -5.14
C MET A 71 -11.09 -3.91 -4.64
N PRO A 72 -10.52 -4.83 -5.44
CA PRO A 72 -10.49 -6.26 -5.09
C PRO A 72 -9.53 -6.54 -3.93
N CYS A 73 -9.90 -7.51 -3.10
CA CYS A 73 -9.08 -7.87 -1.95
C CYS A 73 -8.82 -9.37 -1.92
N THR A 74 -7.56 -9.76 -1.78
CA THR A 74 -7.18 -11.16 -1.73
C THR A 74 -6.09 -11.40 -0.69
N ARG A 75 -6.40 -12.25 0.28
CA ARG A 75 -5.45 -12.56 1.34
C ARG A 75 -4.71 -13.87 1.04
N THR A 76 -3.42 -13.77 0.75
CA THR A 76 -2.61 -14.94 0.44
C THR A 76 -1.64 -15.25 1.56
N GLY A 77 -1.04 -16.43 1.52
CA GLY A 77 -0.10 -16.84 2.55
C GLY A 77 -0.65 -16.62 3.95
N LYS A 78 0.26 -16.43 4.91
CA LYS A 78 -0.14 -16.23 6.29
C LYS A 78 -0.17 -14.75 6.64
N ASN A 79 0.91 -14.04 6.31
CA ASN A 79 1.00 -12.61 6.58
C ASN A 79 1.12 -11.82 5.29
N ASN A 80 0.75 -12.46 4.17
CA ASN A 80 0.81 -11.80 2.87
C ASN A 80 -0.53 -11.20 2.50
N VAL A 81 -0.50 -10.05 1.84
CA VAL A 81 -1.72 -9.37 1.41
C VAL A 81 -1.61 -8.88 -0.02
N LEU A 82 -2.53 -9.32 -0.87
CA LEU A 82 -2.54 -8.94 -2.27
C LEU A 82 -3.62 -7.89 -2.54
N ILE A 83 -3.28 -6.88 -3.31
CA ILE A 83 -4.22 -5.82 -3.66
C ILE A 83 -3.98 -5.29 -5.06
N VAL A 84 -5.06 -4.89 -5.73
CA VAL A 84 -4.97 -4.38 -7.09
C VAL A 84 -5.29 -2.88 -7.12
N CYS A 85 -4.30 -2.08 -7.51
CA CYS A 85 -4.47 -0.64 -7.59
C CYS A 85 -3.53 -0.03 -8.63
N VAL A 86 -3.92 1.12 -9.17
CA VAL A 86 -3.12 1.80 -10.18
C VAL A 86 -1.96 2.56 -9.52
N PRO A 87 -0.73 2.09 -9.77
CA PRO A 87 0.48 2.71 -9.22
C PRO A 87 0.78 4.06 -9.84
N ASN A 88 1.11 5.04 -9.01
CA ASN A 88 1.41 6.38 -9.48
C ASN A 88 2.79 6.83 -8.99
N PRO A 89 3.71 7.03 -9.93
CA PRO A 89 3.46 6.82 -11.35
C PRO A 89 3.28 5.35 -11.71
N PRO A 90 2.83 5.07 -12.94
CA PRO A 90 2.61 3.71 -13.43
C PRO A 90 3.91 2.94 -13.62
N ILE A 91 4.10 1.90 -12.81
CA ILE A 91 5.31 1.09 -12.90
C ILE A 91 5.61 0.68 -14.35
N ASP A 92 4.55 0.42 -15.11
CA ASP A 92 4.69 0.03 -16.50
C ASP A 92 3.70 0.79 -17.38
N GLU A 93 4.13 1.10 -18.61
CA GLU A 93 3.27 1.84 -19.54
C GLU A 93 2.35 0.88 -20.30
N LYS A 94 2.76 -0.38 -20.38
CA LYS A 94 1.97 -1.39 -21.07
C LYS A 94 0.65 -1.63 -20.36
N ASN A 95 0.71 -1.81 -19.04
CA ASN A 95 -0.48 -2.04 -18.24
C ASN A 95 -0.85 -0.80 -17.43
N ALA A 96 -0.30 0.35 -17.83
CA ALA A 96 -0.57 1.60 -17.15
C ALA A 96 -2.07 1.80 -16.93
N THR A 97 -2.80 1.98 -18.02
CA THR A 97 -4.24 2.19 -17.95
C THR A 97 -4.86 1.33 -16.85
N MET A 98 -4.50 0.05 -16.84
CA MET A 98 -5.03 -0.88 -15.84
C MET A 98 -4.18 -0.84 -14.57
N PRO A 99 -4.76 -1.34 -13.47
CA PRO A 99 -4.07 -1.37 -12.17
C PRO A 99 -2.94 -2.39 -12.14
N VAL A 100 -2.07 -2.28 -11.14
CA VAL A 100 -0.95 -3.18 -11.00
C VAL A 100 -1.13 -4.11 -9.80
N THR A 101 -0.54 -5.29 -9.88
CA THR A 101 -0.64 -6.27 -8.79
C THR A 101 0.49 -6.09 -7.79
N MET A 102 0.15 -5.63 -6.60
CA MET A 102 1.14 -5.41 -5.55
C MET A 102 0.88 -6.32 -4.35
N LEU A 103 1.93 -6.68 -3.64
CA LEU A 103 1.82 -7.55 -2.47
C LEU A 103 2.50 -6.93 -1.26
N ILE A 104 1.81 -6.93 -0.13
CA ILE A 104 2.36 -6.38 1.10
C ILE A 104 2.87 -7.47 2.03
N ARG A 105 3.96 -7.19 2.73
CA ARG A 105 4.55 -8.15 3.65
C ARG A 105 4.85 -7.50 5.00
N VAL A 106 4.19 -7.99 6.04
CA VAL A 106 4.39 -7.46 7.38
C VAL A 106 5.26 -8.40 8.23
N LYS A 107 5.54 -7.99 9.45
CA LYS A 107 6.36 -8.79 10.36
C LYS A 107 5.58 -10.02 10.84
N THR A 108 4.51 -9.79 11.58
CA THR A 108 3.69 -10.88 12.10
C THR A 108 2.30 -10.85 11.48
N SER A 109 1.74 -12.04 11.25
CA SER A 109 0.41 -12.16 10.66
C SER A 109 -0.56 -11.18 11.31
N GLU A 110 -0.63 -11.22 12.64
CA GLU A 110 -1.52 -10.34 13.38
C GLU A 110 -1.51 -8.93 12.79
N ASP A 111 -0.37 -8.53 12.26
CA ASP A 111 -0.24 -7.20 11.66
C ASP A 111 -1.00 -7.12 10.34
N ALA A 112 -0.87 -8.16 9.52
CA ALA A 112 -1.55 -8.20 8.23
C ALA A 112 -3.05 -8.07 8.40
N ASP A 113 -3.62 -8.89 9.28
CA ASP A 113 -5.06 -8.87 9.53
C ASP A 113 -5.54 -7.44 9.73
N GLU A 114 -5.01 -6.77 10.75
CA GLU A 114 -5.39 -5.40 11.06
C GLU A 114 -5.29 -4.53 9.81
N LEU A 115 -4.22 -4.69 9.06
CA LEU A 115 -4.00 -3.91 7.84
C LEU A 115 -5.14 -4.12 6.85
N HIS A 116 -5.24 -5.34 6.32
CA HIS A 116 -6.28 -5.67 5.36
C HIS A 116 -7.59 -4.97 5.72
N LYS A 117 -8.09 -5.23 6.92
CA LYS A 117 -9.33 -4.63 7.39
C LYS A 117 -9.45 -3.19 6.90
N ILE A 118 -8.57 -2.32 7.40
CA ILE A 118 -8.57 -0.91 7.01
C ILE A 118 -8.92 -0.75 5.53
N LEU A 119 -8.10 -1.35 4.67
CA LEU A 119 -8.32 -1.27 3.23
C LEU A 119 -9.78 -1.49 2.89
N LEU A 120 -10.42 -2.40 3.61
CA LEU A 120 -11.83 -2.72 3.38
C LEU A 120 -12.72 -1.63 3.98
N GLU A 121 -12.36 -1.16 5.17
CA GLU A 121 -13.13 -0.13 5.85
C GLU A 121 -13.03 1.21 5.10
N LYS A 122 -11.95 1.36 4.33
CA LYS A 122 -11.72 2.59 3.58
C LYS A 122 -12.26 2.45 2.15
N LYS A 123 -11.96 1.32 1.51
CA LYS A 123 -12.42 1.07 0.16
C LYS A 123 -13.94 1.09 0.08
N ASP A 124 -14.58 0.74 1.19
CA ASP A 124 -16.04 0.72 1.25
C ASP A 124 -16.61 2.13 1.11
N ALA A 125 -16.08 3.06 1.88
CA ALA A 125 -16.54 4.45 1.84
C ALA A 125 -15.89 5.20 0.68
N GLU A 8 -5.12 12.40 24.45
CA GLU A 8 -4.51 13.58 23.85
C GLU A 8 -4.27 13.38 22.36
N VAL A 9 -4.30 14.47 21.60
CA VAL A 9 -4.08 14.41 20.16
C VAL A 9 -2.69 13.88 19.84
N LYS A 10 -2.64 12.82 19.05
CA LYS A 10 -1.36 12.22 18.66
C LYS A 10 -0.44 13.25 18.03
N GLU A 11 0.82 12.87 17.82
CA GLU A 11 1.80 13.77 17.23
C GLU A 11 2.16 13.31 15.82
N GLU A 12 1.36 12.41 15.27
CA GLU A 12 1.60 11.90 13.93
C GLU A 12 0.45 12.27 12.99
N ASP A 13 0.80 12.68 11.77
CA ASP A 13 -0.20 13.07 10.78
C ASP A 13 -1.00 11.87 10.32
N ALA A 14 -0.30 10.81 9.91
CA ALA A 14 -0.95 9.60 9.44
C ALA A 14 -1.50 8.78 10.61
N PHE A 15 -2.82 8.66 10.67
CA PHE A 15 -3.46 7.90 11.74
C PHE A 15 -2.93 6.47 11.80
N TYR A 16 -2.90 5.82 10.64
CA TYR A 16 -2.42 4.44 10.56
C TYR A 16 -0.97 4.40 10.08
N SER A 17 -0.10 3.87 10.93
CA SER A 17 1.33 3.77 10.59
C SER A 17 1.86 2.38 10.92
N LYS A 18 2.16 1.61 9.87
CA LYS A 18 2.67 0.26 10.05
C LYS A 18 3.78 -0.03 9.03
N LYS A 19 4.85 -0.66 9.49
CA LYS A 19 5.98 -1.00 8.62
C LYS A 19 5.64 -2.18 7.73
N CYS A 20 6.05 -2.10 6.47
CA CYS A 20 5.79 -3.17 5.50
C CYS A 20 6.68 -3.03 4.29
N LYS A 21 6.74 -4.09 3.47
CA LYS A 21 7.56 -4.09 2.27
C LYS A 21 6.70 -4.16 1.03
N LEU A 22 7.04 -3.35 0.03
CA LEU A 22 6.30 -3.31 -1.22
C LEU A 22 6.87 -4.30 -2.23
N PHE A 23 6.00 -4.88 -3.05
CA PHE A 23 6.43 -5.84 -4.06
C PHE A 23 5.48 -5.84 -5.25
N TYR A 24 6.04 -5.68 -6.45
CA TYR A 24 5.23 -5.65 -7.67
C TYR A 24 5.42 -6.93 -8.47
N LYS A 25 4.47 -7.21 -9.36
CA LYS A 25 4.53 -8.40 -10.19
C LYS A 25 5.21 -8.11 -11.52
N LYS A 26 6.37 -8.72 -11.75
CA LYS A 26 7.12 -8.53 -12.99
C LYS A 26 7.63 -9.86 -13.53
N ASP A 27 7.23 -10.18 -14.76
CA ASP A 27 7.64 -11.42 -15.39
C ASP A 27 7.22 -12.62 -14.57
N ASN A 28 6.00 -12.57 -14.02
CA ASN A 28 5.49 -13.65 -13.20
C ASN A 28 6.36 -13.88 -11.97
N GLU A 29 6.80 -12.78 -11.35
CA GLU A 29 7.64 -12.86 -10.16
C GLU A 29 7.46 -11.62 -9.29
N PHE A 30 7.87 -11.73 -8.03
CA PHE A 30 7.75 -10.63 -7.09
C PHE A 30 9.09 -9.93 -6.91
N LYS A 31 9.17 -8.69 -7.38
CA LYS A 31 10.40 -7.91 -7.27
C LYS A 31 10.26 -6.84 -6.19
N GLU A 32 11.30 -6.72 -5.36
CA GLU A 32 11.29 -5.73 -4.28
C GLU A 32 11.23 -4.32 -4.83
N LYS A 33 10.32 -3.52 -4.31
CA LYS A 33 10.16 -2.13 -4.75
C LYS A 33 10.94 -1.18 -3.86
N GLY A 34 10.86 -1.40 -2.55
CA GLY A 34 11.58 -0.56 -1.62
C GLY A 34 11.04 -0.69 -0.20
N ILE A 35 11.92 -1.07 0.73
CA ILE A 35 11.54 -1.24 2.12
C ILE A 35 11.24 0.11 2.78
N GLY A 36 10.13 0.18 3.51
CA GLY A 36 9.77 1.41 4.17
C GLY A 36 8.56 1.24 5.07
N THR A 37 7.80 2.32 5.27
CA THR A 37 6.63 2.29 6.11
C THR A 37 5.42 2.91 5.41
N LEU A 38 4.23 2.42 5.74
CA LEU A 38 3.00 2.93 5.13
C LEU A 38 2.35 3.98 6.03
N HIS A 39 1.78 5.00 5.41
CA HIS A 39 1.11 6.06 6.16
C HIS A 39 -0.14 6.55 5.42
N LEU A 40 -1.26 6.55 6.12
CA LEU A 40 -2.52 6.99 5.54
C LEU A 40 -2.89 8.40 6.02
N LYS A 41 -3.19 9.28 5.07
CA LYS A 41 -3.56 10.65 5.40
C LYS A 41 -4.94 10.98 4.85
N PRO A 42 -5.76 11.65 5.69
CA PRO A 42 -7.12 12.04 5.31
C PRO A 42 -7.14 13.15 4.26
N THR A 43 -7.90 12.94 3.20
CA THR A 43 -8.01 13.91 2.12
C THR A 43 -9.18 14.87 2.35
N ALA A 44 -9.06 16.07 1.81
CA ALA A 44 -10.10 17.08 1.96
C ALA A 44 -11.49 16.45 1.82
N ASN A 45 -11.59 15.43 0.99
CA ASN A 45 -12.86 14.75 0.77
C ASN A 45 -12.99 13.53 1.68
N GLN A 46 -14.11 12.83 1.55
CA GLN A 46 -14.36 11.64 2.36
C GLN A 46 -13.49 10.47 1.91
N LYS A 47 -12.59 10.74 0.97
CA LYS A 47 -11.69 9.72 0.45
C LYS A 47 -10.48 9.53 1.37
N THR A 48 -9.66 8.53 1.07
CA THR A 48 -8.48 8.25 1.85
C THR A 48 -7.25 8.06 0.96
N GLN A 49 -6.23 8.89 1.19
CA GLN A 49 -5.00 8.83 0.41
C GLN A 49 -3.99 7.89 1.07
N LEU A 50 -3.11 7.32 0.25
CA LEU A 50 -2.09 6.40 0.75
C LEU A 50 -0.70 6.90 0.41
N LEU A 51 0.24 6.73 1.34
CA LEU A 51 1.61 7.16 1.14
C LEU A 51 2.60 6.17 1.76
N VAL A 52 3.73 5.97 1.09
CA VAL A 52 4.75 5.05 1.58
C VAL A 52 6.11 5.73 1.65
N ARG A 53 6.72 5.73 2.84
CA ARG A 53 8.02 6.35 3.04
C ARG A 53 9.13 5.30 2.97
N ALA A 54 10.13 5.57 2.13
CA ALA A 54 11.25 4.64 1.98
C ALA A 54 12.02 4.50 3.29
N ASP A 55 13.05 3.65 3.27
CA ASP A 55 13.86 3.42 4.45
C ASP A 55 15.01 4.42 4.52
N THR A 56 14.89 5.51 3.78
CA THR A 56 15.92 6.54 3.75
C THR A 56 15.58 7.68 4.69
N ASN A 57 16.59 8.32 5.25
CA ASN A 57 16.40 9.44 6.16
C ASN A 57 15.83 10.65 5.44
N LEU A 58 16.44 11.00 4.32
CA LEU A 58 16.00 12.14 3.52
C LEU A 58 14.50 12.07 3.27
N GLY A 59 14.01 10.90 2.86
CA GLY A 59 12.59 10.72 2.59
C GLY A 59 12.28 10.70 1.11
N ASN A 60 11.74 9.58 0.64
CA ASN A 60 11.39 9.44 -0.77
C ASN A 60 10.07 8.69 -0.93
N ILE A 61 9.17 9.27 -1.71
CA ILE A 61 7.86 8.66 -1.95
C ILE A 61 7.99 7.40 -2.79
N LEU A 62 7.53 6.27 -2.24
CA LEU A 62 7.59 5.00 -2.93
C LEU A 62 6.30 4.74 -3.71
N LEU A 63 5.17 4.88 -3.03
CA LEU A 63 3.87 4.66 -3.65
C LEU A 63 2.82 5.59 -3.06
N ASN A 64 2.16 6.34 -3.92
CA ASN A 64 1.12 7.28 -3.48
C ASN A 64 -0.13 7.16 -4.35
N VAL A 65 -1.15 6.49 -3.83
CA VAL A 65 -2.40 6.29 -4.55
C VAL A 65 -3.60 6.46 -3.63
N LEU A 66 -4.71 6.90 -4.18
CA LEU A 66 -5.94 7.10 -3.41
C LEU A 66 -6.85 5.88 -3.51
N ILE A 67 -7.37 5.44 -2.38
CA ILE A 67 -8.27 4.29 -2.35
C ILE A 67 -9.53 4.55 -3.16
N PRO A 68 -9.66 3.85 -4.29
CA PRO A 68 -10.82 3.98 -5.17
C PRO A 68 -12.10 3.42 -4.56
N PRO A 69 -13.24 3.68 -5.21
CA PRO A 69 -14.55 3.21 -4.74
C PRO A 69 -14.70 1.70 -4.89
N ASN A 70 -13.78 1.08 -5.62
CA ASN A 70 -13.81 -0.36 -5.84
C ASN A 70 -12.40 -0.93 -5.94
N MET A 71 -12.10 -1.89 -5.07
CA MET A 71 -10.78 -2.52 -5.06
C MET A 71 -10.86 -3.95 -4.53
N PRO A 72 -10.47 -4.92 -5.38
CA PRO A 72 -10.49 -6.33 -5.01
C PRO A 72 -9.44 -6.68 -3.96
N CYS A 73 -9.85 -7.43 -2.95
CA CYS A 73 -8.95 -7.83 -1.88
C CYS A 73 -8.69 -9.33 -1.92
N THR A 74 -7.42 -9.72 -1.78
CA THR A 74 -7.05 -11.12 -1.81
C THR A 74 -5.96 -11.42 -0.77
N ARG A 75 -6.24 -12.35 0.12
CA ARG A 75 -5.30 -12.73 1.16
C ARG A 75 -4.42 -13.90 0.70
N THR A 76 -3.11 -13.75 0.87
CA THR A 76 -2.17 -14.79 0.48
C THR A 76 -1.04 -14.93 1.50
N GLY A 77 -0.39 -16.09 1.49
CA GLY A 77 0.70 -16.33 2.42
C GLY A 77 0.27 -16.19 3.87
N LYS A 78 1.23 -16.10 4.77
CA LYS A 78 0.94 -15.98 6.20
C LYS A 78 0.69 -14.51 6.56
N ASN A 79 1.65 -13.65 6.25
CA ASN A 79 1.52 -12.23 6.55
C ASN A 79 1.54 -11.40 5.27
N ASN A 80 1.29 -12.07 4.14
CA ASN A 80 1.28 -11.39 2.84
C ASN A 80 -0.13 -10.94 2.48
N VAL A 81 -0.23 -9.90 1.66
CA VAL A 81 -1.52 -9.37 1.23
C VAL A 81 -1.47 -8.93 -0.23
N LEU A 82 -2.39 -9.48 -1.03
CA LEU A 82 -2.45 -9.14 -2.44
C LEU A 82 -3.56 -8.13 -2.72
N ILE A 83 -3.20 -7.01 -3.33
CA ILE A 83 -4.17 -5.96 -3.65
C ILE A 83 -3.93 -5.40 -5.05
N VAL A 84 -5.01 -5.14 -5.76
CA VAL A 84 -4.93 -4.60 -7.11
C VAL A 84 -5.14 -3.08 -7.12
N CYS A 85 -4.10 -2.35 -7.52
CA CYS A 85 -4.16 -0.89 -7.56
C CYS A 85 -3.17 -0.34 -8.57
N VAL A 86 -3.42 0.88 -9.04
CA VAL A 86 -2.54 1.52 -10.00
C VAL A 86 -1.28 2.07 -9.34
N PRO A 87 -0.12 1.58 -9.79
CA PRO A 87 1.18 2.00 -9.26
C PRO A 87 1.52 3.45 -9.62
N ASN A 88 2.09 4.16 -8.66
CA ASN A 88 2.47 5.56 -8.88
C ASN A 88 3.76 5.89 -8.14
N PRO A 89 4.82 6.18 -8.91
CA PRO A 89 4.77 6.17 -10.38
C PRO A 89 4.60 4.76 -10.94
N PRO A 90 4.33 4.68 -12.25
CA PRO A 90 4.15 3.40 -12.95
C PRO A 90 5.46 2.62 -13.07
N ILE A 91 5.35 1.30 -12.98
CA ILE A 91 6.53 0.44 -13.08
C ILE A 91 6.82 0.08 -14.53
N ASP A 92 5.77 -0.25 -15.28
CA ASP A 92 5.92 -0.62 -16.69
C ASP A 92 5.29 0.44 -17.58
N GLU A 93 5.67 0.44 -18.86
CA GLU A 93 5.15 1.40 -19.81
C GLU A 93 4.10 0.75 -20.72
N LYS A 94 4.35 -0.50 -21.08
CA LYS A 94 3.42 -1.24 -21.94
C LYS A 94 1.97 -0.90 -21.61
N ASN A 95 1.66 -0.85 -20.32
CA ASN A 95 0.32 -0.53 -19.86
C ASN A 95 0.34 0.08 -18.46
N ALA A 96 0.19 1.39 -18.38
CA ALA A 96 0.19 2.08 -17.10
C ALA A 96 -1.23 2.27 -16.57
N THR A 97 -2.10 2.82 -17.41
CA THR A 97 -3.49 3.05 -17.03
C THR A 97 -4.04 1.87 -16.22
N MET A 98 -3.68 0.66 -16.64
CA MET A 98 -4.14 -0.54 -15.95
C MET A 98 -3.30 -0.80 -14.70
N PRO A 99 -3.97 -1.25 -13.62
CA PRO A 99 -3.31 -1.54 -12.34
C PRO A 99 -2.43 -2.78 -12.42
N VAL A 100 -1.67 -3.03 -11.36
CA VAL A 100 -0.79 -4.19 -11.31
C VAL A 100 -0.87 -4.89 -9.96
N THR A 101 -0.53 -6.18 -9.94
CA THR A 101 -0.58 -6.95 -8.71
C THR A 101 0.51 -6.51 -7.73
N MET A 102 0.14 -6.37 -6.47
CA MET A 102 1.08 -5.96 -5.44
C MET A 102 1.07 -6.92 -4.26
N LEU A 103 2.21 -7.06 -3.60
CA LEU A 103 2.33 -7.96 -2.45
C LEU A 103 2.98 -7.24 -1.28
N ILE A 104 2.25 -7.14 -0.17
CA ILE A 104 2.77 -6.49 1.03
C ILE A 104 3.18 -7.52 2.08
N ARG A 105 4.45 -7.48 2.47
CA ARG A 105 4.98 -8.40 3.46
C ARG A 105 5.29 -7.68 4.76
N VAL A 106 4.47 -7.91 5.79
CA VAL A 106 4.67 -7.28 7.08
C VAL A 106 5.57 -8.12 7.97
N LYS A 107 5.94 -7.57 9.12
CA LYS A 107 6.80 -8.27 10.07
C LYS A 107 6.06 -9.43 10.72
N THR A 108 4.80 -9.20 11.06
CA THR A 108 3.98 -10.23 11.69
C THR A 108 2.61 -10.34 11.02
N SER A 109 2.15 -11.57 10.85
CA SER A 109 0.86 -11.81 10.21
C SER A 109 -0.24 -10.95 10.84
N GLU A 110 -0.32 -11.00 12.17
CA GLU A 110 -1.32 -10.22 12.90
C GLU A 110 -1.43 -8.81 12.34
N ASP A 111 -0.28 -8.23 11.98
CA ASP A 111 -0.25 -6.88 11.44
C ASP A 111 -0.95 -6.83 10.09
N ALA A 112 -0.72 -7.85 9.26
CA ALA A 112 -1.33 -7.91 7.94
C ALA A 112 -2.85 -7.97 8.04
N ASP A 113 -3.34 -8.81 8.94
CA ASP A 113 -4.79 -8.96 9.13
C ASP A 113 -5.45 -7.60 9.30
N GLU A 114 -4.89 -6.78 10.19
CA GLU A 114 -5.44 -5.45 10.44
C GLU A 114 -5.39 -4.59 9.18
N LEU A 115 -4.22 -4.56 8.54
CA LEU A 115 -4.03 -3.77 7.33
C LEU A 115 -5.09 -4.12 6.29
N HIS A 116 -5.36 -5.42 6.13
CA HIS A 116 -6.34 -5.88 5.17
C HIS A 116 -7.74 -5.40 5.55
N LYS A 117 -8.07 -5.50 6.83
CA LYS A 117 -9.37 -5.07 7.33
C LYS A 117 -9.60 -3.59 7.05
N ILE A 118 -8.64 -2.76 7.43
CA ILE A 118 -8.74 -1.33 7.22
C ILE A 118 -9.02 -1.00 5.76
N LEU A 119 -8.14 -1.46 4.88
CA LEU A 119 -8.30 -1.22 3.45
C LEU A 119 -9.76 -1.37 3.02
N LEU A 120 -10.44 -2.34 3.62
CA LEU A 120 -11.85 -2.59 3.31
C LEU A 120 -12.74 -1.52 3.93
N GLU A 121 -12.45 -1.18 5.20
CA GLU A 121 -13.23 -0.18 5.91
C GLU A 121 -13.16 1.17 5.19
N LYS A 122 -11.95 1.59 4.85
CA LYS A 122 -11.75 2.86 4.16
C LYS A 122 -12.11 2.73 2.67
N LYS A 123 -12.70 1.60 2.30
CA LYS A 123 -13.09 1.36 0.92
C LYS A 123 -14.53 0.89 0.84
N ASP A 124 -15.43 1.80 0.46
CA ASP A 124 -16.85 1.47 0.34
C ASP A 124 -17.43 1.06 1.69
N ALA A 125 -17.05 1.79 2.75
CA ALA A 125 -17.54 1.50 4.08
C ALA A 125 -19.02 1.17 4.07
N GLU A 8 -1.24 5.93 24.28
CA GLU A 8 -0.51 6.48 23.16
C GLU A 8 -1.33 7.54 22.43
N VAL A 9 -0.65 8.44 21.73
CA VAL A 9 -1.32 9.50 20.99
C VAL A 9 -0.52 9.89 19.74
N LYS A 10 -1.24 10.15 18.65
CA LYS A 10 -0.61 10.52 17.39
C LYS A 10 -1.45 11.54 16.65
N GLU A 11 -0.91 12.76 16.49
CA GLU A 11 -1.62 13.83 15.80
C GLU A 11 -1.15 13.93 14.35
N GLU A 12 -0.17 13.10 13.98
CA GLU A 12 0.37 13.11 12.63
C GLU A 12 -0.74 12.94 11.60
N ASP A 13 -0.60 13.60 10.46
CA ASP A 13 -1.59 13.52 9.39
C ASP A 13 -2.07 12.08 9.21
N ALA A 14 -1.12 11.16 9.12
CA ALA A 14 -1.45 9.74 8.95
C ALA A 14 -1.72 9.07 10.28
N PHE A 15 -2.75 8.24 10.33
CA PHE A 15 -3.12 7.53 11.56
C PHE A 15 -2.48 6.15 11.59
N TYR A 16 -2.59 5.42 10.49
CA TYR A 16 -2.03 4.08 10.40
C TYR A 16 -0.57 4.13 9.96
N SER A 17 0.31 3.58 10.78
CA SER A 17 1.74 3.57 10.48
C SER A 17 2.38 2.26 10.93
N LYS A 18 2.88 1.49 9.96
CA LYS A 18 3.51 0.21 10.26
C LYS A 18 4.54 -0.14 9.19
N LYS A 19 5.74 -0.49 9.63
CA LYS A 19 6.82 -0.85 8.70
C LYS A 19 6.45 -2.08 7.89
N CYS A 20 6.85 -2.09 6.62
CA CYS A 20 6.54 -3.21 5.74
C CYS A 20 7.41 -3.16 4.49
N LYS A 21 7.27 -4.17 3.63
CA LYS A 21 8.03 -4.24 2.39
C LYS A 21 7.12 -4.06 1.17
N LEU A 22 7.73 -3.70 0.05
CA LEU A 22 6.97 -3.49 -1.19
C LEU A 22 7.43 -4.47 -2.27
N PHE A 23 6.46 -4.99 -3.03
CA PHE A 23 6.77 -5.94 -4.10
C PHE A 23 5.76 -5.81 -5.23
N TYR A 24 6.24 -6.02 -6.47
CA TYR A 24 5.37 -5.92 -7.64
C TYR A 24 5.51 -7.17 -8.51
N LYS A 25 4.46 -7.47 -9.26
CA LYS A 25 4.46 -8.63 -10.15
C LYS A 25 5.09 -8.29 -11.49
N LYS A 26 6.30 -8.79 -11.72
CA LYS A 26 7.02 -8.53 -12.97
C LYS A 26 7.78 -9.78 -13.41
N ASP A 27 7.72 -10.07 -14.71
CA ASP A 27 8.42 -11.22 -15.27
C ASP A 27 8.00 -12.50 -14.55
N ASN A 28 6.73 -12.58 -14.17
CA ASN A 28 6.21 -13.75 -13.48
C ASN A 28 6.99 -14.02 -12.19
N GLU A 29 7.43 -12.94 -11.55
CA GLU A 29 8.20 -13.07 -10.31
C GLU A 29 8.05 -11.81 -9.45
N PHE A 30 7.99 -12.02 -8.13
CA PHE A 30 7.84 -10.90 -7.20
C PHE A 30 9.19 -10.26 -6.90
N LYS A 31 9.37 -9.03 -7.35
CA LYS A 31 10.62 -8.31 -7.13
C LYS A 31 10.45 -7.24 -6.05
N GLU A 32 11.56 -6.72 -5.54
CA GLU A 32 11.53 -5.70 -4.51
C GLU A 32 11.67 -4.31 -5.12
N LYS A 33 10.71 -3.44 -4.84
CA LYS A 33 10.74 -2.07 -5.36
C LYS A 33 11.50 -1.14 -4.42
N GLY A 34 11.24 -1.27 -3.12
CA GLY A 34 11.92 -0.44 -2.15
C GLY A 34 11.37 -0.62 -0.75
N ILE A 35 12.27 -0.68 0.23
CA ILE A 35 11.87 -0.86 1.62
C ILE A 35 11.43 0.45 2.24
N GLY A 36 10.52 0.37 3.21
CA GLY A 36 10.03 1.57 3.87
C GLY A 36 8.86 1.29 4.79
N THR A 37 8.05 2.30 5.05
CA THR A 37 6.89 2.16 5.93
C THR A 37 5.63 2.71 5.28
N LEU A 38 4.50 2.09 5.58
CA LEU A 38 3.22 2.53 5.02
C LEU A 38 2.52 3.51 5.95
N HIS A 39 1.93 4.54 5.37
CA HIS A 39 1.22 5.55 6.15
C HIS A 39 -0.05 6.01 5.44
N LEU A 40 -1.18 5.91 6.13
CA LEU A 40 -2.46 6.31 5.55
C LEU A 40 -2.95 7.60 6.18
N LYS A 41 -3.30 8.57 5.34
CA LYS A 41 -3.80 9.86 5.82
C LYS A 41 -5.10 10.22 5.13
N PRO A 42 -6.09 10.67 5.92
CA PRO A 42 -7.40 11.07 5.41
C PRO A 42 -7.35 12.35 4.60
N THR A 43 -7.93 12.32 3.40
CA THR A 43 -7.95 13.47 2.53
C THR A 43 -9.04 14.46 2.94
N ALA A 44 -8.88 15.72 2.54
CA ALA A 44 -9.84 16.76 2.86
C ALA A 44 -11.27 16.25 2.73
N ASN A 45 -11.46 15.25 1.86
CA ASN A 45 -12.78 14.67 1.64
C ASN A 45 -12.90 13.33 2.35
N GLN A 46 -14.06 12.70 2.20
CA GLN A 46 -14.31 11.40 2.83
C GLN A 46 -13.48 10.30 2.18
N LYS A 47 -12.66 10.69 1.21
CA LYS A 47 -11.80 9.75 0.51
C LYS A 47 -10.57 9.38 1.35
N THR A 48 -9.79 8.43 0.86
CA THR A 48 -8.60 7.98 1.56
C THR A 48 -7.39 7.94 0.63
N GLN A 49 -6.27 8.47 1.10
CA GLN A 49 -5.04 8.50 0.31
C GLN A 49 -3.96 7.63 0.94
N LEU A 50 -3.18 6.96 0.10
CA LEU A 50 -2.11 6.10 0.59
C LEU A 50 -0.75 6.77 0.43
N LEU A 51 0.15 6.51 1.37
CA LEU A 51 1.49 7.08 1.33
C LEU A 51 2.52 6.10 1.86
N VAL A 52 3.72 6.16 1.31
CA VAL A 52 4.81 5.28 1.73
C VAL A 52 6.13 6.03 1.82
N ARG A 53 6.80 5.89 2.96
CA ARG A 53 8.09 6.56 3.18
C ARG A 53 9.25 5.59 2.97
N ALA A 54 10.36 6.11 2.47
CA ALA A 54 11.55 5.29 2.22
C ALA A 54 11.98 4.57 3.49
N ASP A 55 12.89 3.61 3.34
CA ASP A 55 13.39 2.84 4.48
C ASP A 55 14.77 3.33 4.90
N THR A 56 15.55 3.80 3.93
CA THR A 56 16.88 4.30 4.19
C THR A 56 16.84 5.73 4.73
N ASN A 57 15.66 6.16 5.17
CA ASN A 57 15.49 7.51 5.69
C ASN A 57 15.79 8.55 4.62
N LEU A 58 15.22 8.37 3.44
CA LEU A 58 15.42 9.29 2.34
C LEU A 58 14.13 10.04 2.01
N GLY A 59 14.27 11.33 1.71
CA GLY A 59 13.10 12.13 1.39
C GLY A 59 12.55 11.84 0.01
N ASN A 60 11.78 10.76 -0.10
CA ASN A 60 11.19 10.36 -1.37
C ASN A 60 9.93 9.53 -1.16
N ILE A 61 9.00 9.60 -2.10
CA ILE A 61 7.76 8.84 -2.02
C ILE A 61 7.84 7.56 -2.84
N LEU A 62 7.72 6.43 -2.16
CA LEU A 62 7.77 5.13 -2.83
C LEU A 62 6.46 4.84 -3.57
N LEU A 63 5.35 5.00 -2.85
CA LEU A 63 4.03 4.77 -3.44
C LEU A 63 2.98 5.64 -2.78
N ASN A 64 2.41 6.57 -3.56
CA ASN A 64 1.39 7.48 -3.06
C ASN A 64 0.26 7.63 -4.07
N VAL A 65 -0.87 6.98 -3.78
CA VAL A 65 -2.03 7.05 -4.66
C VAL A 65 -3.33 7.00 -3.86
N LEU A 66 -4.45 7.11 -4.57
CA LEU A 66 -5.76 7.07 -3.93
C LEU A 66 -6.47 5.75 -4.23
N ILE A 67 -7.28 5.29 -3.27
CA ILE A 67 -8.03 4.06 -3.44
C ILE A 67 -8.96 4.12 -4.63
N PRO A 68 -8.78 3.19 -5.59
CA PRO A 68 -9.60 3.14 -6.80
C PRO A 68 -11.03 2.70 -6.51
N PRO A 69 -11.91 2.80 -7.53
CA PRO A 69 -13.31 2.41 -7.40
C PRO A 69 -13.49 0.90 -7.28
N ASN A 70 -13.85 0.45 -6.07
CA ASN A 70 -14.05 -0.97 -5.82
C ASN A 70 -12.74 -1.74 -5.93
N MET A 71 -11.70 -1.22 -5.29
CA MET A 71 -10.39 -1.85 -5.31
C MET A 71 -10.49 -3.32 -4.89
N PRO A 72 -10.03 -4.22 -5.77
CA PRO A 72 -10.06 -5.66 -5.51
C PRO A 72 -9.06 -6.07 -4.43
N CYS A 73 -9.55 -6.79 -3.42
CA CYS A 73 -8.70 -7.24 -2.32
C CYS A 73 -8.51 -8.75 -2.38
N THR A 74 -7.25 -9.18 -2.23
CA THR A 74 -6.93 -10.60 -2.27
C THR A 74 -5.93 -10.96 -1.18
N ARG A 75 -6.41 -11.65 -0.14
CA ARG A 75 -5.56 -12.06 0.97
C ARG A 75 -4.83 -13.37 0.64
N THR A 76 -3.50 -13.29 0.57
CA THR A 76 -2.69 -14.46 0.27
C THR A 76 -1.66 -14.71 1.37
N GLY A 77 -1.11 -15.92 1.39
CA GLY A 77 -0.11 -16.27 2.39
C GLY A 77 -0.62 -16.07 3.80
N LYS A 78 0.29 -15.85 4.73
CA LYS A 78 -0.07 -15.64 6.13
C LYS A 78 -0.09 -14.16 6.47
N ASN A 79 0.98 -13.45 6.12
CA ASN A 79 1.08 -12.02 6.39
C ASN A 79 1.20 -11.24 5.09
N ASN A 80 0.83 -11.87 3.97
CA ASN A 80 0.90 -11.23 2.67
C ASN A 80 -0.44 -10.58 2.32
N VAL A 81 -0.37 -9.39 1.73
CA VAL A 81 -1.58 -8.67 1.34
C VAL A 81 -1.48 -8.18 -0.10
N LEU A 82 -2.19 -8.86 -0.99
CA LEU A 82 -2.18 -8.50 -2.40
C LEU A 82 -3.25 -7.45 -2.70
N ILE A 83 -2.95 -6.55 -3.62
CA ILE A 83 -3.89 -5.50 -3.99
C ILE A 83 -3.57 -4.95 -5.39
N VAL A 84 -4.60 -4.47 -6.08
CA VAL A 84 -4.43 -3.92 -7.42
C VAL A 84 -4.64 -2.40 -7.42
N CYS A 85 -3.57 -1.67 -7.74
CA CYS A 85 -3.62 -0.22 -7.78
C CYS A 85 -2.56 0.34 -8.71
N VAL A 86 -2.82 1.52 -9.27
CA VAL A 86 -1.89 2.16 -10.18
C VAL A 86 -0.64 2.64 -9.44
N PRO A 87 0.52 2.13 -9.86
CA PRO A 87 1.81 2.48 -9.26
C PRO A 87 2.21 3.92 -9.56
N ASN A 88 2.36 4.73 -8.52
CA ASN A 88 2.75 6.13 -8.68
C ASN A 88 4.06 6.42 -7.96
N PRO A 89 5.08 6.83 -8.74
CA PRO A 89 4.95 7.00 -10.19
C PRO A 89 4.80 5.66 -10.91
N PRO A 90 4.45 5.73 -12.21
CA PRO A 90 4.28 4.54 -13.04
C PRO A 90 5.60 3.83 -13.33
N ILE A 91 5.83 2.72 -12.65
CA ILE A 91 7.06 1.95 -12.84
C ILE A 91 7.33 1.70 -14.31
N ASP A 92 6.28 1.36 -15.06
CA ASP A 92 6.41 1.09 -16.49
C ASP A 92 5.78 2.22 -17.30
N GLU A 93 5.90 2.12 -18.63
CA GLU A 93 5.34 3.14 -19.52
C GLU A 93 4.25 2.55 -20.40
N LYS A 94 4.43 1.29 -20.79
CA LYS A 94 3.46 0.60 -21.65
C LYS A 94 2.17 0.34 -20.89
N ASN A 95 2.26 -0.41 -19.81
CA ASN A 95 1.09 -0.74 -19.00
C ASN A 95 0.90 0.28 -17.88
N ALA A 96 1.55 1.44 -18.03
CA ALA A 96 1.45 2.50 -17.03
C ALA A 96 -0.01 2.78 -16.66
N THR A 97 -0.77 3.26 -17.64
CA THR A 97 -2.19 3.56 -17.41
C THR A 97 -2.85 2.49 -16.56
N MET A 98 -2.65 1.23 -16.94
CA MET A 98 -3.24 0.11 -16.20
C MET A 98 -2.46 -0.16 -14.92
N PRO A 99 -3.18 -0.56 -13.86
CA PRO A 99 -2.57 -0.87 -12.57
C PRO A 99 -1.73 -2.14 -12.60
N VAL A 100 -0.98 -2.37 -11.53
CA VAL A 100 -0.13 -3.56 -11.43
C VAL A 100 -0.34 -4.29 -10.12
N THR A 101 -0.10 -5.59 -10.11
CA THR A 101 -0.27 -6.41 -8.92
C THR A 101 0.79 -6.07 -7.88
N MET A 102 0.37 -5.40 -6.81
CA MET A 102 1.28 -5.02 -5.73
C MET A 102 1.04 -5.86 -4.49
N LEU A 103 2.12 -6.33 -3.88
CA LEU A 103 2.02 -7.15 -2.67
C LEU A 103 2.65 -6.45 -1.48
N ILE A 104 2.03 -6.60 -0.31
CA ILE A 104 2.54 -5.98 0.91
C ILE A 104 2.96 -7.03 1.92
N ARG A 105 4.14 -6.84 2.51
CA ARG A 105 4.67 -7.76 3.51
C ARG A 105 4.92 -7.06 4.84
N VAL A 106 4.06 -7.32 5.82
CA VAL A 106 4.20 -6.72 7.13
C VAL A 106 5.13 -7.53 8.02
N LYS A 107 5.51 -6.95 9.15
CA LYS A 107 6.41 -7.61 10.09
C LYS A 107 5.73 -8.82 10.73
N THR A 108 4.55 -8.60 11.30
CA THR A 108 3.79 -9.66 11.94
C THR A 108 2.43 -9.85 11.28
N SER A 109 2.13 -11.08 10.88
CA SER A 109 0.86 -11.39 10.24
C SER A 109 -0.29 -10.68 10.94
N GLU A 110 -0.36 -10.84 12.27
CA GLU A 110 -1.41 -10.21 13.06
C GLU A 110 -1.77 -8.85 12.50
N ASP A 111 -0.75 -8.09 12.10
CA ASP A 111 -0.97 -6.75 11.55
C ASP A 111 -1.69 -6.83 10.21
N ALA A 112 -1.21 -7.71 9.34
CA ALA A 112 -1.83 -7.89 8.02
C ALA A 112 -3.35 -7.90 8.12
N ASP A 113 -3.87 -8.67 9.06
CA ASP A 113 -5.31 -8.77 9.26
C ASP A 113 -5.94 -7.40 9.39
N GLU A 114 -5.40 -6.59 10.31
CA GLU A 114 -5.92 -5.24 10.53
C GLU A 114 -5.77 -4.38 9.28
N LEU A 115 -4.55 -4.30 8.77
CA LEU A 115 -4.27 -3.52 7.57
C LEU A 115 -5.32 -3.75 6.50
N HIS A 116 -5.69 -5.02 6.29
CA HIS A 116 -6.69 -5.38 5.30
C HIS A 116 -8.07 -4.89 5.73
N LYS A 117 -8.49 -5.27 6.93
CA LYS A 117 -9.79 -4.87 7.46
C LYS A 117 -10.07 -3.40 7.15
N ILE A 118 -9.28 -2.51 7.74
CA ILE A 118 -9.45 -1.08 7.52
C ILE A 118 -9.77 -0.78 6.06
N LEU A 119 -8.85 -1.14 5.17
CA LEU A 119 -9.04 -0.90 3.74
C LEU A 119 -10.48 -1.16 3.34
N LEU A 120 -10.97 -2.36 3.64
CA LEU A 120 -12.34 -2.74 3.31
C LEU A 120 -13.34 -1.73 3.87
N GLU A 121 -13.05 -1.23 5.08
CA GLU A 121 -13.92 -0.26 5.72
C GLU A 121 -13.86 1.08 5.01
N LYS A 122 -12.65 1.56 4.75
CA LYS A 122 -12.45 2.83 4.07
C LYS A 122 -13.22 2.86 2.75
N LYS A 123 -13.05 1.82 1.95
CA LYS A 123 -13.71 1.72 0.66
C LYS A 123 -15.20 1.38 0.84
N ASP A 124 -15.48 0.47 1.77
CA ASP A 124 -16.86 0.05 2.04
C ASP A 124 -17.78 1.28 2.13
N ALA A 125 -17.43 2.21 3.01
CA ALA A 125 -18.22 3.42 3.18
C ALA A 125 -18.00 4.40 2.05
N GLU A 8 5.16 6.95 26.72
CA GLU A 8 5.31 8.15 25.89
C GLU A 8 4.32 8.12 24.74
N VAL A 9 3.99 9.31 24.22
CA VAL A 9 3.06 9.43 23.11
C VAL A 9 3.52 10.48 22.11
N LYS A 10 3.40 10.16 20.83
CA LYS A 10 3.80 11.08 19.77
C LYS A 10 2.63 11.38 18.84
N GLU A 11 2.58 12.60 18.32
CA GLU A 11 1.52 13.01 17.41
C GLU A 11 1.93 12.78 15.95
N GLU A 12 1.03 12.20 15.18
CA GLU A 12 1.30 11.91 13.77
C GLU A 12 0.03 12.07 12.93
N ASP A 13 0.15 12.80 11.83
CA ASP A 13 -1.00 13.01 10.94
C ASP A 13 -1.64 11.69 10.55
N ALA A 14 -0.81 10.71 10.19
CA ALA A 14 -1.29 9.40 9.79
C ALA A 14 -1.75 8.59 11.00
N PHE A 15 -2.93 8.00 10.90
CA PHE A 15 -3.49 7.21 11.98
C PHE A 15 -2.89 5.79 11.98
N TYR A 16 -2.87 5.18 10.81
CA TYR A 16 -2.33 3.83 10.67
C TYR A 16 -0.90 3.86 10.16
N SER A 17 0.04 3.47 11.01
CA SER A 17 1.45 3.46 10.65
C SER A 17 2.11 2.14 11.05
N LYS A 18 2.58 1.39 10.06
CA LYS A 18 3.22 0.11 10.31
C LYS A 18 4.23 -0.21 9.21
N LYS A 19 5.39 -0.72 9.62
CA LYS A 19 6.44 -1.07 8.66
C LYS A 19 6.05 -2.32 7.87
N CYS A 20 6.46 -2.35 6.60
CA CYS A 20 6.16 -3.48 5.73
C CYS A 20 6.99 -3.41 4.45
N LYS A 21 7.05 -4.54 3.75
CA LYS A 21 7.81 -4.61 2.49
C LYS A 21 6.90 -4.37 1.30
N LEU A 22 7.50 -3.99 0.17
CA LEU A 22 6.75 -3.73 -1.05
C LEU A 22 7.30 -4.55 -2.21
N PHE A 23 6.41 -4.99 -3.10
CA PHE A 23 6.80 -5.79 -4.25
C PHE A 23 5.86 -5.54 -5.43
N TYR A 24 6.37 -5.76 -6.64
CA TYR A 24 5.58 -5.55 -7.85
C TYR A 24 5.79 -6.70 -8.83
N LYS A 25 4.72 -7.10 -9.51
CA LYS A 25 4.77 -8.17 -10.48
C LYS A 25 5.18 -7.64 -11.85
N LYS A 26 6.44 -7.87 -12.22
CA LYS A 26 6.96 -7.43 -13.51
C LYS A 26 7.64 -8.57 -14.24
N ASP A 27 7.18 -8.87 -15.45
CA ASP A 27 7.74 -9.94 -16.26
C ASP A 27 7.57 -11.29 -15.57
N ASN A 28 6.39 -11.51 -15.00
CA ASN A 28 6.10 -12.77 -14.31
C ASN A 28 7.10 -13.00 -13.18
N GLU A 29 7.35 -11.97 -12.39
CA GLU A 29 8.28 -12.07 -11.27
C GLU A 29 7.97 -11.01 -10.21
N PHE A 30 8.35 -11.30 -8.96
CA PHE A 30 8.12 -10.36 -7.87
C PHE A 30 9.41 -9.67 -7.46
N LYS A 31 9.52 -8.40 -7.80
CA LYS A 31 10.71 -7.61 -7.47
C LYS A 31 10.38 -6.49 -6.49
N GLU A 32 11.06 -6.49 -5.35
CA GLU A 32 10.82 -5.47 -4.33
C GLU A 32 11.11 -4.07 -4.88
N LYS A 33 10.32 -3.10 -4.44
CA LYS A 33 10.48 -1.72 -4.89
C LYS A 33 11.33 -0.93 -3.89
N GLY A 34 11.25 -1.30 -2.62
CA GLY A 34 12.01 -0.61 -1.59
C GLY A 34 11.37 -0.74 -0.22
N ILE A 35 12.21 -0.96 0.79
CA ILE A 35 11.72 -1.10 2.16
C ILE A 35 11.37 0.25 2.77
N GLY A 36 10.19 0.34 3.36
CA GLY A 36 9.76 1.58 3.97
C GLY A 36 8.59 1.39 4.92
N THR A 37 7.79 2.44 5.10
CA THR A 37 6.64 2.38 5.98
C THR A 37 5.40 2.94 5.31
N LEU A 38 4.25 2.32 5.58
CA LEU A 38 2.99 2.77 5.00
C LEU A 38 2.29 3.77 5.92
N HIS A 39 1.65 4.76 5.31
CA HIS A 39 0.94 5.79 6.07
C HIS A 39 -0.40 6.12 5.42
N LEU A 40 -1.49 5.78 6.10
CA LEU A 40 -2.83 6.04 5.58
C LEU A 40 -3.36 7.37 6.12
N LYS A 41 -3.55 8.33 5.22
CA LYS A 41 -4.06 9.64 5.60
C LYS A 41 -5.27 10.02 4.74
N PRO A 42 -6.27 10.64 5.38
CA PRO A 42 -7.50 11.07 4.70
C PRO A 42 -7.25 12.23 3.73
N THR A 43 -8.06 12.32 2.69
CA THR A 43 -7.93 13.38 1.70
C THR A 43 -9.19 14.23 1.64
N ALA A 44 -9.10 15.34 0.91
CA ALA A 44 -10.24 16.25 0.77
C ALA A 44 -11.55 15.46 0.64
N ASN A 45 -11.48 14.30 0.01
CA ASN A 45 -12.66 13.46 -0.18
C ASN A 45 -12.78 12.43 0.95
N GLN A 46 -13.97 11.85 1.08
CA GLN A 46 -14.22 10.87 2.12
C GLN A 46 -13.33 9.64 1.92
N LYS A 47 -12.64 9.59 0.79
CA LYS A 47 -11.75 8.48 0.48
C LYS A 47 -10.41 8.63 1.19
N THR A 48 -9.61 7.57 1.17
CA THR A 48 -8.30 7.59 1.81
C THR A 48 -7.19 7.63 0.77
N GLN A 49 -6.05 8.20 1.16
CA GLN A 49 -4.90 8.31 0.26
C GLN A 49 -3.76 7.41 0.73
N LEU A 50 -3.34 6.50 -0.14
CA LEU A 50 -2.26 5.58 0.19
C LEU A 50 -0.90 6.21 -0.09
N LEU A 51 -0.10 6.38 0.96
CA LEU A 51 1.22 6.98 0.83
C LEU A 51 2.27 6.14 1.53
N VAL A 52 3.31 5.77 0.79
CA VAL A 52 4.39 4.95 1.34
C VAL A 52 5.71 5.72 1.35
N ARG A 53 6.20 6.02 2.55
CA ARG A 53 7.45 6.75 2.70
C ARG A 53 8.64 5.79 2.83
N ALA A 54 9.55 5.86 1.86
CA ALA A 54 10.72 5.00 1.87
C ALA A 54 11.60 5.28 3.08
N ASP A 55 12.48 4.34 3.39
CA ASP A 55 13.39 4.48 4.53
C ASP A 55 14.83 4.66 4.06
N THR A 56 15.32 5.89 4.12
CA THR A 56 16.69 6.18 3.70
C THR A 56 17.20 7.45 4.37
N ASN A 57 18.51 7.68 4.26
CA ASN A 57 19.13 8.87 4.86
C ASN A 57 18.18 10.06 4.80
N LEU A 58 17.83 10.47 3.57
CA LEU A 58 16.94 11.61 3.39
C LEU A 58 15.48 11.15 3.31
N GLY A 59 15.16 10.36 2.29
CA GLY A 59 13.81 9.86 2.13
C GLY A 59 13.25 10.14 0.75
N ASN A 60 12.34 9.28 0.29
CA ASN A 60 11.73 9.43 -1.02
C ASN A 60 10.35 8.79 -1.05
N ILE A 61 9.64 8.98 -2.16
CA ILE A 61 8.31 8.42 -2.32
C ILE A 61 8.36 7.08 -3.05
N LEU A 62 7.75 6.07 -2.45
CA LEU A 62 7.73 4.74 -3.05
C LEU A 62 6.42 4.50 -3.79
N LEU A 63 5.31 4.88 -3.17
CA LEU A 63 4.00 4.70 -3.78
C LEU A 63 3.00 5.71 -3.20
N ASN A 64 2.48 6.58 -4.07
CA ASN A 64 1.52 7.59 -3.65
C ASN A 64 0.28 7.58 -4.55
N VAL A 65 -0.82 7.08 -4.03
CA VAL A 65 -2.07 7.01 -4.78
C VAL A 65 -3.28 7.19 -3.87
N LEU A 66 -4.45 7.33 -4.47
CA LEU A 66 -5.69 7.51 -3.73
C LEU A 66 -6.61 6.30 -3.88
N ILE A 67 -6.88 5.62 -2.77
CA ILE A 67 -7.75 4.45 -2.78
C ILE A 67 -9.07 4.76 -3.45
N PRO A 68 -9.29 4.19 -4.65
CA PRO A 68 -10.52 4.39 -5.41
C PRO A 68 -11.72 3.71 -4.77
N PRO A 69 -12.92 4.01 -5.27
CA PRO A 69 -14.17 3.44 -4.77
C PRO A 69 -14.30 1.95 -5.09
N ASN A 70 -13.38 1.44 -5.90
CA ASN A 70 -13.39 0.04 -6.28
C ASN A 70 -11.98 -0.53 -6.31
N MET A 71 -11.65 -1.35 -5.31
CA MET A 71 -10.34 -1.96 -5.21
C MET A 71 -10.43 -3.37 -4.66
N PRO A 72 -10.09 -4.37 -5.50
CA PRO A 72 -10.14 -5.78 -5.11
C PRO A 72 -9.05 -6.14 -4.10
N CYS A 73 -9.40 -6.96 -3.13
CA CYS A 73 -8.45 -7.38 -2.10
C CYS A 73 -8.35 -8.90 -2.04
N THR A 74 -7.14 -9.40 -1.80
CA THR A 74 -6.91 -10.84 -1.73
C THR A 74 -5.85 -11.17 -0.68
N ARG A 75 -6.27 -11.87 0.38
CA ARG A 75 -5.37 -12.25 1.45
C ARG A 75 -4.57 -13.50 1.09
N THR A 76 -3.26 -13.40 1.16
CA THR A 76 -2.39 -14.53 0.83
C THR A 76 -1.33 -14.74 1.91
N GLY A 77 -0.83 -15.97 2.01
CA GLY A 77 0.17 -16.28 3.01
C GLY A 77 -0.30 -16.02 4.42
N LYS A 78 0.64 -15.84 5.34
CA LYS A 78 0.31 -15.58 6.73
C LYS A 78 0.36 -14.09 7.03
N ASN A 79 1.47 -13.46 6.66
CA ASN A 79 1.64 -12.02 6.89
C ASN A 79 1.70 -11.27 5.57
N ASN A 80 1.28 -11.91 4.50
CA ASN A 80 1.29 -11.31 3.18
C ASN A 80 -0.11 -10.83 2.79
N VAL A 81 -0.17 -9.80 1.96
CA VAL A 81 -1.44 -9.24 1.50
C VAL A 81 -1.37 -8.81 0.05
N LEU A 82 -2.21 -9.40 -0.79
CA LEU A 82 -2.24 -9.07 -2.21
C LEU A 82 -3.35 -8.07 -2.51
N ILE A 83 -3.07 -7.13 -3.41
CA ILE A 83 -4.05 -6.12 -3.78
C ILE A 83 -3.72 -5.53 -5.15
N VAL A 84 -4.76 -5.25 -5.93
CA VAL A 84 -4.58 -4.68 -7.26
C VAL A 84 -4.86 -3.18 -7.25
N CYS A 85 -3.83 -2.40 -7.59
CA CYS A 85 -3.95 -0.94 -7.63
C CYS A 85 -2.93 -0.33 -8.57
N VAL A 86 -3.26 0.83 -9.13
CA VAL A 86 -2.37 1.52 -10.06
C VAL A 86 -1.15 2.05 -9.34
N PRO A 87 0.02 1.47 -9.65
CA PRO A 87 1.30 1.86 -9.04
C PRO A 87 1.75 3.24 -9.52
N ASN A 88 2.08 4.11 -8.57
CA ASN A 88 2.52 5.46 -8.90
C ASN A 88 3.92 5.72 -8.33
N PRO A 89 4.88 5.95 -9.22
CA PRO A 89 4.64 5.96 -10.67
C PRO A 89 4.34 4.57 -11.22
N PRO A 90 3.84 4.52 -12.46
CA PRO A 90 3.50 3.26 -13.13
C PRO A 90 4.73 2.43 -13.47
N ILE A 91 4.59 1.11 -13.42
CA ILE A 91 5.69 0.22 -13.73
C ILE A 91 6.20 0.43 -15.15
N ASP A 92 5.27 0.61 -16.08
CA ASP A 92 5.62 0.83 -17.48
C ASP A 92 4.70 1.86 -18.11
N GLU A 93 4.96 2.20 -19.37
CA GLU A 93 4.16 3.18 -20.09
C GLU A 93 3.00 2.50 -20.82
N LYS A 94 3.25 1.30 -21.31
CA LYS A 94 2.22 0.54 -22.03
C LYS A 94 1.07 0.15 -21.10
N ASN A 95 1.39 -0.64 -20.07
CA ASN A 95 0.38 -1.07 -19.11
C ASN A 95 0.26 -0.08 -17.96
N ALA A 96 0.80 1.12 -18.16
CA ALA A 96 0.76 2.15 -17.14
C ALA A 96 -0.67 2.39 -16.67
N THR A 97 -1.55 2.72 -17.61
CA THR A 97 -2.95 2.98 -17.29
C THR A 97 -3.58 1.78 -16.59
N MET A 98 -2.97 0.60 -16.75
CA MET A 98 -3.47 -0.61 -16.14
C MET A 98 -2.76 -0.89 -14.82
N PRO A 99 -3.53 -1.35 -13.81
CA PRO A 99 -3.00 -1.66 -12.49
C PRO A 99 -2.10 -2.89 -12.50
N VAL A 100 -1.29 -3.04 -11.46
CA VAL A 100 -0.39 -4.18 -11.35
C VAL A 100 -0.48 -4.82 -9.98
N THR A 101 -0.12 -6.10 -9.89
CA THR A 101 -0.17 -6.83 -8.64
C THR A 101 0.89 -6.34 -7.67
N MET A 102 0.52 -6.22 -6.41
CA MET A 102 1.44 -5.76 -5.37
C MET A 102 1.35 -6.63 -4.12
N LEU A 103 2.50 -6.95 -3.54
CA LEU A 103 2.55 -7.77 -2.34
C LEU A 103 3.03 -6.97 -1.14
N ILE A 104 2.19 -6.86 -0.12
CA ILE A 104 2.53 -6.13 1.08
C ILE A 104 2.65 -7.06 2.29
N ARG A 105 3.87 -7.20 2.80
CA ARG A 105 4.11 -8.06 3.96
C ARG A 105 4.45 -7.23 5.19
N VAL A 106 3.76 -7.52 6.29
CA VAL A 106 3.98 -6.80 7.55
C VAL A 106 4.90 -7.59 8.48
N LYS A 107 5.36 -6.93 9.53
CA LYS A 107 6.24 -7.57 10.50
C LYS A 107 5.56 -8.75 11.17
N THR A 108 4.38 -8.51 11.73
CA THR A 108 3.62 -9.55 12.40
C THR A 108 2.33 -9.86 11.65
N SER A 109 2.05 -11.15 11.47
CA SER A 109 0.84 -11.58 10.76
C SER A 109 -0.39 -10.82 11.27
N GLU A 110 -0.57 -10.82 12.59
CA GLU A 110 -1.71 -10.13 13.20
C GLU A 110 -1.90 -8.75 12.58
N ASP A 111 -0.82 -7.99 12.52
CA ASP A 111 -0.87 -6.64 11.94
C ASP A 111 -1.51 -6.66 10.56
N ALA A 112 -1.08 -7.62 9.74
CA ALA A 112 -1.61 -7.75 8.39
C ALA A 112 -3.12 -7.92 8.40
N ASP A 113 -3.60 -8.81 9.25
CA ASP A 113 -5.03 -9.07 9.36
C ASP A 113 -5.82 -7.77 9.44
N GLU A 114 -5.29 -6.81 10.20
CA GLU A 114 -5.94 -5.51 10.36
C GLU A 114 -5.91 -4.72 9.06
N LEU A 115 -4.72 -4.56 8.49
CA LEU A 115 -4.55 -3.83 7.25
C LEU A 115 -5.63 -4.22 6.24
N HIS A 116 -5.82 -5.52 6.07
CA HIS A 116 -6.83 -6.02 5.14
C HIS A 116 -8.20 -5.42 5.43
N LYS A 117 -8.59 -5.44 6.70
CA LYS A 117 -9.88 -4.90 7.12
C LYS A 117 -9.90 -3.39 6.94
N ILE A 118 -8.98 -2.70 7.61
CA ILE A 118 -8.91 -1.25 7.53
C ILE A 118 -9.13 -0.76 6.10
N LEU A 119 -8.46 -1.42 5.15
CA LEU A 119 -8.60 -1.06 3.74
C LEU A 119 -10.04 -1.16 3.28
N LEU A 120 -10.75 -2.17 3.79
CA LEU A 120 -12.15 -2.38 3.43
C LEU A 120 -13.06 -1.42 4.20
N GLU A 121 -12.60 -0.99 5.37
CA GLU A 121 -13.38 -0.07 6.20
C GLU A 121 -13.23 1.36 5.71
N LYS A 122 -12.06 1.67 5.14
CA LYS A 122 -11.79 3.00 4.63
C LYS A 122 -12.46 3.20 3.27
N LYS A 123 -12.33 2.20 2.40
CA LYS A 123 -12.91 2.27 1.07
C LYS A 123 -14.42 2.54 1.14
N ASP A 124 -15.06 2.01 2.19
CA ASP A 124 -16.49 2.19 2.38
C ASP A 124 -16.79 3.56 2.97
N ALA A 125 -16.03 3.93 3.99
CA ALA A 125 -16.20 5.22 4.65
C ALA A 125 -16.02 6.37 3.67
N GLU A 8 6.24 7.54 20.94
CA GLU A 8 5.17 7.43 19.95
C GLU A 8 4.19 8.60 20.09
N VAL A 9 4.64 9.66 20.75
CA VAL A 9 3.81 10.84 20.95
C VAL A 9 4.05 11.87 19.85
N LYS A 10 4.64 11.43 18.75
CA LYS A 10 4.93 12.31 17.62
C LYS A 10 3.69 12.50 16.75
N GLU A 11 3.33 13.76 16.51
CA GLU A 11 2.17 14.08 15.69
C GLU A 11 2.46 13.83 14.21
N GLU A 12 1.55 13.12 13.55
CA GLU A 12 1.71 12.82 12.13
C GLU A 12 0.35 12.82 11.42
N ASP A 13 0.33 13.37 10.22
CA ASP A 13 -0.89 13.44 9.43
C ASP A 13 -1.58 12.08 9.37
N ALA A 14 -0.88 11.10 8.79
CA ALA A 14 -1.42 9.75 8.68
C ALA A 14 -1.69 9.14 10.06
N PHE A 15 -2.80 8.43 10.17
CA PHE A 15 -3.17 7.79 11.43
C PHE A 15 -2.56 6.39 11.55
N TYR A 16 -2.66 5.63 10.47
CA TYR A 16 -2.13 4.28 10.44
C TYR A 16 -0.69 4.26 9.92
N SER A 17 0.23 3.81 10.76
CA SER A 17 1.64 3.75 10.39
C SER A 17 2.26 2.41 10.80
N LYS A 18 2.78 1.68 9.82
CA LYS A 18 3.40 0.40 10.09
C LYS A 18 4.41 0.05 9.00
N LYS A 19 5.56 -0.51 9.41
CA LYS A 19 6.60 -0.89 8.48
C LYS A 19 6.17 -2.07 7.61
N CYS A 20 6.59 -2.07 6.36
CA CYS A 20 6.25 -3.15 5.44
C CYS A 20 7.14 -3.12 4.20
N LYS A 21 7.07 -4.18 3.40
CA LYS A 21 7.87 -4.26 2.18
C LYS A 21 6.99 -4.30 0.94
N LEU A 22 7.24 -3.39 0.02
CA LEU A 22 6.47 -3.32 -1.22
C LEU A 22 7.03 -4.26 -2.27
N PHE A 23 6.17 -5.10 -2.83
CA PHE A 23 6.59 -6.06 -3.85
C PHE A 23 5.71 -5.95 -5.09
N TYR A 24 6.34 -5.75 -6.24
CA TYR A 24 5.61 -5.62 -7.50
C TYR A 24 5.79 -6.86 -8.37
N LYS A 25 4.80 -7.16 -9.19
CA LYS A 25 4.85 -8.30 -10.08
C LYS A 25 5.29 -7.90 -11.48
N LYS A 26 6.42 -8.43 -11.92
CA LYS A 26 6.95 -8.12 -13.24
C LYS A 26 7.56 -9.36 -13.89
N ASP A 27 7.37 -9.50 -15.20
CA ASP A 27 7.91 -10.64 -15.93
C ASP A 27 7.49 -11.95 -15.27
N ASN A 28 6.30 -11.97 -14.70
CA ASN A 28 5.78 -13.17 -14.03
C ASN A 28 6.61 -13.51 -12.81
N GLU A 29 7.03 -12.48 -12.07
CA GLU A 29 7.83 -12.68 -10.88
C GLU A 29 7.64 -11.53 -9.89
N PHE A 30 8.00 -11.77 -8.63
CA PHE A 30 7.86 -10.76 -7.59
C PHE A 30 9.19 -10.07 -7.31
N LYS A 31 9.24 -8.76 -7.57
CA LYS A 31 10.46 -7.99 -7.35
C LYS A 31 10.24 -6.93 -6.27
N GLU A 32 11.18 -6.83 -5.34
CA GLU A 32 11.09 -5.87 -4.26
C GLU A 32 11.19 -4.44 -4.79
N LYS A 33 10.25 -3.60 -4.39
CA LYS A 33 10.22 -2.20 -4.82
C LYS A 33 11.10 -1.34 -3.92
N GLY A 34 11.04 -1.57 -2.62
CA GLY A 34 11.82 -0.81 -1.69
C GLY A 34 11.24 -0.81 -0.28
N ILE A 35 12.09 -1.04 0.71
CA ILE A 35 11.64 -1.06 2.10
C ILE A 35 11.29 0.34 2.59
N GLY A 36 10.14 0.45 3.26
CA GLY A 36 9.70 1.73 3.77
C GLY A 36 8.57 1.61 4.77
N THR A 37 7.89 2.72 5.04
CA THR A 37 6.78 2.73 5.99
C THR A 37 5.51 3.24 5.33
N LEU A 38 4.39 2.61 5.66
CA LEU A 38 3.10 3.00 5.09
C LEU A 38 2.41 4.03 5.98
N HIS A 39 1.84 5.06 5.34
CA HIS A 39 1.14 6.12 6.07
C HIS A 39 -0.18 6.45 5.41
N LEU A 40 -1.28 6.14 6.09
CA LEU A 40 -2.61 6.41 5.57
C LEU A 40 -3.16 7.71 6.14
N LYS A 41 -3.21 8.75 5.30
CA LYS A 41 -3.71 10.05 5.71
C LYS A 41 -5.07 10.33 5.08
N PRO A 42 -6.01 10.85 5.88
CA PRO A 42 -7.36 11.18 5.42
C PRO A 42 -7.37 12.37 4.46
N THR A 43 -8.05 12.22 3.33
CA THR A 43 -8.13 13.28 2.33
C THR A 43 -9.31 14.20 2.61
N ALA A 44 -9.26 15.41 2.06
CA ALA A 44 -10.33 16.38 2.25
C ALA A 44 -11.70 15.71 2.18
N ASN A 45 -11.80 14.67 1.35
CA ASN A 45 -13.06 13.95 1.19
C ASN A 45 -13.11 12.73 2.10
N GLN A 46 -14.20 11.97 2.02
CA GLN A 46 -14.37 10.79 2.85
C GLN A 46 -13.52 9.64 2.33
N LYS A 47 -12.63 9.95 1.39
CA LYS A 47 -11.75 8.94 0.81
C LYS A 47 -10.50 8.75 1.66
N THR A 48 -9.63 7.84 1.24
CA THR A 48 -8.40 7.56 1.96
C THR A 48 -7.20 7.58 1.02
N GLN A 49 -6.13 8.26 1.44
CA GLN A 49 -4.92 8.35 0.64
C GLN A 49 -3.90 7.31 1.07
N LEU A 50 -3.08 6.84 0.13
CA LEU A 50 -2.06 5.85 0.43
C LEU A 50 -0.68 6.38 0.06
N LEU A 51 0.16 6.56 1.08
CA LEU A 51 1.52 7.05 0.87
C LEU A 51 2.52 6.23 1.67
N VAL A 52 3.62 5.85 1.02
CA VAL A 52 4.66 5.06 1.66
C VAL A 52 6.01 5.77 1.59
N ARG A 53 6.65 5.92 2.75
CA ARG A 53 7.95 6.58 2.81
C ARG A 53 9.08 5.56 2.74
N ALA A 54 10.16 5.93 2.06
CA ALA A 54 11.31 5.04 1.90
C ALA A 54 11.92 4.72 3.26
N ASP A 55 12.86 3.78 3.28
CA ASP A 55 13.53 3.37 4.51
C ASP A 55 14.88 4.07 4.66
N THR A 56 15.60 4.16 3.55
CA THR A 56 16.92 4.81 3.55
C THR A 56 16.81 6.27 3.99
N ASN A 57 17.89 6.79 4.56
CA ASN A 57 17.92 8.17 5.03
C ASN A 57 17.41 9.11 3.94
N LEU A 58 17.93 8.95 2.73
CA LEU A 58 17.53 9.79 1.61
C LEU A 58 16.05 10.17 1.70
N GLY A 59 15.21 9.17 1.95
CA GLY A 59 13.79 9.43 2.07
C GLY A 59 13.16 9.87 0.76
N ASN A 60 12.50 8.94 0.08
CA ASN A 60 11.86 9.25 -1.20
C ASN A 60 10.54 8.49 -1.33
N ILE A 61 9.58 9.12 -2.00
CA ILE A 61 8.27 8.50 -2.21
C ILE A 61 8.39 7.23 -3.04
N LEU A 62 7.87 6.13 -2.51
CA LEU A 62 7.90 4.85 -3.20
C LEU A 62 6.64 4.62 -4.01
N LEU A 63 5.49 4.87 -3.37
CA LEU A 63 4.21 4.70 -4.03
C LEU A 63 3.14 5.58 -3.38
N ASN A 64 2.62 6.54 -4.16
CA ASN A 64 1.60 7.46 -3.67
C ASN A 64 0.38 7.44 -4.58
N VAL A 65 -0.67 6.75 -4.13
CA VAL A 65 -1.90 6.65 -4.91
C VAL A 65 -3.13 6.74 -4.00
N LEU A 66 -4.20 7.32 -4.52
CA LEU A 66 -5.43 7.47 -3.75
C LEU A 66 -6.32 6.23 -3.92
N ILE A 67 -6.80 5.71 -2.80
CA ILE A 67 -7.67 4.54 -2.81
C ILE A 67 -8.98 4.83 -3.53
N PRO A 68 -9.17 4.20 -4.70
CA PRO A 68 -10.38 4.38 -5.51
C PRO A 68 -11.61 3.74 -4.86
N PRO A 69 -12.79 4.03 -5.43
CA PRO A 69 -14.05 3.50 -4.92
C PRO A 69 -14.21 2.01 -5.16
N ASN A 70 -13.24 1.44 -5.87
CA ASN A 70 -13.26 0.01 -6.17
C ASN A 70 -11.84 -0.54 -6.29
N MET A 71 -11.50 -1.48 -5.40
CA MET A 71 -10.18 -2.08 -5.40
C MET A 71 -10.25 -3.54 -4.95
N PRO A 72 -9.83 -4.46 -5.84
CA PRO A 72 -9.84 -5.90 -5.55
C PRO A 72 -8.80 -6.29 -4.50
N CYS A 73 -9.23 -7.04 -3.49
CA CYS A 73 -8.33 -7.48 -2.43
C CYS A 73 -8.12 -9.00 -2.49
N THR A 74 -6.92 -9.42 -2.12
CA THR A 74 -6.58 -10.85 -2.14
C THR A 74 -5.67 -11.21 -0.97
N ARG A 75 -6.15 -12.07 -0.09
CA ARG A 75 -5.38 -12.50 1.07
C ARG A 75 -4.46 -13.66 0.71
N THR A 76 -3.17 -13.52 1.02
CA THR A 76 -2.19 -14.55 0.74
C THR A 76 -1.18 -14.69 1.87
N GLY A 77 -0.82 -15.93 2.19
CA GLY A 77 0.13 -16.18 3.26
C GLY A 77 -0.41 -15.77 4.62
N LYS A 78 0.48 -15.33 5.50
CA LYS A 78 0.10 -14.92 6.84
C LYS A 78 0.41 -13.45 7.07
N ASN A 79 1.54 -13.00 6.54
CA ASN A 79 1.96 -11.61 6.69
C ASN A 79 2.04 -10.92 5.33
N ASN A 80 1.41 -11.53 4.33
CA ASN A 80 1.41 -10.96 2.98
C ASN A 80 0.00 -10.55 2.56
N VAL A 81 -0.09 -9.38 1.93
CA VAL A 81 -1.38 -8.87 1.48
C VAL A 81 -1.38 -8.64 -0.04
N LEU A 82 -2.12 -9.48 -0.75
CA LEU A 82 -2.21 -9.38 -2.21
C LEU A 82 -3.30 -8.41 -2.62
N ILE A 83 -2.93 -7.40 -3.41
CA ILE A 83 -3.88 -6.40 -3.88
C ILE A 83 -3.46 -5.82 -5.22
N VAL A 84 -4.38 -5.14 -5.88
CA VAL A 84 -4.09 -4.53 -7.18
C VAL A 84 -4.21 -3.01 -7.11
N CYS A 85 -3.16 -2.32 -7.53
CA CYS A 85 -3.14 -0.86 -7.52
C CYS A 85 -2.18 -0.31 -8.56
N VAL A 86 -2.51 0.85 -9.12
CA VAL A 86 -1.67 1.47 -10.14
C VAL A 86 -0.41 2.07 -9.52
N PRO A 87 0.76 1.59 -9.96
CA PRO A 87 2.05 2.06 -9.46
C PRO A 87 2.36 3.48 -9.91
N ASN A 88 2.61 4.36 -8.95
CA ASN A 88 2.92 5.76 -9.25
C ASN A 88 4.21 6.18 -8.57
N PRO A 89 5.24 6.52 -9.38
CA PRO A 89 5.12 6.47 -10.84
C PRO A 89 5.03 5.04 -11.37
N PRO A 90 4.49 4.90 -12.58
CA PRO A 90 4.33 3.59 -13.24
C PRO A 90 5.67 2.98 -13.64
N ILE A 91 5.77 1.66 -13.55
CA ILE A 91 6.99 0.96 -13.92
C ILE A 91 7.20 0.98 -15.43
N ASP A 92 6.13 0.77 -16.17
CA ASP A 92 6.19 0.77 -17.63
C ASP A 92 5.08 1.63 -18.23
N GLU A 93 5.49 2.65 -18.99
CA GLU A 93 4.54 3.55 -19.62
C GLU A 93 3.49 2.78 -20.41
N LYS A 94 3.86 1.58 -20.85
CA LYS A 94 2.95 0.74 -21.63
C LYS A 94 1.72 0.38 -20.82
N ASN A 95 1.93 -0.18 -19.62
CA ASN A 95 0.83 -0.56 -18.75
C ASN A 95 0.60 0.49 -17.67
N ALA A 96 1.16 1.67 -17.88
CA ALA A 96 1.02 2.77 -16.92
C ALA A 96 -0.43 2.88 -16.43
N THR A 97 -1.37 2.92 -17.37
CA THR A 97 -2.78 3.02 -17.03
C THR A 97 -3.27 1.78 -16.30
N MET A 98 -2.85 0.61 -16.78
CA MET A 98 -3.25 -0.65 -16.17
C MET A 98 -2.47 -0.89 -14.88
N PRO A 99 -3.19 -1.27 -13.81
CA PRO A 99 -2.59 -1.54 -12.51
C PRO A 99 -1.74 -2.81 -12.51
N VAL A 100 -0.88 -2.95 -11.49
CA VAL A 100 -0.03 -4.12 -11.38
C VAL A 100 -0.25 -4.84 -10.06
N THR A 101 0.14 -6.11 -10.01
CA THR A 101 -0.02 -6.92 -8.81
C THR A 101 0.93 -6.47 -7.70
N MET A 102 0.39 -5.74 -6.73
CA MET A 102 1.19 -5.24 -5.62
C MET A 102 0.89 -6.02 -4.34
N LEU A 103 1.92 -6.21 -3.51
CA LEU A 103 1.76 -6.94 -2.26
C LEU A 103 2.48 -6.23 -1.12
N ILE A 104 1.92 -6.32 0.08
CA ILE A 104 2.51 -5.68 1.25
C ILE A 104 2.84 -6.71 2.33
N ARG A 105 4.11 -6.74 2.73
CA ARG A 105 4.56 -7.68 3.75
C ARG A 105 4.70 -6.98 5.10
N VAL A 106 3.95 -7.46 6.10
CA VAL A 106 4.00 -6.88 7.43
C VAL A 106 4.86 -7.71 8.36
N LYS A 107 5.22 -7.15 9.51
CA LYS A 107 6.04 -7.85 10.49
C LYS A 107 5.36 -9.12 10.98
N THR A 108 4.20 -8.97 11.61
CA THR A 108 3.45 -10.10 12.12
C THR A 108 2.14 -10.29 11.35
N SER A 109 1.78 -11.55 11.13
CA SER A 109 0.56 -11.87 10.39
C SER A 109 -0.63 -11.09 10.96
N GLU A 110 -0.69 -10.99 12.28
CA GLU A 110 -1.77 -10.27 12.94
C GLU A 110 -1.93 -8.86 12.36
N ASP A 111 -0.81 -8.23 12.05
CA ASP A 111 -0.81 -6.89 11.48
C ASP A 111 -1.49 -6.88 10.12
N ALA A 112 -1.20 -7.90 9.31
CA ALA A 112 -1.77 -8.01 7.98
C ALA A 112 -3.30 -7.92 8.03
N ASP A 113 -3.91 -8.86 8.75
CA ASP A 113 -5.36 -8.89 8.89
C ASP A 113 -5.92 -7.49 9.13
N GLU A 114 -5.32 -6.77 10.07
CA GLU A 114 -5.75 -5.42 10.40
C GLU A 114 -5.75 -4.53 9.16
N LEU A 115 -4.57 -4.34 8.58
CA LEU A 115 -4.43 -3.52 7.39
C LEU A 115 -5.48 -3.87 6.35
N HIS A 116 -5.68 -5.17 6.13
CA HIS A 116 -6.66 -5.64 5.16
C HIS A 116 -8.07 -5.23 5.57
N LYS A 117 -8.40 -5.44 6.85
CA LYS A 117 -9.72 -5.08 7.36
C LYS A 117 -9.99 -3.59 7.20
N ILE A 118 -9.11 -2.77 7.75
CA ILE A 118 -9.24 -1.32 7.67
C ILE A 118 -9.54 -0.89 6.24
N LEU A 119 -8.57 -1.08 5.34
CA LEU A 119 -8.74 -0.72 3.94
C LEU A 119 -10.14 -1.07 3.44
N LEU A 120 -10.56 -2.30 3.70
CA LEU A 120 -11.88 -2.76 3.28
C LEU A 120 -12.97 -1.85 3.84
N GLU A 121 -12.77 -1.39 5.06
CA GLU A 121 -13.75 -0.52 5.70
C GLU A 121 -13.68 0.90 5.12
N LYS A 122 -12.46 1.37 4.89
CA LYS A 122 -12.25 2.71 4.34
C LYS A 122 -12.86 2.82 2.95
N LYS A 123 -12.62 1.81 2.12
CA LYS A 123 -13.14 1.80 0.75
C LYS A 123 -14.67 1.77 0.76
N ASP A 124 -15.24 1.04 1.72
CA ASP A 124 -16.69 0.93 1.84
C ASP A 124 -17.34 2.30 1.78
N ALA A 125 -16.87 3.22 2.63
CA ALA A 125 -17.41 4.56 2.68
C ALA A 125 -16.79 5.45 1.60
N GLU A 8 6.31 1.59 21.60
CA GLU A 8 6.02 1.97 20.23
C GLU A 8 5.67 3.46 20.14
N VAL A 9 6.01 4.07 19.01
CA VAL A 9 5.74 5.49 18.79
C VAL A 9 4.97 5.72 17.50
N LYS A 10 3.92 6.53 17.56
CA LYS A 10 3.10 6.83 16.40
C LYS A 10 3.25 8.30 15.99
N GLU A 11 3.07 8.58 14.70
CA GLU A 11 3.18 9.94 14.19
C GLU A 11 1.98 10.77 14.63
N GLU A 12 2.02 12.07 14.32
CA GLU A 12 0.94 12.98 14.67
C GLU A 12 0.16 13.41 13.43
N ASP A 13 0.67 13.04 12.27
CA ASP A 13 0.03 13.38 11.00
C ASP A 13 -0.81 12.22 10.48
N ALA A 14 -0.29 11.00 10.65
CA ALA A 14 -0.98 9.80 10.20
C ALA A 14 -1.46 8.97 11.38
N PHE A 15 -2.69 8.46 11.27
CA PHE A 15 -3.27 7.64 12.33
C PHE A 15 -2.71 6.22 12.30
N TYR A 16 -2.70 5.62 11.12
CA TYR A 16 -2.20 4.27 10.96
C TYR A 16 -0.76 4.28 10.47
N SER A 17 0.14 3.69 11.26
CA SER A 17 1.55 3.63 10.92
C SER A 17 2.14 2.26 11.25
N LYS A 18 2.49 1.51 10.22
CA LYS A 18 3.07 0.18 10.40
C LYS A 18 4.09 -0.12 9.31
N LYS A 19 5.28 -0.54 9.72
CA LYS A 19 6.34 -0.87 8.78
C LYS A 19 5.99 -2.12 7.96
N CYS A 20 6.31 -2.10 6.67
CA CYS A 20 6.01 -3.22 5.80
C CYS A 20 6.86 -3.16 4.53
N LYS A 21 6.96 -4.28 3.83
CA LYS A 21 7.73 -4.34 2.60
C LYS A 21 6.85 -4.10 1.38
N LEU A 22 7.47 -4.00 0.21
CA LEU A 22 6.73 -3.77 -1.03
C LEU A 22 7.31 -4.61 -2.17
N PHE A 23 6.43 -5.16 -2.99
CA PHE A 23 6.85 -5.99 -4.11
C PHE A 23 5.83 -5.90 -5.26
N TYR A 24 6.34 -5.82 -6.48
CA TYR A 24 5.47 -5.74 -7.66
C TYR A 24 5.71 -6.92 -8.59
N LYS A 25 4.66 -7.31 -9.32
CA LYS A 25 4.74 -8.43 -10.25
C LYS A 25 5.21 -7.96 -11.62
N LYS A 26 6.36 -8.45 -12.04
CA LYS A 26 6.92 -8.07 -13.34
C LYS A 26 7.60 -9.27 -14.00
N ASP A 27 7.22 -9.55 -15.25
CA ASP A 27 7.80 -10.66 -15.99
C ASP A 27 7.64 -11.97 -15.22
N ASN A 28 6.48 -12.13 -14.57
CA ASN A 28 6.21 -13.34 -13.81
C ASN A 28 7.21 -13.50 -12.66
N GLU A 29 7.47 -12.41 -11.96
CA GLU A 29 8.41 -12.43 -10.84
C GLU A 29 8.12 -11.28 -9.88
N PHE A 30 8.37 -11.52 -8.60
CA PHE A 30 8.14 -10.50 -7.57
C PHE A 30 9.39 -9.68 -7.33
N LYS A 31 9.36 -8.43 -7.79
CA LYS A 31 10.50 -7.52 -7.64
C LYS A 31 10.34 -6.66 -6.40
N GLU A 32 11.44 -6.13 -5.90
CA GLU A 32 11.43 -5.28 -4.71
C GLU A 32 11.29 -3.81 -5.09
N LYS A 33 10.24 -3.17 -4.62
CA LYS A 33 10.00 -1.76 -4.90
C LYS A 33 10.80 -0.87 -3.96
N GLY A 34 10.87 -1.25 -2.69
CA GLY A 34 11.61 -0.48 -1.71
C GLY A 34 11.02 -0.59 -0.32
N ILE A 35 11.89 -0.84 0.65
CA ILE A 35 11.45 -0.97 2.05
C ILE A 35 11.05 0.38 2.63
N GLY A 36 10.10 0.36 3.56
CA GLY A 36 9.65 1.59 4.18
C GLY A 36 8.50 1.37 5.14
N THR A 37 7.74 2.42 5.40
CA THR A 37 6.60 2.34 6.30
C THR A 37 5.34 2.91 5.66
N LEU A 38 4.20 2.29 5.96
CA LEU A 38 2.92 2.74 5.41
C LEU A 38 2.27 3.77 6.32
N HIS A 39 1.68 4.80 5.70
CA HIS A 39 1.02 5.86 6.46
C HIS A 39 -0.29 6.25 5.80
N LEU A 40 -1.39 6.15 6.55
CA LEU A 40 -2.71 6.49 6.03
C LEU A 40 -3.17 7.85 6.57
N LYS A 41 -3.32 8.81 5.68
CA LYS A 41 -3.75 10.15 6.07
C LYS A 41 -5.00 10.57 5.29
N PRO A 42 -5.89 11.32 5.95
CA PRO A 42 -7.13 11.79 5.34
C PRO A 42 -6.89 12.85 4.27
N THR A 43 -7.58 12.72 3.14
CA THR A 43 -7.44 13.67 2.04
C THR A 43 -8.58 14.67 2.03
N ALA A 44 -8.47 15.68 1.17
CA ALA A 44 -9.50 16.70 1.06
C ALA A 44 -10.89 16.10 1.16
N ASN A 45 -11.10 14.97 0.49
CA ASN A 45 -12.39 14.29 0.51
C ASN A 45 -12.44 13.26 1.63
N GLN A 46 -13.60 12.62 1.79
CA GLN A 46 -13.78 11.62 2.83
C GLN A 46 -13.04 10.33 2.48
N LYS A 47 -12.33 10.36 1.35
CA LYS A 47 -11.58 9.19 0.90
C LYS A 47 -10.23 9.10 1.63
N THR A 48 -9.57 7.96 1.48
CA THR A 48 -8.27 7.75 2.13
C THR A 48 -7.14 7.77 1.10
N GLN A 49 -6.05 8.44 1.44
CA GLN A 49 -4.91 8.54 0.56
C GLN A 49 -3.81 7.56 0.97
N LEU A 50 -3.50 6.61 0.10
CA LEU A 50 -2.48 5.62 0.37
C LEU A 50 -1.08 6.18 0.09
N LEU A 51 -0.25 6.24 1.12
CA LEU A 51 1.10 6.75 0.99
C LEU A 51 2.11 5.80 1.63
N VAL A 52 3.26 5.65 0.99
CA VAL A 52 4.31 4.76 1.49
C VAL A 52 5.68 5.44 1.41
N ARG A 53 6.26 5.70 2.57
CA ARG A 53 7.58 6.35 2.64
C ARG A 53 8.69 5.31 2.74
N ALA A 54 9.75 5.50 1.96
CA ALA A 54 10.87 4.59 1.97
C ALA A 54 11.48 4.46 3.36
N ASP A 55 12.45 3.55 3.50
CA ASP A 55 13.10 3.35 4.78
C ASP A 55 14.38 4.17 4.89
N THR A 56 14.89 4.62 3.74
CA THR A 56 16.11 5.42 3.70
C THR A 56 15.82 6.86 4.12
N ASN A 57 16.74 7.43 4.90
CA ASN A 57 16.59 8.80 5.37
C ASN A 57 16.11 9.71 4.25
N LEU A 58 16.88 9.80 3.18
CA LEU A 58 16.54 10.64 2.04
C LEU A 58 15.03 10.61 1.79
N GLY A 59 14.42 9.45 2.01
CA GLY A 59 12.99 9.32 1.81
C GLY A 59 12.57 9.56 0.37
N ASN A 60 11.70 8.71 -0.15
CA ASN A 60 11.23 8.84 -1.52
C ASN A 60 9.85 8.20 -1.69
N ILE A 61 8.98 8.87 -2.44
CA ILE A 61 7.63 8.36 -2.68
C ILE A 61 7.67 7.04 -3.43
N LEU A 62 7.30 5.96 -2.74
CA LEU A 62 7.29 4.63 -3.34
C LEU A 62 5.99 4.39 -4.10
N LEU A 63 4.87 4.59 -3.42
CA LEU A 63 3.55 4.39 -4.03
C LEU A 63 2.52 5.32 -3.40
N ASN A 64 1.92 6.17 -4.21
CA ASN A 64 0.90 7.10 -3.73
C ASN A 64 -0.34 7.06 -4.63
N VAL A 65 -1.41 6.44 -4.12
CA VAL A 65 -2.65 6.34 -4.86
C VAL A 65 -3.86 6.41 -3.94
N LEU A 66 -5.02 6.74 -4.50
CA LEU A 66 -6.24 6.85 -3.73
C LEU A 66 -7.08 5.58 -3.85
N ILE A 67 -7.61 5.09 -2.73
CA ILE A 67 -8.43 3.89 -2.73
C ILE A 67 -9.75 4.14 -3.43
N PRO A 68 -9.95 3.48 -4.59
CA PRO A 68 -11.16 3.61 -5.38
C PRO A 68 -12.37 2.95 -4.70
N PRO A 69 -13.57 3.21 -5.23
CA PRO A 69 -14.82 2.66 -4.69
C PRO A 69 -14.93 1.16 -4.94
N ASN A 70 -14.09 0.64 -5.84
CA ASN A 70 -14.11 -0.78 -6.17
C ASN A 70 -12.68 -1.30 -6.38
N MET A 71 -12.21 -2.11 -5.44
CA MET A 71 -10.87 -2.68 -5.53
C MET A 71 -10.85 -4.11 -5.00
N PRO A 72 -10.42 -5.05 -5.85
CA PRO A 72 -10.35 -6.47 -5.49
C PRO A 72 -9.24 -6.75 -4.47
N CYS A 73 -9.61 -7.41 -3.39
CA CYS A 73 -8.65 -7.74 -2.34
C CYS A 73 -8.46 -9.26 -2.24
N THR A 74 -7.20 -9.68 -2.16
CA THR A 74 -6.87 -11.10 -2.06
C THR A 74 -5.78 -11.34 -1.02
N ARG A 75 -6.13 -12.09 0.02
CA ARG A 75 -5.18 -12.40 1.09
C ARG A 75 -4.44 -13.71 0.80
N THR A 76 -3.15 -13.62 0.52
CA THR A 76 -2.34 -14.79 0.23
C THR A 76 -1.27 -15.00 1.29
N GLY A 77 -0.67 -16.18 1.29
CA GLY A 77 0.37 -16.49 2.26
C GLY A 77 -0.13 -16.42 3.69
N LYS A 78 0.77 -16.13 4.61
CA LYS A 78 0.41 -16.04 6.03
C LYS A 78 0.17 -14.59 6.43
N ASN A 79 1.18 -13.74 6.20
CA ASN A 79 1.08 -12.33 6.53
C ASN A 79 1.17 -11.46 5.29
N ASN A 80 0.97 -12.08 4.12
CA ASN A 80 1.03 -11.36 2.86
C ASN A 80 -0.34 -10.83 2.47
N VAL A 81 -0.35 -9.73 1.72
CA VAL A 81 -1.61 -9.12 1.28
C VAL A 81 -1.54 -8.75 -0.19
N LEU A 82 -2.22 -9.54 -1.03
CA LEU A 82 -2.24 -9.28 -2.47
C LEU A 82 -3.43 -8.41 -2.85
N ILE A 83 -3.21 -7.48 -3.77
CA ILE A 83 -4.26 -6.58 -4.22
C ILE A 83 -3.98 -6.07 -5.63
N VAL A 84 -4.99 -5.48 -6.25
CA VAL A 84 -4.85 -4.95 -7.60
C VAL A 84 -5.11 -3.45 -7.62
N CYS A 85 -4.06 -2.68 -7.91
CA CYS A 85 -4.17 -1.22 -7.97
C CYS A 85 -3.14 -0.63 -8.92
N VAL A 86 -3.51 0.46 -9.58
CA VAL A 86 -2.61 1.11 -10.52
C VAL A 86 -1.44 1.77 -9.81
N PRO A 87 -0.22 1.32 -10.12
CA PRO A 87 1.01 1.85 -9.52
C PRO A 87 1.32 3.27 -9.97
N ASN A 88 1.52 4.16 -9.01
CA ASN A 88 1.83 5.56 -9.32
C ASN A 88 3.12 6.00 -8.64
N PRO A 89 4.11 6.41 -9.46
CA PRO A 89 3.96 6.46 -10.92
C PRO A 89 3.91 5.06 -11.53
N PRO A 90 3.40 4.97 -12.77
CA PRO A 90 3.28 3.71 -13.50
C PRO A 90 4.64 3.16 -13.92
N ILE A 91 4.80 1.84 -13.81
CA ILE A 91 6.05 1.19 -14.19
C ILE A 91 6.17 1.06 -15.71
N ASP A 92 5.07 0.68 -16.35
CA ASP A 92 5.06 0.52 -17.81
C ASP A 92 4.33 1.69 -18.47
N GLU A 93 4.30 1.67 -19.80
CA GLU A 93 3.65 2.74 -20.55
C GLU A 93 2.43 2.21 -21.31
N LYS A 94 2.52 0.97 -21.76
CA LYS A 94 1.43 0.33 -22.49
C LYS A 94 0.34 -0.16 -21.53
N ASN A 95 0.71 -1.10 -20.66
CA ASN A 95 -0.22 -1.66 -19.70
C ASN A 95 -0.39 -0.72 -18.51
N ALA A 96 0.12 0.50 -18.64
CA ALA A 96 0.02 1.50 -17.57
C ALA A 96 -1.38 1.52 -16.98
N THR A 97 -2.36 1.92 -17.79
CA THR A 97 -3.74 1.99 -17.33
C THR A 97 -4.12 0.77 -16.52
N MET A 98 -3.82 -0.42 -17.05
CA MET A 98 -4.12 -1.66 -16.36
C MET A 98 -3.33 -1.78 -15.07
N PRO A 99 -4.01 -2.17 -13.99
CA PRO A 99 -3.40 -2.32 -12.67
C PRO A 99 -2.45 -3.52 -12.61
N VAL A 100 -1.50 -3.48 -11.68
CA VAL A 100 -0.53 -4.55 -11.52
C VAL A 100 -0.64 -5.19 -10.14
N THR A 101 -0.27 -6.46 -10.05
CA THR A 101 -0.32 -7.19 -8.78
C THR A 101 0.72 -6.66 -7.80
N MET A 102 0.30 -6.44 -6.56
CA MET A 102 1.19 -5.94 -5.52
C MET A 102 1.08 -6.78 -4.26
N LEU A 103 2.22 -6.99 -3.59
CA LEU A 103 2.24 -7.77 -2.36
C LEU A 103 2.94 -7.01 -1.24
N ILE A 104 2.39 -7.10 -0.04
CA ILE A 104 2.96 -6.42 1.12
C ILE A 104 3.18 -7.38 2.28
N ARG A 105 4.40 -7.41 2.80
CA ARG A 105 4.74 -8.28 3.91
C ARG A 105 4.82 -7.51 5.21
N VAL A 106 3.93 -7.83 6.15
CA VAL A 106 3.89 -7.17 7.44
C VAL A 106 4.63 -7.98 8.49
N LYS A 107 4.70 -7.43 9.71
CA LYS A 107 5.38 -8.11 10.81
C LYS A 107 4.92 -9.56 10.93
N THR A 108 3.63 -9.75 11.18
CA THR A 108 3.07 -11.09 11.33
C THR A 108 1.64 -11.14 10.80
N SER A 109 1.12 -12.36 10.65
CA SER A 109 -0.24 -12.54 10.15
C SER A 109 -1.22 -11.62 10.86
N GLU A 110 -0.93 -11.31 12.12
CA GLU A 110 -1.78 -10.45 12.92
C GLU A 110 -1.78 -9.02 12.35
N ASP A 111 -0.62 -8.55 11.94
CA ASP A 111 -0.49 -7.22 11.36
C ASP A 111 -1.23 -7.11 10.04
N ALA A 112 -1.20 -8.19 9.26
CA ALA A 112 -1.88 -8.21 7.97
C ALA A 112 -3.36 -7.85 8.11
N ASP A 113 -4.11 -8.70 8.80
CA ASP A 113 -5.53 -8.47 9.01
C ASP A 113 -5.80 -7.00 9.28
N GLU A 114 -5.22 -6.48 10.35
CA GLU A 114 -5.41 -5.08 10.72
C GLU A 114 -5.28 -4.17 9.50
N LEU A 115 -4.16 -4.28 8.80
CA LEU A 115 -3.91 -3.47 7.61
C LEU A 115 -5.03 -3.66 6.58
N HIS A 116 -5.22 -4.90 6.15
CA HIS A 116 -6.25 -5.22 5.18
C HIS A 116 -7.59 -4.58 5.56
N LYS A 117 -8.13 -5.01 6.69
CA LYS A 117 -9.40 -4.48 7.18
C LYS A 117 -9.50 -2.98 6.93
N ILE A 118 -8.66 -2.22 7.61
CA ILE A 118 -8.64 -0.76 7.45
C ILE A 118 -8.91 -0.36 6.01
N LEU A 119 -7.97 -0.71 5.12
CA LEU A 119 -8.09 -0.40 3.70
C LEU A 119 -9.51 -0.68 3.20
N LEU A 120 -10.04 -1.83 3.59
CA LEU A 120 -11.39 -2.22 3.18
C LEU A 120 -12.44 -1.28 3.76
N GLU A 121 -12.47 -1.19 5.09
CA GLU A 121 -13.41 -0.32 5.78
C GLU A 121 -13.52 1.03 5.06
N LYS A 122 -12.38 1.68 4.86
CA LYS A 122 -12.34 2.97 4.20
C LYS A 122 -12.73 2.84 2.72
N LYS A 123 -12.22 1.81 2.08
CA LYS A 123 -12.52 1.57 0.67
C LYS A 123 -14.00 1.75 0.38
N ASP A 124 -14.84 1.17 1.24
CA ASP A 124 -16.29 1.28 1.08
C ASP A 124 -16.68 2.68 0.59
N ALA A 125 -16.33 3.69 1.37
CA ALA A 125 -16.65 5.07 1.02
C ALA A 125 -16.03 5.44 -0.32
N GLU A 8 -7.17 8.08 18.85
CA GLU A 8 -5.71 7.89 18.91
C GLU A 8 -5.09 8.82 19.94
N VAL A 9 -3.89 8.46 20.41
CA VAL A 9 -3.19 9.27 21.39
C VAL A 9 -1.87 9.80 20.83
N LYS A 10 -1.75 9.78 19.50
CA LYS A 10 -0.55 10.26 18.84
C LYS A 10 -0.80 11.58 18.11
N GLU A 11 0.17 12.48 18.15
CA GLU A 11 0.03 13.77 17.50
C GLU A 11 0.48 13.70 16.04
N GLU A 12 0.75 12.48 15.58
CA GLU A 12 1.19 12.28 14.21
C GLU A 12 0.05 12.54 13.22
N ASP A 13 0.38 13.18 12.11
CA ASP A 13 -0.61 13.50 11.09
C ASP A 13 -1.41 12.26 10.70
N ALA A 14 -0.71 11.25 10.17
CA ALA A 14 -1.36 10.02 9.75
C ALA A 14 -1.85 9.22 10.96
N PHE A 15 -2.89 8.42 10.77
CA PHE A 15 -3.45 7.61 11.83
C PHE A 15 -2.85 6.20 11.83
N TYR A 16 -2.82 5.58 10.66
CA TYR A 16 -2.28 4.24 10.51
C TYR A 16 -0.83 4.30 10.06
N SER A 17 0.08 3.84 10.92
CA SER A 17 1.50 3.83 10.62
C SER A 17 2.13 2.49 10.97
N LYS A 18 2.44 1.70 9.94
CA LYS A 18 3.04 0.39 10.14
C LYS A 18 4.08 0.10 9.07
N LYS A 19 5.29 -0.23 9.50
CA LYS A 19 6.38 -0.54 8.57
C LYS A 19 6.06 -1.79 7.75
N CYS A 20 6.43 -1.75 6.48
CA CYS A 20 6.18 -2.89 5.58
C CYS A 20 7.06 -2.80 4.34
N LYS A 21 7.00 -3.82 3.51
CA LYS A 21 7.79 -3.87 2.28
C LYS A 21 6.88 -3.98 1.05
N LEU A 22 7.25 -3.28 -0.01
CA LEU A 22 6.46 -3.31 -1.24
C LEU A 22 7.05 -4.32 -2.23
N PHE A 23 6.16 -5.02 -2.94
CA PHE A 23 6.58 -6.01 -3.91
C PHE A 23 5.69 -5.98 -5.15
N TYR A 24 6.32 -5.79 -6.31
CA TYR A 24 5.59 -5.72 -7.58
C TYR A 24 5.88 -6.94 -8.45
N LYS A 25 4.94 -7.29 -9.30
CA LYS A 25 5.11 -8.43 -10.20
C LYS A 25 5.84 -8.02 -11.47
N LYS A 26 7.04 -8.58 -11.65
CA LYS A 26 7.85 -8.28 -12.83
C LYS A 26 8.43 -9.56 -13.44
N ASP A 27 8.12 -9.79 -14.72
CA ASP A 27 8.61 -10.97 -15.40
C ASP A 27 8.08 -12.25 -14.75
N ASN A 28 6.81 -12.22 -14.35
CA ASN A 28 6.19 -13.36 -13.71
C ASN A 28 6.92 -13.74 -12.43
N GLU A 29 7.29 -12.73 -11.64
CA GLU A 29 7.99 -12.96 -10.39
C GLU A 29 7.85 -11.74 -9.47
N PHE A 30 8.08 -11.97 -8.17
CA PHE A 30 7.99 -10.90 -7.19
C PHE A 30 9.33 -10.22 -6.98
N LYS A 31 9.36 -8.91 -7.14
CA LYS A 31 10.59 -8.13 -6.97
C LYS A 31 10.47 -7.18 -5.79
N GLU A 32 11.61 -6.68 -5.33
CA GLU A 32 11.63 -5.76 -4.20
C GLU A 32 11.59 -4.31 -4.68
N LYS A 33 10.52 -3.60 -4.32
CA LYS A 33 10.36 -2.21 -4.71
C LYS A 33 11.15 -1.28 -3.78
N GLY A 34 11.08 -1.56 -2.49
CA GLY A 34 11.79 -0.74 -1.52
C GLY A 34 11.23 -0.90 -0.11
N ILE A 35 12.12 -0.91 0.87
CA ILE A 35 11.71 -1.04 2.26
C ILE A 35 11.36 0.31 2.87
N GLY A 36 10.13 0.43 3.34
CA GLY A 36 9.69 1.68 3.94
C GLY A 36 8.48 1.50 4.84
N THR A 37 7.76 2.58 5.10
CA THR A 37 6.58 2.54 5.95
C THR A 37 5.36 3.09 5.23
N LEU A 38 4.18 2.58 5.59
CA LEU A 38 2.94 3.02 4.97
C LEU A 38 2.20 4.00 5.88
N HIS A 39 1.59 5.02 5.28
CA HIS A 39 0.85 6.02 6.04
C HIS A 39 -0.50 6.29 5.40
N LEU A 40 -1.51 6.49 6.23
CA LEU A 40 -2.86 6.76 5.75
C LEU A 40 -3.47 7.97 6.46
N LYS A 41 -3.77 9.01 5.69
CA LYS A 41 -4.36 10.23 6.24
C LYS A 41 -5.49 10.74 5.36
N PRO A 42 -6.49 11.38 5.99
CA PRO A 42 -7.65 11.93 5.29
C PRO A 42 -7.29 13.13 4.42
N THR A 43 -7.89 13.21 3.24
CA THR A 43 -7.64 14.31 2.32
C THR A 43 -8.72 15.39 2.44
N ALA A 44 -8.46 16.53 1.80
CA ALA A 44 -9.41 17.64 1.84
C ALA A 44 -10.75 17.23 1.24
N ASN A 45 -10.73 16.21 0.39
CA ASN A 45 -11.96 15.72 -0.24
C ASN A 45 -12.61 14.63 0.60
N GLN A 46 -12.22 14.56 1.88
CA GLN A 46 -12.77 13.57 2.79
C GLN A 46 -12.51 12.16 2.28
N LYS A 47 -11.33 11.94 1.70
CA LYS A 47 -10.97 10.64 1.17
C LYS A 47 -9.72 10.10 1.87
N THR A 48 -9.32 8.89 1.50
CA THR A 48 -8.14 8.26 2.07
C THR A 48 -7.05 8.05 1.03
N GLN A 49 -5.98 8.84 1.14
CA GLN A 49 -4.87 8.73 0.19
C GLN A 49 -3.79 7.81 0.74
N LEU A 50 -3.24 6.97 -0.14
CA LEU A 50 -2.19 6.02 0.25
C LEU A 50 -0.81 6.57 -0.09
N LEU A 51 0.08 6.53 0.89
CA LEU A 51 1.44 7.03 0.70
C LEU A 51 2.45 6.12 1.38
N VAL A 52 3.60 5.93 0.74
CA VAL A 52 4.66 5.09 1.29
C VAL A 52 6.00 5.81 1.29
N ARG A 53 6.65 5.84 2.46
CA ARG A 53 7.93 6.51 2.59
C ARG A 53 9.05 5.49 2.75
N ALA A 54 10.13 5.66 1.99
CA ALA A 54 11.26 4.76 2.05
C ALA A 54 11.76 4.59 3.48
N ASP A 55 12.68 3.66 3.68
CA ASP A 55 13.23 3.39 5.01
C ASP A 55 14.49 4.23 5.25
N THR A 56 15.41 4.20 4.28
CA THR A 56 16.64 4.96 4.39
C THR A 56 16.38 6.44 4.62
N ASN A 57 17.26 7.09 5.37
CA ASN A 57 17.12 8.51 5.66
C ASN A 57 16.66 9.28 4.43
N LEU A 58 17.30 9.01 3.29
CA LEU A 58 16.95 9.67 2.05
C LEU A 58 15.46 9.52 1.74
N GLY A 59 14.72 10.59 1.95
CA GLY A 59 13.29 10.56 1.69
C GLY A 59 12.96 10.40 0.21
N ASN A 60 12.06 9.48 -0.09
CA ASN A 60 11.66 9.23 -1.48
C ASN A 60 10.29 8.59 -1.55
N ILE A 61 9.49 9.00 -2.53
CA ILE A 61 8.15 8.47 -2.70
C ILE A 61 8.17 7.13 -3.45
N LEU A 62 7.73 6.08 -2.79
CA LEU A 62 7.70 4.76 -3.39
C LEU A 62 6.42 4.55 -4.19
N LEU A 63 5.29 4.83 -3.58
CA LEU A 63 3.99 4.67 -4.24
C LEU A 63 2.97 5.65 -3.67
N ASN A 64 2.46 6.54 -4.52
CA ASN A 64 1.47 7.52 -4.10
C ASN A 64 0.22 7.44 -4.98
N VAL A 65 -0.84 6.86 -4.43
CA VAL A 65 -2.09 6.72 -5.15
C VAL A 65 -3.28 6.81 -4.22
N LEU A 66 -4.43 7.21 -4.75
CA LEU A 66 -5.65 7.34 -3.96
C LEU A 66 -6.51 6.08 -4.07
N ILE A 67 -7.17 5.73 -2.98
CA ILE A 67 -8.03 4.55 -2.95
C ILE A 67 -9.25 4.75 -3.84
N PRO A 68 -9.31 3.98 -4.94
CA PRO A 68 -10.42 4.05 -5.89
C PRO A 68 -11.72 3.48 -5.32
N PRO A 69 -12.83 3.69 -6.04
CA PRO A 69 -14.14 3.21 -5.61
C PRO A 69 -14.26 1.69 -5.70
N ASN A 70 -13.60 1.11 -6.70
CA ASN A 70 -13.63 -0.33 -6.90
C ASN A 70 -12.22 -0.92 -6.91
N MET A 71 -11.91 -1.71 -5.89
CA MET A 71 -10.59 -2.33 -5.78
C MET A 71 -10.69 -3.72 -5.16
N PRO A 72 -10.29 -4.75 -5.92
CA PRO A 72 -10.33 -6.13 -5.45
C PRO A 72 -9.28 -6.41 -4.37
N CYS A 73 -9.64 -7.25 -3.41
CA CYS A 73 -8.74 -7.60 -2.32
C CYS A 73 -8.54 -9.11 -2.23
N THR A 74 -7.29 -9.53 -2.06
CA THR A 74 -6.97 -10.94 -1.97
C THR A 74 -5.90 -11.19 -0.91
N ARG A 75 -6.30 -11.79 0.20
CA ARG A 75 -5.38 -12.08 1.30
C ARG A 75 -4.65 -13.40 1.04
N THR A 76 -3.32 -13.30 0.86
CA THR A 76 -2.51 -14.48 0.61
C THR A 76 -1.50 -14.70 1.73
N GLY A 77 -1.43 -15.93 2.22
CA GLY A 77 -0.50 -16.25 3.29
C GLY A 77 -0.97 -15.71 4.64
N LYS A 78 -0.02 -15.40 5.51
CA LYS A 78 -0.33 -14.88 6.82
C LYS A 78 0.24 -13.47 7.00
N ASN A 79 1.37 -13.21 6.38
CA ASN A 79 2.02 -11.90 6.46
C ASN A 79 2.10 -11.25 5.08
N ASN A 80 1.29 -11.73 4.15
CA ASN A 80 1.28 -11.21 2.80
C ASN A 80 -0.14 -10.84 2.37
N VAL A 81 -0.26 -9.80 1.55
CA VAL A 81 -1.56 -9.35 1.07
C VAL A 81 -1.49 -8.92 -0.40
N LEU A 82 -2.24 -9.62 -1.25
CA LEU A 82 -2.25 -9.30 -2.67
C LEU A 82 -3.36 -8.30 -3.00
N ILE A 83 -3.00 -7.23 -3.69
CA ILE A 83 -3.96 -6.21 -4.07
C ILE A 83 -3.71 -5.70 -5.48
N VAL A 84 -4.77 -5.31 -6.17
CA VAL A 84 -4.66 -4.82 -7.54
C VAL A 84 -4.91 -3.31 -7.58
N CYS A 85 -3.85 -2.56 -7.89
CA CYS A 85 -3.96 -1.10 -7.97
C CYS A 85 -2.95 -0.54 -8.98
N VAL A 86 -3.23 0.66 -9.48
CA VAL A 86 -2.36 1.30 -10.45
C VAL A 86 -1.09 1.83 -9.78
N PRO A 87 0.07 1.29 -10.19
CA PRO A 87 1.36 1.69 -9.65
C PRO A 87 1.76 3.11 -10.07
N ASN A 88 2.19 3.91 -9.10
CA ASN A 88 2.60 5.29 -9.37
C ASN A 88 3.97 5.57 -8.79
N PRO A 89 4.95 5.82 -9.68
CA PRO A 89 4.71 5.83 -11.13
C PRO A 89 4.44 4.43 -11.68
N PRO A 90 3.95 4.37 -12.93
CA PRO A 90 3.64 3.10 -13.60
C PRO A 90 4.89 2.31 -13.94
N ILE A 91 4.79 0.99 -13.84
CA ILE A 91 5.92 0.11 -14.15
C ILE A 91 6.38 0.29 -15.59
N ASP A 92 5.42 0.37 -16.51
CA ASP A 92 5.74 0.54 -17.92
C ASP A 92 4.75 1.51 -18.58
N GLU A 93 5.10 1.98 -19.77
CA GLU A 93 4.24 2.91 -20.50
C GLU A 93 3.12 2.17 -21.21
N LYS A 94 3.37 0.92 -21.57
CA LYS A 94 2.38 0.10 -22.26
C LYS A 94 1.28 -0.36 -21.30
N ASN A 95 1.68 -0.87 -20.14
CA ASN A 95 0.75 -1.33 -19.13
C ASN A 95 0.57 -0.29 -18.03
N ALA A 96 0.98 0.94 -18.31
CA ALA A 96 0.87 2.03 -17.34
C ALA A 96 -0.58 2.24 -16.92
N THR A 97 -1.48 2.28 -17.90
CA THR A 97 -2.90 2.47 -17.64
C THR A 97 -3.47 1.31 -16.82
N MET A 98 -3.04 0.10 -17.14
CA MET A 98 -3.52 -1.08 -16.44
C MET A 98 -2.78 -1.26 -15.11
N PRO A 99 -3.51 -1.72 -14.08
CA PRO A 99 -2.94 -1.94 -12.76
C PRO A 99 -1.97 -3.11 -12.72
N VAL A 100 -1.19 -3.21 -11.64
CA VAL A 100 -0.23 -4.29 -11.49
C VAL A 100 -0.39 -4.98 -10.14
N THR A 101 -0.03 -6.27 -10.09
CA THR A 101 -0.14 -7.04 -8.86
C THR A 101 0.87 -6.57 -7.83
N MET A 102 0.41 -6.47 -6.58
CA MET A 102 1.27 -6.02 -5.49
C MET A 102 1.15 -6.95 -4.28
N LEU A 103 2.22 -7.06 -3.51
CA LEU A 103 2.23 -7.91 -2.32
C LEU A 103 2.78 -7.17 -1.12
N ILE A 104 1.96 -7.01 -0.09
CA ILE A 104 2.36 -6.32 1.12
C ILE A 104 2.90 -7.30 2.16
N ARG A 105 4.19 -7.20 2.46
CA ARG A 105 4.81 -8.08 3.44
C ARG A 105 4.97 -7.37 4.77
N VAL A 106 4.23 -7.84 5.77
CA VAL A 106 4.29 -7.24 7.11
C VAL A 106 5.19 -8.07 8.03
N LYS A 107 5.58 -7.48 9.15
CA LYS A 107 6.44 -8.15 10.12
C LYS A 107 5.70 -9.28 10.81
N THR A 108 4.51 -8.98 11.34
CA THR A 108 3.69 -9.98 12.02
C THR A 108 2.46 -10.32 11.21
N SER A 109 2.07 -11.59 11.24
CA SER A 109 0.89 -12.04 10.51
C SER A 109 -0.34 -11.25 10.91
N GLU A 110 -0.53 -11.09 12.22
CA GLU A 110 -1.67 -10.34 12.74
C GLU A 110 -1.81 -9.00 12.05
N ASP A 111 -0.70 -8.28 11.94
CA ASP A 111 -0.69 -6.97 11.30
C ASP A 111 -1.42 -7.02 9.95
N ALA A 112 -1.07 -8.01 9.14
CA ALA A 112 -1.68 -8.18 7.83
C ALA A 112 -3.20 -8.19 7.93
N ASP A 113 -3.72 -9.12 8.72
CA ASP A 113 -5.16 -9.24 8.92
C ASP A 113 -5.80 -7.88 9.16
N GLU A 114 -5.21 -7.10 10.05
CA GLU A 114 -5.72 -5.77 10.37
C GLU A 114 -5.66 -4.86 9.15
N LEU A 115 -4.50 -4.79 8.52
CA LEU A 115 -4.32 -3.96 7.33
C LEU A 115 -5.45 -4.19 6.32
N HIS A 116 -5.71 -5.45 6.02
CA HIS A 116 -6.77 -5.81 5.07
C HIS A 116 -8.11 -5.24 5.53
N LYS A 117 -8.50 -5.58 6.75
CA LYS A 117 -9.77 -5.10 7.30
C LYS A 117 -9.91 -3.59 7.13
N ILE A 118 -8.98 -2.84 7.72
CA ILE A 118 -8.99 -1.39 7.62
C ILE A 118 -9.18 -0.93 6.18
N LEU A 119 -8.51 -1.63 5.26
CA LEU A 119 -8.60 -1.30 3.84
C LEU A 119 -10.00 -1.55 3.31
N LEU A 120 -10.66 -2.57 3.84
CA LEU A 120 -12.02 -2.93 3.42
C LEU A 120 -13.03 -1.95 4.01
N GLU A 121 -12.92 -1.71 5.32
CA GLU A 121 -13.83 -0.81 6.00
C GLU A 121 -13.69 0.62 5.47
N LYS A 122 -12.45 1.06 5.29
CA LYS A 122 -12.17 2.39 4.78
C LYS A 122 -12.85 2.62 3.43
N LYS A 123 -12.74 1.64 2.55
CA LYS A 123 -13.35 1.72 1.22
C LYS A 123 -14.86 1.60 1.31
N ASP A 124 -15.33 0.79 2.25
CA ASP A 124 -16.77 0.58 2.45
C ASP A 124 -17.50 1.92 2.52
N ALA A 125 -17.00 2.81 3.37
CA ALA A 125 -17.61 4.13 3.53
C ALA A 125 -17.53 4.93 2.25
N GLU A 8 -7.04 12.96 25.24
CA GLU A 8 -5.73 12.80 25.87
C GLU A 8 -4.85 11.87 25.05
N VAL A 9 -5.00 11.94 23.73
CA VAL A 9 -4.21 11.10 22.83
C VAL A 9 -3.71 11.89 21.63
N LYS A 10 -2.40 11.82 21.37
CA LYS A 10 -1.80 12.53 20.25
C LYS A 10 -1.84 11.69 18.98
N GLU A 11 -1.89 12.36 17.84
CA GLU A 11 -1.93 11.67 16.55
C GLU A 11 -1.17 12.46 15.49
N GLU A 12 -0.37 11.74 14.70
CA GLU A 12 0.42 12.37 13.64
C GLU A 12 -0.40 12.50 12.36
N ASP A 13 0.21 13.12 11.35
CA ASP A 13 -0.46 13.31 10.07
C ASP A 13 -1.24 12.05 9.67
N ALA A 14 -0.59 10.90 9.79
CA ALA A 14 -1.22 9.64 9.44
C ALA A 14 -1.65 8.88 10.69
N PHE A 15 -2.92 8.48 10.73
CA PHE A 15 -3.46 7.76 11.88
C PHE A 15 -2.87 6.35 11.95
N TYR A 16 -2.82 5.67 10.82
CA TYR A 16 -2.28 4.32 10.75
C TYR A 16 -0.84 4.33 10.26
N SER A 17 0.08 3.86 11.10
CA SER A 17 1.49 3.82 10.75
C SER A 17 2.09 2.45 11.06
N LYS A 18 2.35 1.68 10.01
CA LYS A 18 2.92 0.34 10.17
C LYS A 18 4.00 0.08 9.12
N LYS A 19 5.12 -0.48 9.57
CA LYS A 19 6.23 -0.79 8.67
C LYS A 19 5.98 -2.08 7.89
N CYS A 20 6.34 -2.08 6.63
CA CYS A 20 6.15 -3.26 5.77
C CYS A 20 6.96 -3.13 4.49
N LYS A 21 6.95 -4.20 3.69
CA LYS A 21 7.70 -4.22 2.44
C LYS A 21 6.75 -4.02 1.25
N LEU A 22 7.33 -3.78 0.08
CA LEU A 22 6.53 -3.59 -1.14
C LEU A 22 7.09 -4.42 -2.28
N PHE A 23 6.18 -5.10 -2.99
CA PHE A 23 6.58 -5.93 -4.13
C PHE A 23 5.62 -5.75 -5.30
N TYR A 24 6.13 -5.96 -6.50
CA TYR A 24 5.32 -5.81 -7.71
C TYR A 24 5.54 -6.98 -8.66
N LYS A 25 4.53 -7.31 -9.45
CA LYS A 25 4.61 -8.41 -10.41
C LYS A 25 5.17 -7.92 -11.74
N LYS A 26 6.38 -8.37 -12.06
CA LYS A 26 7.03 -7.99 -13.30
C LYS A 26 7.59 -9.21 -14.02
N ASP A 27 7.20 -9.38 -15.28
CA ASP A 27 7.67 -10.51 -16.08
C ASP A 27 7.34 -11.83 -15.40
N ASN A 28 6.12 -11.93 -14.87
CA ASN A 28 5.69 -13.15 -14.18
C ASN A 28 6.59 -13.46 -13.00
N GLU A 29 7.01 -12.41 -12.28
CA GLU A 29 7.88 -12.58 -11.13
C GLU A 29 7.65 -11.46 -10.11
N PHE A 30 8.19 -11.62 -8.91
CA PHE A 30 8.05 -10.63 -7.86
C PHE A 30 9.37 -9.93 -7.60
N LYS A 31 9.37 -8.60 -7.72
CA LYS A 31 10.57 -7.80 -7.50
C LYS A 31 10.37 -6.83 -6.33
N GLU A 32 11.46 -6.47 -5.68
CA GLU A 32 11.41 -5.55 -4.55
C GLU A 32 11.37 -4.10 -5.03
N LYS A 33 10.40 -3.34 -4.53
CA LYS A 33 10.25 -1.95 -4.89
C LYS A 33 11.02 -1.05 -3.93
N GLY A 34 10.94 -1.36 -2.64
CA GLY A 34 11.64 -0.56 -1.65
C GLY A 34 10.98 -0.64 -0.28
N ILE A 35 11.77 -0.97 0.73
CA ILE A 35 11.26 -1.08 2.10
C ILE A 35 11.00 0.30 2.70
N GLY A 36 9.90 0.40 3.45
CA GLY A 36 9.55 1.67 4.06
C GLY A 36 8.41 1.53 5.05
N THR A 37 7.72 2.65 5.32
CA THR A 37 6.61 2.66 6.24
C THR A 37 5.35 3.22 5.58
N LEU A 38 4.23 2.54 5.80
CA LEU A 38 2.95 2.99 5.22
C LEU A 38 2.28 4.00 6.13
N HIS A 39 1.73 5.05 5.54
CA HIS A 39 1.05 6.09 6.29
C HIS A 39 -0.29 6.45 5.64
N LEU A 40 -1.37 6.27 6.39
CA LEU A 40 -2.71 6.56 5.90
C LEU A 40 -3.23 7.88 6.48
N LYS A 41 -3.80 8.72 5.62
CA LYS A 41 -4.34 10.00 6.04
C LYS A 41 -5.56 10.38 5.21
N PRO A 42 -6.62 10.84 5.89
CA PRO A 42 -7.87 11.25 5.24
C PRO A 42 -7.70 12.53 4.43
N THR A 43 -8.40 12.61 3.30
CA THR A 43 -8.33 13.78 2.44
C THR A 43 -9.54 14.68 2.63
N ALA A 44 -9.45 15.91 2.12
CA ALA A 44 -10.55 16.86 2.24
C ALA A 44 -11.84 16.30 1.65
N ASN A 45 -11.71 15.45 0.64
CA ASN A 45 -12.85 14.84 -0.01
C ASN A 45 -13.33 13.61 0.76
N GLN A 46 -12.84 13.46 1.99
CA GLN A 46 -13.22 12.33 2.83
C GLN A 46 -12.83 11.01 2.18
N LYS A 47 -11.68 11.01 1.50
CA LYS A 47 -11.19 9.81 0.84
C LYS A 47 -10.00 9.22 1.59
N THR A 48 -9.48 8.10 1.08
CA THR A 48 -8.35 7.43 1.70
C THR A 48 -7.18 7.31 0.73
N GLN A 49 -6.16 8.15 0.93
CA GLN A 49 -4.98 8.13 0.07
C GLN A 49 -3.86 7.32 0.70
N LEU A 50 -3.06 6.66 -0.15
CA LEU A 50 -1.95 5.85 0.32
C LEU A 50 -0.62 6.55 0.09
N LEU A 51 0.24 6.53 1.11
CA LEU A 51 1.54 7.16 1.02
C LEU A 51 2.60 6.35 1.76
N VAL A 52 3.64 5.95 1.05
CA VAL A 52 4.72 5.15 1.64
C VAL A 52 6.05 5.89 1.53
N ARG A 53 6.62 6.25 2.67
CA ARG A 53 7.89 6.96 2.70
C ARG A 53 9.06 5.97 2.72
N ALA A 54 10.09 6.27 1.95
CA ALA A 54 11.26 5.41 1.88
C ALA A 54 11.93 5.27 3.25
N ASP A 55 12.30 4.05 3.61
CA ASP A 55 12.94 3.79 4.90
C ASP A 55 14.12 4.72 5.10
N THR A 56 14.97 4.84 4.08
CA THR A 56 16.14 5.70 4.16
C THR A 56 15.75 7.13 4.55
N ASN A 57 16.72 7.86 5.10
CA ASN A 57 16.47 9.24 5.53
C ASN A 57 15.65 9.98 4.48
N LEU A 58 16.05 9.88 3.22
CA LEU A 58 15.35 10.54 2.13
C LEU A 58 13.90 10.10 2.08
N GLY A 59 12.98 11.03 2.32
CA GLY A 59 11.56 10.70 2.29
C GLY A 59 11.04 10.60 0.87
N ASN A 60 11.76 9.86 0.02
CA ASN A 60 11.35 9.68 -1.37
C ASN A 60 10.08 8.85 -1.45
N ILE A 61 9.07 9.37 -2.14
CA ILE A 61 7.81 8.68 -2.31
C ILE A 61 7.98 7.40 -3.12
N LEU A 62 7.62 6.28 -2.52
CA LEU A 62 7.73 4.98 -3.19
C LEU A 62 6.48 4.67 -3.99
N LEU A 63 5.32 4.94 -3.40
CA LEU A 63 4.04 4.69 -4.07
C LEU A 63 2.93 5.56 -3.46
N ASN A 64 2.37 6.43 -4.29
CA ASN A 64 1.29 7.31 -3.83
C ASN A 64 0.05 7.17 -4.71
N VAL A 65 -0.98 6.54 -4.19
CA VAL A 65 -2.22 6.33 -4.92
C VAL A 65 -3.43 6.43 -4.01
N LEU A 66 -4.57 6.84 -4.58
CA LEU A 66 -5.79 6.97 -3.81
C LEU A 66 -6.62 5.69 -3.85
N ILE A 67 -6.84 5.10 -2.68
CA ILE A 67 -7.60 3.87 -2.58
C ILE A 67 -9.00 4.03 -3.20
N PRO A 68 -9.19 3.37 -4.36
CA PRO A 68 -10.47 3.43 -5.08
C PRO A 68 -11.58 2.68 -4.35
N PRO A 69 -12.83 2.94 -4.76
CA PRO A 69 -14.00 2.29 -4.15
C PRO A 69 -14.09 0.81 -4.50
N ASN A 70 -13.95 0.49 -5.78
CA ASN A 70 -14.01 -0.89 -6.25
C ASN A 70 -12.66 -1.58 -6.08
N MET A 71 -11.81 -1.00 -5.25
CA MET A 71 -10.48 -1.55 -5.01
C MET A 71 -10.57 -3.02 -4.62
N PRO A 72 -10.18 -3.90 -5.54
CA PRO A 72 -10.20 -5.35 -5.32
C PRO A 72 -9.16 -5.80 -4.30
N CYS A 73 -9.61 -6.53 -3.27
CA CYS A 73 -8.72 -7.01 -2.23
C CYS A 73 -8.68 -8.54 -2.22
N THR A 74 -7.48 -9.09 -2.09
CA THR A 74 -7.30 -10.54 -2.06
C THR A 74 -6.36 -10.96 -0.93
N ARG A 75 -6.93 -11.56 0.10
CA ARG A 75 -6.15 -12.02 1.24
C ARG A 75 -5.37 -13.28 0.91
N THR A 76 -4.05 -13.18 0.91
CA THR A 76 -3.18 -14.31 0.60
C THR A 76 -2.36 -14.73 1.82
N GLY A 77 -2.01 -16.01 1.87
CA GLY A 77 -1.23 -16.51 2.99
C GLY A 77 -1.79 -16.09 4.33
N LYS A 78 -0.91 -15.83 5.29
CA LYS A 78 -1.31 -15.40 6.62
C LYS A 78 -0.79 -14.01 6.93
N ASN A 79 0.39 -13.69 6.40
CA ASN A 79 1.00 -12.39 6.62
C ASN A 79 1.16 -11.63 5.31
N ASN A 80 0.62 -12.20 4.23
CA ASN A 80 0.71 -11.58 2.92
C ASN A 80 -0.63 -10.95 2.52
N VAL A 81 -0.57 -9.91 1.69
CA VAL A 81 -1.77 -9.22 1.24
C VAL A 81 -1.65 -8.80 -0.22
N LEU A 82 -2.49 -9.39 -1.06
CA LEU A 82 -2.48 -9.09 -2.49
C LEU A 82 -3.56 -8.07 -2.84
N ILE A 83 -3.25 -7.16 -3.75
CA ILE A 83 -4.20 -6.14 -4.17
C ILE A 83 -3.84 -5.60 -5.54
N VAL A 84 -4.78 -4.87 -6.14
CA VAL A 84 -4.57 -4.29 -7.48
C VAL A 84 -4.66 -2.77 -7.42
N CYS A 85 -3.56 -2.11 -7.80
CA CYS A 85 -3.52 -0.65 -7.80
C CYS A 85 -2.50 -0.14 -8.81
N VAL A 86 -2.79 0.99 -9.43
CA VAL A 86 -1.90 1.59 -10.42
C VAL A 86 -0.64 2.13 -9.76
N PRO A 87 0.53 1.55 -10.13
CA PRO A 87 1.82 1.96 -9.58
C PRO A 87 2.24 3.35 -10.05
N ASN A 88 2.43 4.26 -9.11
CA ASN A 88 2.84 5.63 -9.43
C ASN A 88 4.09 6.03 -8.66
N PRO A 89 5.18 6.29 -9.40
CA PRO A 89 5.18 6.21 -10.86
C PRO A 89 5.07 4.78 -11.37
N PRO A 90 4.69 4.63 -12.65
CA PRO A 90 4.53 3.31 -13.27
C PRO A 90 5.87 2.61 -13.48
N ILE A 91 5.89 1.31 -13.27
CA ILE A 91 7.11 0.51 -13.43
C ILE A 91 7.39 0.25 -14.91
N ASP A 92 6.33 -0.07 -15.65
CA ASP A 92 6.47 -0.35 -17.07
C ASP A 92 5.86 0.77 -17.91
N GLU A 93 6.37 0.93 -19.14
CA GLU A 93 5.87 1.98 -20.03
C GLU A 93 4.89 1.40 -21.05
N LYS A 94 5.13 0.15 -21.43
CA LYS A 94 4.27 -0.53 -22.40
C LYS A 94 2.80 -0.29 -22.08
N ASN A 95 2.47 -0.30 -20.79
CA ASN A 95 1.10 -0.08 -20.34
C ASN A 95 1.06 0.41 -18.90
N ALA A 96 0.81 1.71 -18.73
CA ALA A 96 0.74 2.31 -17.40
C ALA A 96 -0.69 2.38 -16.91
N THR A 97 -1.60 2.80 -17.79
CA THR A 97 -3.01 2.93 -17.44
C THR A 97 -3.51 1.67 -16.73
N MET A 98 -2.88 0.54 -17.02
CA MET A 98 -3.25 -0.73 -16.40
C MET A 98 -2.49 -0.96 -15.10
N PRO A 99 -3.23 -1.30 -14.04
CA PRO A 99 -2.64 -1.55 -12.71
C PRO A 99 -1.82 -2.83 -12.68
N VAL A 100 -1.07 -3.02 -11.60
CA VAL A 100 -0.25 -4.21 -11.44
C VAL A 100 -0.46 -4.85 -10.07
N THR A 101 -0.19 -6.15 -9.98
CA THR A 101 -0.35 -6.88 -8.73
C THR A 101 0.71 -6.46 -7.72
N MET A 102 0.29 -6.31 -6.46
CA MET A 102 1.20 -5.92 -5.39
C MET A 102 1.10 -6.86 -4.21
N LEU A 103 2.20 -7.05 -3.50
CA LEU A 103 2.23 -7.94 -2.34
C LEU A 103 2.78 -7.21 -1.11
N ILE A 104 1.98 -7.16 -0.05
CA ILE A 104 2.39 -6.51 1.18
C ILE A 104 2.72 -7.53 2.27
N ARG A 105 3.98 -7.57 2.66
CA ARG A 105 4.42 -8.50 3.70
C ARG A 105 4.76 -7.77 4.99
N VAL A 106 3.93 -7.96 6.00
CA VAL A 106 4.13 -7.31 7.30
C VAL A 106 4.93 -8.20 8.24
N LYS A 107 5.50 -7.60 9.27
CA LYS A 107 6.29 -8.34 10.24
C LYS A 107 5.58 -9.61 10.69
N THR A 108 4.44 -9.43 11.37
CA THR A 108 3.65 -10.55 11.85
C THR A 108 2.33 -10.65 11.11
N SER A 109 1.84 -11.88 10.96
CA SER A 109 0.57 -12.11 10.27
C SER A 109 -0.56 -11.30 10.90
N GLU A 110 -0.69 -11.42 12.22
CA GLU A 110 -1.73 -10.71 12.95
C GLU A 110 -1.81 -9.24 12.49
N ASP A 111 -0.65 -8.65 12.27
CA ASP A 111 -0.59 -7.26 11.83
C ASP A 111 -1.31 -7.07 10.51
N ALA A 112 -1.04 -7.95 9.55
CA ALA A 112 -1.66 -7.88 8.24
C ALA A 112 -3.18 -7.81 8.36
N ASP A 113 -3.75 -8.74 9.12
CA ASP A 113 -5.20 -8.78 9.32
C ASP A 113 -5.77 -7.37 9.44
N GLU A 114 -5.26 -6.61 10.41
CA GLU A 114 -5.73 -5.24 10.64
C GLU A 114 -5.59 -4.41 9.37
N LEU A 115 -4.43 -4.51 8.71
CA LEU A 115 -4.17 -3.77 7.49
C LEU A 115 -5.22 -4.08 6.43
N HIS A 116 -5.40 -5.36 6.14
CA HIS A 116 -6.39 -5.78 5.14
C HIS A 116 -7.76 -5.19 5.45
N LYS A 117 -8.10 -5.15 6.73
CA LYS A 117 -9.39 -4.61 7.16
C LYS A 117 -9.47 -3.11 6.88
N ILE A 118 -8.53 -2.35 7.43
CA ILE A 118 -8.50 -0.91 7.24
C ILE A 118 -8.78 -0.54 5.79
N LEU A 119 -8.15 -1.26 4.87
CA LEU A 119 -8.35 -1.02 3.44
C LEU A 119 -9.82 -1.11 3.07
N LEU A 120 -10.47 -2.18 3.52
CA LEU A 120 -11.88 -2.40 3.24
C LEU A 120 -12.74 -1.34 3.92
N GLU A 121 -12.75 -1.37 5.26
CA GLU A 121 -13.54 -0.42 6.03
C GLU A 121 -13.43 0.98 5.45
N LYS A 122 -12.22 1.38 5.10
CA LYS A 122 -11.98 2.71 4.52
C LYS A 122 -12.45 2.76 3.07
N LYS A 123 -12.16 1.70 2.32
CA LYS A 123 -12.56 1.62 0.92
C LYS A 123 -13.99 2.13 0.74
N ASP A 124 -14.93 1.50 1.43
CA ASP A 124 -16.34 1.88 1.34
C ASP A 124 -16.50 3.37 1.60
N ALA A 125 -15.95 3.84 2.71
CA ALA A 125 -16.04 5.25 3.08
C ALA A 125 -15.48 6.14 1.99
N GLU A 8 4.76 5.59 21.66
CA GLU A 8 5.17 6.91 21.19
C GLU A 8 6.33 6.79 20.20
N VAL A 9 6.52 5.60 19.66
CA VAL A 9 7.59 5.36 18.70
C VAL A 9 7.10 5.53 17.26
N LYS A 10 5.96 6.21 17.11
CA LYS A 10 5.38 6.45 15.80
C LYS A 10 4.99 7.91 15.65
N GLU A 11 4.89 8.37 14.39
CA GLU A 11 4.52 9.74 14.11
C GLU A 11 3.02 9.87 13.88
N GLU A 12 2.45 11.00 14.27
CA GLU A 12 1.02 11.24 14.10
C GLU A 12 0.69 11.60 12.65
N ASP A 13 1.73 11.78 11.85
CA ASP A 13 1.55 12.14 10.45
C ASP A 13 0.37 11.39 9.84
N ALA A 14 0.21 10.13 10.22
CA ALA A 14 -0.89 9.31 9.72
C ALA A 14 -1.49 8.46 10.84
N PHE A 15 -2.81 8.34 10.83
CA PHE A 15 -3.51 7.55 11.84
C PHE A 15 -3.00 6.11 11.86
N TYR A 16 -2.77 5.55 10.69
CA TYR A 16 -2.28 4.18 10.57
C TYR A 16 -0.85 4.15 10.04
N SER A 17 0.09 3.77 10.90
CA SER A 17 1.49 3.70 10.51
C SER A 17 2.11 2.38 10.94
N LYS A 18 2.59 1.61 9.96
CA LYS A 18 3.21 0.32 10.24
C LYS A 18 4.19 -0.06 9.13
N LYS A 19 5.40 -0.42 9.53
CA LYS A 19 6.43 -0.81 8.57
C LYS A 19 6.00 -2.03 7.76
N CYS A 20 6.28 -2.01 6.47
CA CYS A 20 5.91 -3.12 5.59
C CYS A 20 6.75 -3.10 4.31
N LYS A 21 6.77 -4.22 3.60
CA LYS A 21 7.53 -4.32 2.36
C LYS A 21 6.64 -4.00 1.16
N LEU A 22 7.25 -3.96 -0.03
CA LEU A 22 6.51 -3.68 -1.25
C LEU A 22 7.10 -4.45 -2.43
N PHE A 23 6.25 -5.19 -3.13
CA PHE A 23 6.67 -5.97 -4.28
C PHE A 23 5.70 -5.80 -5.45
N TYR A 24 6.26 -5.72 -6.66
CA TYR A 24 5.45 -5.55 -7.86
C TYR A 24 5.72 -6.66 -8.87
N LYS A 25 4.68 -7.07 -9.58
CA LYS A 25 4.81 -8.13 -10.58
C LYS A 25 5.22 -7.55 -11.93
N LYS A 26 6.46 -7.83 -12.33
CA LYS A 26 6.98 -7.34 -13.60
C LYS A 26 7.71 -8.45 -14.36
N ASP A 27 7.26 -8.72 -15.57
CA ASP A 27 7.87 -9.75 -16.40
C ASP A 27 7.74 -11.13 -15.74
N ASN A 28 6.58 -11.38 -15.15
CA ASN A 28 6.32 -12.66 -14.49
C ASN A 28 7.33 -12.90 -13.37
N GLU A 29 7.62 -11.84 -12.61
CA GLU A 29 8.57 -11.93 -11.50
C GLU A 29 8.32 -10.84 -10.47
N PHE A 30 8.54 -11.16 -9.20
CA PHE A 30 8.34 -10.20 -8.12
C PHE A 30 9.65 -9.48 -7.79
N LYS A 31 9.64 -8.16 -7.94
CA LYS A 31 10.81 -7.35 -7.64
C LYS A 31 10.57 -6.46 -6.43
N GLU A 32 11.53 -6.44 -5.51
CA GLU A 32 11.42 -5.62 -4.32
C GLU A 32 11.45 -4.13 -4.66
N LYS A 33 10.34 -3.45 -4.41
CA LYS A 33 10.23 -2.03 -4.70
C LYS A 33 11.09 -1.22 -3.74
N GLY A 34 11.06 -1.59 -2.46
CA GLY A 34 11.84 -0.88 -1.46
C GLY A 34 11.16 -0.85 -0.11
N ILE A 35 11.86 -1.34 0.91
CA ILE A 35 11.32 -1.36 2.26
C ILE A 35 11.05 0.04 2.78
N GLY A 36 9.87 0.23 3.37
CA GLY A 36 9.50 1.53 3.89
C GLY A 36 8.34 1.46 4.85
N THR A 37 7.93 2.61 5.38
CA THR A 37 6.81 2.67 6.32
C THR A 37 5.57 3.21 5.64
N LEU A 38 4.46 2.49 5.79
CA LEU A 38 3.19 2.90 5.19
C LEU A 38 2.45 3.87 6.10
N HIS A 39 1.84 4.89 5.49
CA HIS A 39 1.10 5.90 6.24
C HIS A 39 -0.19 6.26 5.52
N LEU A 40 -1.30 6.24 6.24
CA LEU A 40 -2.60 6.58 5.67
C LEU A 40 -3.07 7.94 6.15
N LYS A 41 -3.30 8.85 5.21
CA LYS A 41 -3.75 10.20 5.53
C LYS A 41 -5.11 10.48 4.88
N PRO A 42 -6.06 10.96 5.71
CA PRO A 42 -7.40 11.28 5.24
C PRO A 42 -7.43 12.51 4.33
N THR A 43 -8.31 12.50 3.35
CA THR A 43 -8.44 13.61 2.41
C THR A 43 -9.73 14.37 2.63
N ALA A 44 -9.80 15.59 2.11
CA ALA A 44 -10.99 16.43 2.25
C ALA A 44 -12.20 15.76 1.62
N ASN A 45 -11.95 14.85 0.69
CA ASN A 45 -13.03 14.14 0.00
C ASN A 45 -13.43 12.89 0.78
N GLN A 46 -12.97 12.78 2.01
CA GLN A 46 -13.28 11.64 2.86
C GLN A 46 -12.73 10.35 2.25
N LYS A 47 -11.61 10.46 1.56
CA LYS A 47 -10.98 9.30 0.93
C LYS A 47 -9.71 8.90 1.67
N THR A 48 -9.10 7.80 1.22
CA THR A 48 -7.88 7.31 1.85
C THR A 48 -6.72 7.29 0.85
N GLN A 49 -5.74 8.18 1.07
CA GLN A 49 -4.59 8.27 0.19
C GLN A 49 -3.41 7.49 0.76
N LEU A 50 -2.93 6.52 -0.01
CA LEU A 50 -1.80 5.70 0.42
C LEU A 50 -0.47 6.42 0.18
N LEU A 51 0.39 6.40 1.18
CA LEU A 51 1.69 7.05 1.08
C LEU A 51 2.75 6.27 1.86
N VAL A 52 3.70 5.70 1.13
CA VAL A 52 4.78 4.93 1.75
C VAL A 52 6.10 5.67 1.66
N ARG A 53 6.81 5.75 2.80
CA ARG A 53 8.09 6.44 2.84
C ARG A 53 9.24 5.43 2.82
N ALA A 54 10.28 5.74 2.05
CA ALA A 54 11.45 4.87 1.95
C ALA A 54 12.07 4.63 3.31
N ASP A 55 12.48 3.38 3.55
CA ASP A 55 13.10 3.02 4.82
C ASP A 55 14.36 3.84 5.07
N THR A 56 15.13 4.07 4.02
CA THR A 56 16.36 4.85 4.12
C THR A 56 16.09 6.24 4.68
N ASN A 57 17.06 6.79 5.39
CA ASN A 57 16.93 8.12 5.97
C ASN A 57 16.54 9.14 4.91
N LEU A 58 17.23 9.11 3.78
CA LEU A 58 16.96 10.03 2.68
C LEU A 58 15.46 10.29 2.55
N GLY A 59 14.67 9.24 2.67
CA GLY A 59 13.22 9.37 2.56
C GLY A 59 12.78 9.70 1.16
N ASN A 60 11.89 8.89 0.61
CA ASN A 60 11.37 9.10 -0.73
C ASN A 60 10.04 8.40 -0.93
N ILE A 61 9.22 8.92 -1.84
CA ILE A 61 7.92 8.32 -2.13
C ILE A 61 8.07 7.03 -2.94
N LEU A 62 7.60 5.93 -2.36
CA LEU A 62 7.68 4.63 -3.03
C LEU A 62 6.41 4.36 -3.84
N LEU A 63 5.26 4.57 -3.21
CA LEU A 63 3.98 4.35 -3.88
C LEU A 63 2.90 5.27 -3.31
N ASN A 64 2.43 6.19 -4.14
CA ASN A 64 1.39 7.14 -3.70
C ASN A 64 0.18 7.06 -4.63
N VAL A 65 -0.91 6.46 -4.13
CA VAL A 65 -2.13 6.32 -4.90
C VAL A 65 -3.36 6.35 -3.99
N LEU A 66 -4.50 6.70 -4.57
CA LEU A 66 -5.75 6.76 -3.82
C LEU A 66 -6.57 5.48 -4.01
N ILE A 67 -7.12 4.97 -2.92
CA ILE A 67 -7.94 3.76 -2.97
C ILE A 67 -9.20 3.98 -3.80
N PRO A 68 -9.27 3.31 -4.96
CA PRO A 68 -10.41 3.42 -5.86
C PRO A 68 -11.67 2.76 -5.29
N PRO A 69 -12.81 2.97 -5.95
CA PRO A 69 -14.09 2.39 -5.53
C PRO A 69 -14.15 0.89 -5.74
N ASN A 70 -13.64 0.44 -6.89
CA ASN A 70 -13.64 -0.99 -7.21
C ASN A 70 -12.21 -1.53 -7.26
N MET A 71 -11.90 -2.43 -6.33
CA MET A 71 -10.56 -3.02 -6.27
C MET A 71 -10.62 -4.39 -5.62
N PRO A 72 -10.12 -5.41 -6.34
CA PRO A 72 -10.10 -6.80 -5.85
C PRO A 72 -9.12 -6.99 -4.71
N CYS A 73 -9.59 -7.57 -3.61
CA CYS A 73 -8.75 -7.81 -2.45
C CYS A 73 -8.40 -9.30 -2.33
N THR A 74 -7.13 -9.58 -2.03
CA THR A 74 -6.66 -10.95 -1.90
C THR A 74 -5.64 -11.08 -0.77
N ARG A 75 -6.03 -11.75 0.30
CA ARG A 75 -5.14 -11.94 1.44
C ARG A 75 -4.44 -13.29 1.37
N THR A 76 -3.11 -13.25 1.33
CA THR A 76 -2.32 -14.48 1.25
C THR A 76 -1.44 -14.64 2.48
N GLY A 77 -0.87 -15.84 2.65
CA GLY A 77 -0.01 -16.09 3.79
C GLY A 77 -0.58 -15.53 5.09
N LYS A 78 0.30 -15.27 6.05
CA LYS A 78 -0.12 -14.73 7.34
C LYS A 78 0.07 -13.22 7.38
N ASN A 79 1.19 -12.75 6.82
CA ASN A 79 1.48 -11.32 6.80
C ASN A 79 1.57 -10.81 5.36
N ASN A 80 1.03 -11.59 4.43
CA ASN A 80 1.04 -11.22 3.02
C ASN A 80 -0.30 -10.65 2.60
N VAL A 81 -0.27 -9.51 1.92
CA VAL A 81 -1.50 -8.85 1.46
C VAL A 81 -1.39 -8.47 -0.01
N LEU A 82 -2.14 -9.16 -0.86
CA LEU A 82 -2.13 -8.89 -2.29
C LEU A 82 -3.27 -7.96 -2.68
N ILE A 83 -2.95 -6.93 -3.46
CA ILE A 83 -3.95 -5.97 -3.89
C ILE A 83 -3.63 -5.43 -5.29
N VAL A 84 -4.66 -5.32 -6.13
CA VAL A 84 -4.49 -4.82 -7.48
C VAL A 84 -4.76 -3.32 -7.57
N CYS A 85 -3.72 -2.56 -7.88
CA CYS A 85 -3.85 -1.12 -8.00
C CYS A 85 -2.80 -0.55 -8.95
N VAL A 86 -3.03 0.68 -9.42
CA VAL A 86 -2.11 1.33 -10.33
C VAL A 86 -0.88 1.85 -9.60
N PRO A 87 0.30 1.36 -9.99
CA PRO A 87 1.57 1.76 -9.38
C PRO A 87 1.96 3.20 -9.74
N ASN A 88 2.28 3.98 -8.72
CA ASN A 88 2.66 5.39 -8.93
C ASN A 88 4.02 5.67 -8.32
N PRO A 89 4.99 6.05 -9.17
CA PRO A 89 4.76 6.19 -10.61
C PRO A 89 4.55 4.85 -11.30
N PRO A 90 4.04 4.90 -12.54
CA PRO A 90 3.79 3.69 -13.33
C PRO A 90 5.08 3.00 -13.77
N ILE A 91 5.19 1.71 -13.48
CA ILE A 91 6.36 0.94 -13.85
C ILE A 91 6.55 0.90 -15.36
N ASP A 92 5.45 0.65 -16.07
CA ASP A 92 5.50 0.59 -17.53
C ASP A 92 4.84 1.82 -18.14
N GLU A 93 5.32 2.22 -19.32
CA GLU A 93 4.79 3.39 -20.01
C GLU A 93 3.46 3.07 -20.68
N LYS A 94 3.40 1.92 -21.35
CA LYS A 94 2.19 1.50 -22.03
C LYS A 94 1.17 0.96 -21.05
N ASN A 95 1.60 0.00 -20.22
CA ASN A 95 0.72 -0.61 -19.23
C ASN A 95 0.50 0.34 -18.05
N ALA A 96 1.17 1.49 -18.08
CA ALA A 96 1.05 2.48 -17.02
C ALA A 96 -0.38 2.54 -16.49
N THR A 97 -1.31 2.95 -17.34
CA THR A 97 -2.70 3.06 -16.95
C THR A 97 -3.20 1.77 -16.29
N MET A 98 -2.89 0.64 -16.92
CA MET A 98 -3.30 -0.66 -16.40
C MET A 98 -2.62 -0.94 -15.06
N PRO A 99 -3.40 -1.46 -14.10
CA PRO A 99 -2.89 -1.78 -12.76
C PRO A 99 -1.94 -2.97 -12.77
N VAL A 100 -1.27 -3.20 -11.64
CA VAL A 100 -0.33 -4.30 -11.52
C VAL A 100 -0.44 -4.98 -10.16
N THR A 101 0.02 -6.22 -10.07
CA THR A 101 -0.03 -6.97 -8.81
C THR A 101 0.94 -6.38 -7.79
N MET A 102 0.47 -6.25 -6.55
CA MET A 102 1.30 -5.71 -5.48
C MET A 102 1.09 -6.48 -4.19
N LEU A 103 2.17 -6.97 -3.61
CA LEU A 103 2.11 -7.73 -2.37
C LEU A 103 2.77 -6.96 -1.23
N ILE A 104 2.20 -7.09 -0.03
CA ILE A 104 2.73 -6.41 1.14
C ILE A 104 3.06 -7.41 2.26
N ARG A 105 4.24 -7.26 2.84
CA ARG A 105 4.68 -8.15 3.92
C ARG A 105 4.92 -7.37 5.20
N VAL A 106 3.97 -7.45 6.13
CA VAL A 106 4.08 -6.75 7.40
C VAL A 106 4.92 -7.54 8.39
N LYS A 107 5.47 -6.86 9.39
CA LYS A 107 6.31 -7.49 10.40
C LYS A 107 5.60 -8.70 11.00
N THR A 108 4.42 -8.46 11.58
CA THR A 108 3.64 -9.53 12.18
C THR A 108 2.36 -9.80 11.40
N SER A 109 1.90 -11.05 11.42
CA SER A 109 0.69 -11.44 10.71
C SER A 109 -0.50 -10.62 11.18
N GLU A 110 -0.68 -10.56 12.49
CA GLU A 110 -1.79 -9.81 13.07
C GLU A 110 -1.95 -8.46 12.39
N ASP A 111 -0.84 -7.76 12.20
CA ASP A 111 -0.85 -6.45 11.55
C ASP A 111 -1.57 -6.51 10.21
N ALA A 112 -1.29 -7.55 9.44
CA ALA A 112 -1.91 -7.73 8.13
C ALA A 112 -3.43 -7.75 8.25
N ASP A 113 -3.94 -8.57 9.15
CA ASP A 113 -5.38 -8.68 9.37
C ASP A 113 -6.02 -7.29 9.43
N GLU A 114 -5.32 -6.34 10.02
CA GLU A 114 -5.82 -4.98 10.14
C GLU A 114 -5.71 -4.23 8.81
N LEU A 115 -4.47 -3.98 8.38
CA LEU A 115 -4.22 -3.27 7.13
C LEU A 115 -5.28 -3.64 6.08
N HIS A 116 -5.54 -4.94 5.94
CA HIS A 116 -6.53 -5.41 4.98
C HIS A 116 -7.92 -4.95 5.36
N LYS A 117 -8.37 -5.31 6.56
CA LYS A 117 -9.68 -4.93 7.04
C LYS A 117 -9.91 -3.43 6.89
N ILE A 118 -9.11 -2.65 7.60
CA ILE A 118 -9.21 -1.20 7.54
C ILE A 118 -9.36 -0.71 6.10
N LEU A 119 -8.58 -1.29 5.20
CA LEU A 119 -8.63 -0.92 3.79
C LEU A 119 -10.01 -1.20 3.20
N LEU A 120 -10.66 -2.25 3.71
CA LEU A 120 -11.98 -2.63 3.23
C LEU A 120 -13.06 -1.77 3.89
N GLU A 121 -12.85 -1.42 5.16
CA GLU A 121 -13.79 -0.59 5.89
C GLU A 121 -13.78 0.84 5.38
N LYS A 122 -12.59 1.38 5.18
CA LYS A 122 -12.44 2.75 4.68
C LYS A 122 -13.16 2.93 3.36
N LYS A 123 -12.92 2.01 2.44
CA LYS A 123 -13.56 2.06 1.12
C LYS A 123 -15.07 1.89 1.23
N ASP A 124 -15.50 1.08 2.18
CA ASP A 124 -16.92 0.83 2.39
C ASP A 124 -17.66 2.14 2.66
N ALA A 125 -17.18 2.91 3.62
CA ALA A 125 -17.79 4.18 3.98
C ALA A 125 -17.37 5.28 3.01
N GLU A 8 -2.78 5.41 26.00
CA GLU A 8 -1.93 6.43 25.40
C GLU A 8 -2.60 7.03 24.16
N VAL A 9 -2.54 8.36 24.05
CA VAL A 9 -3.14 9.05 22.91
C VAL A 9 -2.14 10.00 22.27
N LYS A 10 -2.13 10.03 20.93
CA LYS A 10 -1.23 10.90 20.20
C LYS A 10 -1.77 11.19 18.79
N GLU A 11 -1.72 12.46 18.41
CA GLU A 11 -2.21 12.86 17.09
C GLU A 11 -1.14 12.67 16.03
N GLU A 12 -1.49 11.98 14.95
CA GLU A 12 -0.56 11.72 13.86
C GLU A 12 -1.26 11.82 12.51
N ASP A 13 -0.65 12.57 11.59
CA ASP A 13 -1.21 12.74 10.25
C ASP A 13 -1.92 11.48 9.80
N ALA A 14 -1.18 10.37 9.76
CA ALA A 14 -1.74 9.09 9.33
C ALA A 14 -2.14 8.25 10.54
N PHE A 15 -3.41 7.85 10.58
CA PHE A 15 -3.92 7.04 11.68
C PHE A 15 -3.24 5.67 11.70
N TYR A 16 -3.02 5.10 10.52
CA TYR A 16 -2.38 3.80 10.41
C TYR A 16 -0.95 3.94 9.89
N SER A 17 0.01 3.47 10.70
CA SER A 17 1.41 3.54 10.33
C SER A 17 2.16 2.27 10.77
N LYS A 18 2.68 1.54 9.80
CA LYS A 18 3.41 0.31 10.09
C LYS A 18 4.38 -0.02 8.95
N LYS A 19 5.57 -0.49 9.31
CA LYS A 19 6.57 -0.84 8.32
C LYS A 19 6.18 -2.11 7.57
N CYS A 20 6.66 -2.24 6.34
CA CYS A 20 6.35 -3.40 5.51
C CYS A 20 7.25 -3.46 4.28
N LYS A 21 7.13 -4.53 3.52
CA LYS A 21 7.93 -4.70 2.30
C LYS A 21 7.07 -4.58 1.06
N LEU A 22 7.46 -3.70 0.15
CA LEU A 22 6.72 -3.50 -1.10
C LEU A 22 7.21 -4.45 -2.18
N PHE A 23 6.26 -5.06 -2.88
CA PHE A 23 6.59 -6.00 -3.95
C PHE A 23 5.66 -5.81 -5.14
N TYR A 24 6.23 -5.81 -6.34
CA TYR A 24 5.45 -5.64 -7.56
C TYR A 24 5.67 -6.80 -8.52
N LYS A 25 4.60 -7.22 -9.19
CA LYS A 25 4.69 -8.33 -10.14
C LYS A 25 5.10 -7.83 -11.52
N LYS A 26 6.35 -8.08 -11.88
CA LYS A 26 6.87 -7.67 -13.18
C LYS A 26 7.50 -8.85 -13.92
N ASP A 27 6.97 -9.14 -15.10
CA ASP A 27 7.48 -10.24 -15.91
C ASP A 27 7.23 -11.59 -15.23
N ASN A 28 6.07 -11.71 -14.60
CA ASN A 28 5.71 -12.94 -13.90
C ASN A 28 6.69 -13.22 -12.76
N GLU A 29 7.04 -12.17 -12.02
CA GLU A 29 7.96 -12.30 -10.90
C GLU A 29 7.74 -11.20 -9.87
N PHE A 30 7.94 -11.53 -8.60
CA PHE A 30 7.75 -10.57 -7.52
C PHE A 30 9.08 -9.89 -7.17
N LYS A 31 9.16 -8.59 -7.46
CA LYS A 31 10.36 -7.82 -7.18
C LYS A 31 10.11 -6.82 -6.06
N GLU A 32 11.16 -6.53 -5.28
CA GLU A 32 11.04 -5.59 -4.17
C GLU A 32 11.20 -4.15 -4.66
N LYS A 33 10.16 -3.35 -4.45
CA LYS A 33 10.18 -1.95 -4.87
C LYS A 33 11.01 -1.10 -3.91
N GLY A 34 10.91 -1.40 -2.62
CA GLY A 34 11.65 -0.67 -1.62
C GLY A 34 10.98 -0.67 -0.26
N ILE A 35 11.75 -1.01 0.77
CA ILE A 35 11.21 -1.06 2.12
C ILE A 35 11.01 0.34 2.69
N GLY A 36 10.06 0.47 3.61
CA GLY A 36 9.78 1.76 4.21
C GLY A 36 8.65 1.69 5.22
N THR A 37 7.86 2.77 5.30
CA THR A 37 6.75 2.83 6.23
C THR A 37 5.49 3.34 5.55
N LEU A 38 4.43 2.53 5.56
CA LEU A 38 3.17 2.90 4.94
C LEU A 38 2.32 3.73 5.89
N HIS A 39 1.69 4.77 5.36
CA HIS A 39 0.84 5.64 6.17
C HIS A 39 -0.49 5.88 5.48
N LEU A 40 -1.56 5.93 6.27
CA LEU A 40 -2.90 6.15 5.74
C LEU A 40 -3.53 7.39 6.36
N LYS A 41 -3.84 8.37 5.52
CA LYS A 41 -4.45 9.62 5.97
C LYS A 41 -5.47 10.13 4.96
N PRO A 42 -6.49 10.83 5.46
CA PRO A 42 -7.55 11.40 4.61
C PRO A 42 -7.05 12.55 3.74
N THR A 43 -7.82 12.87 2.70
CA THR A 43 -7.45 13.96 1.80
C THR A 43 -8.54 15.02 1.75
N ALA A 44 -8.28 16.09 1.00
CA ALA A 44 -9.24 17.18 0.86
C ALA A 44 -10.67 16.66 0.91
N ASN A 45 -10.91 15.51 0.28
CA ASN A 45 -12.24 14.91 0.25
C ASN A 45 -12.34 13.77 1.25
N GLN A 46 -13.57 13.39 1.58
CA GLN A 46 -13.80 12.31 2.54
C GLN A 46 -12.95 11.09 2.20
N LYS A 47 -12.56 10.99 0.93
CA LYS A 47 -11.74 9.87 0.48
C LYS A 47 -10.44 9.78 1.28
N THR A 48 -9.77 8.63 1.18
CA THR A 48 -8.52 8.42 1.90
C THR A 48 -7.34 8.33 0.93
N GLN A 49 -6.28 9.07 1.21
CA GLN A 49 -5.09 9.07 0.37
C GLN A 49 -4.06 8.06 0.88
N LEU A 50 -3.55 7.25 -0.03
CA LEU A 50 -2.55 6.23 0.32
C LEU A 50 -1.14 6.72 0.02
N LEU A 51 -0.28 6.69 1.02
CA LEU A 51 1.11 7.13 0.87
C LEU A 51 2.06 6.20 1.60
N VAL A 52 3.21 5.95 1.00
CA VAL A 52 4.21 5.07 1.60
C VAL A 52 5.58 5.73 1.61
N ARG A 53 6.16 5.87 2.80
CA ARG A 53 7.46 6.50 2.95
C ARG A 53 8.57 5.47 2.76
N ALA A 54 9.76 5.94 2.38
CA ALA A 54 10.90 5.07 2.16
C ALA A 54 11.64 4.79 3.47
N ASP A 55 12.21 3.60 3.57
CA ASP A 55 12.95 3.20 4.77
C ASP A 55 14.21 4.03 4.93
N THR A 56 14.71 4.56 3.81
CA THR A 56 15.92 5.37 3.82
C THR A 56 15.67 6.73 4.47
N ASN A 57 16.66 7.22 5.20
CA ASN A 57 16.56 8.50 5.87
C ASN A 57 15.92 9.55 4.96
N LEU A 58 16.43 9.64 3.74
CA LEU A 58 15.92 10.60 2.76
C LEU A 58 14.46 10.30 2.43
N GLY A 59 13.61 11.32 2.56
CA GLY A 59 12.20 11.15 2.27
C GLY A 59 11.94 10.92 0.79
N ASN A 60 11.63 9.69 0.42
CA ASN A 60 11.35 9.35 -0.97
C ASN A 60 10.01 8.64 -1.10
N ILE A 61 9.14 9.20 -1.93
CA ILE A 61 7.82 8.63 -2.15
C ILE A 61 7.91 7.27 -2.86
N LEU A 62 7.57 6.21 -2.12
CA LEU A 62 7.62 4.86 -2.67
C LEU A 62 6.37 4.57 -3.50
N LEU A 63 5.21 4.92 -2.97
CA LEU A 63 3.94 4.70 -3.66
C LEU A 63 2.89 5.69 -3.18
N ASN A 64 2.46 6.57 -4.07
CA ASN A 64 1.45 7.57 -3.74
C ASN A 64 0.24 7.43 -4.65
N VAL A 65 -0.84 6.88 -4.10
CA VAL A 65 -2.07 6.69 -4.87
C VAL A 65 -3.29 6.81 -3.97
N LEU A 66 -4.40 7.29 -4.53
CA LEU A 66 -5.64 7.45 -3.78
C LEU A 66 -6.50 6.19 -3.88
N ILE A 67 -7.07 5.79 -2.76
CA ILE A 67 -7.92 4.60 -2.70
C ILE A 67 -9.22 4.82 -3.48
N PRO A 68 -9.39 4.09 -4.59
CA PRO A 68 -10.58 4.18 -5.44
C PRO A 68 -11.82 3.63 -4.76
N PRO A 69 -12.99 3.86 -5.37
CA PRO A 69 -14.27 3.39 -4.84
C PRO A 69 -14.42 1.88 -4.93
N ASN A 70 -13.76 1.28 -5.93
CA ASN A 70 -13.83 -0.16 -6.13
C ASN A 70 -12.42 -0.75 -6.22
N MET A 71 -12.04 -1.52 -5.21
CA MET A 71 -10.72 -2.15 -5.18
C MET A 71 -10.81 -3.57 -4.64
N PRO A 72 -10.37 -4.55 -5.46
CA PRO A 72 -10.39 -5.96 -5.07
C PRO A 72 -9.39 -6.28 -3.98
N CYS A 73 -9.81 -7.08 -3.01
CA CYS A 73 -8.94 -7.46 -1.90
C CYS A 73 -8.74 -8.98 -1.86
N THR A 74 -7.49 -9.40 -1.74
CA THR A 74 -7.16 -10.82 -1.69
C THR A 74 -6.18 -11.13 -0.57
N ARG A 75 -6.67 -11.78 0.48
CA ARG A 75 -5.83 -12.13 1.62
C ARG A 75 -5.01 -13.38 1.33
N THR A 76 -3.70 -13.23 1.25
CA THR A 76 -2.81 -14.34 0.97
C THR A 76 -1.94 -14.66 2.19
N GLY A 77 -1.40 -15.88 2.22
CA GLY A 77 -0.56 -16.29 3.33
C GLY A 77 -1.07 -15.78 4.66
N LYS A 78 -0.17 -15.68 5.63
CA LYS A 78 -0.53 -15.20 6.96
C LYS A 78 -0.25 -13.71 7.09
N ASN A 79 0.94 -13.30 6.69
CA ASN A 79 1.34 -11.89 6.77
C ASN A 79 1.42 -11.27 5.37
N ASN A 80 0.84 -11.96 4.39
CA ASN A 80 0.85 -11.48 3.02
C ASN A 80 -0.50 -10.89 2.63
N VAL A 81 -0.47 -9.75 1.94
CA VAL A 81 -1.69 -9.09 1.51
C VAL A 81 -1.60 -8.66 0.05
N LEU A 82 -2.48 -9.24 -0.78
CA LEU A 82 -2.50 -8.94 -2.20
C LEU A 82 -3.57 -7.88 -2.51
N ILE A 83 -3.18 -6.88 -3.29
CA ILE A 83 -4.10 -5.81 -3.67
C ILE A 83 -3.83 -5.32 -5.08
N VAL A 84 -4.89 -5.04 -5.83
CA VAL A 84 -4.75 -4.55 -7.20
C VAL A 84 -4.96 -3.04 -7.26
N CYS A 85 -3.88 -2.32 -7.57
CA CYS A 85 -3.94 -0.86 -7.67
C CYS A 85 -2.88 -0.34 -8.64
N VAL A 86 -3.18 0.78 -9.28
CA VAL A 86 -2.26 1.39 -10.23
C VAL A 86 -1.03 1.96 -9.53
N PRO A 87 0.14 1.40 -9.85
CA PRO A 87 1.41 1.83 -9.26
C PRO A 87 1.82 3.21 -9.74
N ASN A 88 2.11 4.10 -8.79
CA ASN A 88 2.52 5.47 -9.12
C ASN A 88 3.87 5.79 -8.49
N PRO A 89 4.84 6.15 -9.34
CA PRO A 89 4.64 6.22 -10.79
C PRO A 89 4.46 4.84 -11.41
N PRO A 90 3.98 4.83 -12.67
CA PRO A 90 3.76 3.58 -13.41
C PRO A 90 5.06 2.89 -13.79
N ILE A 91 5.05 1.55 -13.71
CA ILE A 91 6.24 0.77 -14.06
C ILE A 91 6.39 0.65 -15.56
N ASP A 92 5.29 0.38 -16.25
CA ASP A 92 5.31 0.23 -17.70
C ASP A 92 4.53 1.37 -18.37
N GLU A 93 4.91 1.70 -19.60
CA GLU A 93 4.24 2.76 -20.34
C GLU A 93 3.06 2.21 -21.15
N LYS A 94 3.01 0.89 -21.26
CA LYS A 94 1.94 0.23 -22.00
C LYS A 94 0.83 -0.25 -21.06
N ASN A 95 1.23 -0.72 -19.88
CA ASN A 95 0.28 -1.21 -18.90
C ASN A 95 0.04 -0.16 -17.81
N ALA A 96 0.70 0.98 -17.95
CA ALA A 96 0.56 2.07 -16.98
C ALA A 96 -0.88 2.17 -16.48
N THR A 97 -1.80 2.48 -17.39
CA THR A 97 -3.21 2.61 -17.04
C THR A 97 -3.69 1.40 -16.24
N MET A 98 -3.37 0.21 -16.73
CA MET A 98 -3.77 -1.03 -16.08
C MET A 98 -3.01 -1.22 -14.77
N PRO A 99 -3.72 -1.61 -13.71
CA PRO A 99 -3.12 -1.84 -12.39
C PRO A 99 -2.22 -3.08 -12.37
N VAL A 100 -1.40 -3.18 -11.33
CA VAL A 100 -0.49 -4.31 -11.19
C VAL A 100 -0.63 -4.96 -9.81
N THR A 101 -0.26 -6.23 -9.73
CA THR A 101 -0.35 -6.96 -8.47
C THR A 101 0.71 -6.49 -7.48
N MET A 102 0.31 -6.32 -6.23
CA MET A 102 1.22 -5.87 -5.19
C MET A 102 1.13 -6.76 -3.96
N LEU A 103 2.28 -7.01 -3.32
CA LEU A 103 2.32 -7.85 -2.14
C LEU A 103 2.96 -7.10 -0.97
N ILE A 104 2.23 -7.00 0.13
CA ILE A 104 2.71 -6.32 1.32
C ILE A 104 3.06 -7.31 2.44
N ARG A 105 4.33 -7.34 2.82
CA ARG A 105 4.78 -8.25 3.87
C ARG A 105 5.00 -7.49 5.17
N VAL A 106 4.20 -7.81 6.18
CA VAL A 106 4.30 -7.17 7.48
C VAL A 106 5.17 -7.98 8.44
N LYS A 107 5.58 -7.36 9.53
CA LYS A 107 6.42 -8.03 10.53
C LYS A 107 5.81 -9.37 10.93
N THR A 108 4.58 -9.32 11.45
CA THR A 108 3.89 -10.52 11.89
C THR A 108 2.49 -10.59 11.30
N SER A 109 2.04 -11.80 10.98
CA SER A 109 0.71 -12.00 10.40
C SER A 109 -0.33 -11.19 11.17
N GLU A 110 -0.39 -11.40 12.48
CA GLU A 110 -1.35 -10.69 13.32
C GLU A 110 -1.50 -9.23 12.87
N ASP A 111 -0.42 -8.68 12.33
CA ASP A 111 -0.44 -7.30 11.85
C ASP A 111 -1.22 -7.18 10.56
N ALA A 112 -0.95 -8.08 9.62
CA ALA A 112 -1.64 -8.06 8.33
C ALA A 112 -3.16 -8.16 8.51
N ASP A 113 -3.58 -9.04 9.42
CA ASP A 113 -5.00 -9.23 9.69
C ASP A 113 -5.73 -7.90 9.69
N GLU A 114 -5.00 -6.83 9.99
CA GLU A 114 -5.59 -5.50 10.05
C GLU A 114 -5.43 -4.79 8.70
N LEU A 115 -4.20 -4.68 8.22
CA LEU A 115 -3.92 -4.04 6.94
C LEU A 115 -5.00 -4.38 5.91
N HIS A 116 -5.59 -5.56 6.06
CA HIS A 116 -6.64 -6.01 5.14
C HIS A 116 -7.98 -5.38 5.50
N LYS A 117 -8.54 -5.78 6.63
CA LYS A 117 -9.82 -5.26 7.08
C LYS A 117 -9.87 -3.75 6.94
N ILE A 118 -8.84 -3.07 7.41
CA ILE A 118 -8.76 -1.62 7.33
C ILE A 118 -9.04 -1.14 5.91
N LEU A 119 -8.22 -1.60 4.97
CA LEU A 119 -8.38 -1.22 3.57
C LEU A 119 -9.85 -1.29 3.14
N LEU A 120 -10.52 -2.37 3.53
CA LEU A 120 -11.92 -2.56 3.18
C LEU A 120 -12.78 -1.46 3.80
N GLU A 121 -12.43 -1.04 5.01
CA GLU A 121 -13.16 0.01 5.71
C GLU A 121 -12.94 1.37 5.05
N LYS A 122 -11.70 1.62 4.64
CA LYS A 122 -11.35 2.88 3.99
C LYS A 122 -12.19 3.11 2.75
N LYS A 123 -12.40 2.05 1.97
CA LYS A 123 -13.20 2.13 0.75
C LYS A 123 -14.68 2.07 1.07
N ASP A 124 -15.05 1.19 2.00
CA ASP A 124 -16.44 1.03 2.40
C ASP A 124 -17.00 2.35 2.92
N ALA A 125 -16.33 2.92 3.91
CA ALA A 125 -16.77 4.19 4.50
C ALA A 125 -16.61 5.34 3.50
N GLU A 8 9.24 8.44 19.49
CA GLU A 8 8.50 8.94 18.33
C GLU A 8 7.45 9.95 18.75
N VAL A 9 6.91 10.67 17.78
CA VAL A 9 5.88 11.68 18.04
C VAL A 9 4.51 11.03 18.15
N LYS A 10 3.76 11.42 19.18
CA LYS A 10 2.41 10.88 19.39
C LYS A 10 1.38 11.64 18.55
N GLU A 11 1.86 12.38 17.56
CA GLU A 11 0.99 13.14 16.68
C GLU A 11 1.55 13.20 15.26
N GLU A 12 0.90 12.49 14.34
CA GLU A 12 1.34 12.47 12.96
C GLU A 12 0.14 12.47 12.01
N ASP A 13 0.25 13.24 10.93
CA ASP A 13 -0.82 13.32 9.94
C ASP A 13 -1.54 11.98 9.81
N ALA A 14 -0.81 10.96 9.38
CA ALA A 14 -1.37 9.63 9.21
C ALA A 14 -1.77 9.02 10.56
N PHE A 15 -2.78 8.16 10.53
CA PHE A 15 -3.27 7.52 11.75
C PHE A 15 -2.65 6.12 11.89
N TYR A 16 -2.74 5.32 10.83
CA TYR A 16 -2.21 3.97 10.85
C TYR A 16 -0.82 3.92 10.22
N SER A 17 0.19 3.72 11.06
CA SER A 17 1.57 3.65 10.59
C SER A 17 2.21 2.33 10.98
N LYS A 18 2.65 1.58 9.99
CA LYS A 18 3.30 0.29 10.23
C LYS A 18 4.33 -0.03 9.15
N LYS A 19 5.51 -0.45 9.57
CA LYS A 19 6.58 -0.78 8.63
C LYS A 19 6.29 -2.10 7.93
N CYS A 20 6.65 -2.17 6.64
CA CYS A 20 6.42 -3.37 5.85
C CYS A 20 7.18 -3.30 4.53
N LYS A 21 7.15 -4.40 3.77
CA LYS A 21 7.83 -4.45 2.48
C LYS A 21 6.83 -4.34 1.34
N LEU A 22 7.34 -4.01 0.16
CA LEU A 22 6.49 -3.86 -1.02
C LEU A 22 7.04 -4.68 -2.19
N PHE A 23 6.14 -5.36 -2.90
CA PHE A 23 6.53 -6.17 -4.05
C PHE A 23 5.49 -6.08 -5.16
N TYR A 24 5.95 -5.81 -6.37
CA TYR A 24 5.07 -5.71 -7.53
C TYR A 24 5.25 -6.88 -8.49
N LYS A 25 4.15 -7.34 -9.08
CA LYS A 25 4.20 -8.46 -10.00
C LYS A 25 4.49 -7.97 -11.43
N LYS A 26 5.67 -8.31 -11.92
CA LYS A 26 6.07 -7.91 -13.27
C LYS A 26 6.76 -9.06 -14.01
N ASP A 27 6.42 -9.23 -15.27
CA ASP A 27 7.01 -10.30 -16.08
C ASP A 27 6.88 -11.64 -15.39
N ASN A 28 5.72 -11.87 -14.77
CA ASN A 28 5.46 -13.13 -14.07
C ASN A 28 6.50 -13.36 -12.98
N GLU A 29 6.77 -12.32 -12.18
CA GLU A 29 7.74 -12.42 -11.10
C GLU A 29 7.54 -11.29 -10.10
N PHE A 30 7.96 -11.53 -8.85
CA PHE A 30 7.83 -10.54 -7.79
C PHE A 30 9.14 -9.78 -7.60
N LYS A 31 9.09 -8.47 -7.77
CA LYS A 31 10.27 -7.63 -7.61
C LYS A 31 10.05 -6.56 -6.54
N GLU A 32 10.88 -6.57 -5.51
CA GLU A 32 10.77 -5.61 -4.42
C GLU A 32 10.78 -4.18 -4.96
N LYS A 33 9.84 -3.36 -4.48
CA LYS A 33 9.75 -1.98 -4.92
C LYS A 33 10.60 -1.07 -4.04
N GLY A 34 10.57 -1.32 -2.73
CA GLY A 34 11.34 -0.52 -1.80
C GLY A 34 10.84 -0.65 -0.37
N ILE A 35 11.73 -1.05 0.52
CA ILE A 35 11.38 -1.21 1.93
C ILE A 35 11.09 0.14 2.58
N GLY A 36 10.01 0.20 3.35
CA GLY A 36 9.65 1.44 4.02
C GLY A 36 8.46 1.27 4.94
N THR A 37 7.79 2.38 5.25
CA THR A 37 6.63 2.36 6.14
C THR A 37 5.41 2.98 5.47
N LEU A 38 4.26 2.34 5.63
CA LEU A 38 3.02 2.83 5.05
C LEU A 38 2.32 3.80 6.00
N HIS A 39 1.65 4.80 5.44
CA HIS A 39 0.93 5.78 6.23
C HIS A 39 -0.44 6.06 5.64
N LEU A 40 -1.49 5.69 6.36
CA LEU A 40 -2.86 5.91 5.90
C LEU A 40 -3.43 7.19 6.49
N LYS A 41 -3.78 8.13 5.61
CA LYS A 41 -4.34 9.41 6.04
C LYS A 41 -5.58 9.75 5.24
N PRO A 42 -6.63 10.21 5.93
CA PRO A 42 -7.90 10.59 5.29
C PRO A 42 -7.78 11.85 4.45
N THR A 43 -8.21 11.77 3.21
CA THR A 43 -8.15 12.91 2.30
C THR A 43 -9.52 13.57 2.13
N ALA A 44 -9.55 14.72 1.47
CA ALA A 44 -10.79 15.44 1.26
C ALA A 44 -11.74 14.64 0.36
N ASN A 45 -12.96 15.13 0.21
CA ASN A 45 -13.96 14.46 -0.61
C ASN A 45 -14.26 13.06 -0.08
N GLN A 46 -14.17 12.91 1.24
CA GLN A 46 -14.43 11.63 1.88
C GLN A 46 -13.62 10.52 1.21
N LYS A 47 -12.35 10.78 0.96
CA LYS A 47 -11.46 9.81 0.33
C LYS A 47 -10.27 9.49 1.23
N THR A 48 -9.49 8.50 0.83
CA THR A 48 -8.31 8.10 1.59
C THR A 48 -7.06 8.10 0.72
N GLN A 49 -6.04 8.83 1.14
CA GLN A 49 -4.78 8.90 0.41
C GLN A 49 -3.77 7.90 0.94
N LEU A 50 -3.24 7.07 0.05
CA LEU A 50 -2.26 6.06 0.43
C LEU A 50 -0.84 6.56 0.20
N LEU A 51 -0.09 6.71 1.29
CA LEU A 51 1.29 7.18 1.20
C LEU A 51 2.26 6.17 1.82
N VAL A 52 3.45 6.07 1.25
CA VAL A 52 4.46 5.14 1.75
C VAL A 52 5.84 5.80 1.77
N ARG A 53 6.46 5.83 2.95
CA ARG A 53 7.78 6.43 3.09
C ARG A 53 8.86 5.36 3.06
N ALA A 54 10.03 5.74 2.53
CA ALA A 54 11.15 4.81 2.44
C ALA A 54 11.73 4.50 3.82
N ASP A 55 12.24 3.28 3.99
CA ASP A 55 12.82 2.87 5.26
C ASP A 55 14.12 3.63 5.54
N THR A 56 14.98 3.72 4.52
CA THR A 56 16.24 4.42 4.66
C THR A 56 16.05 5.83 5.19
N ASN A 57 17.12 6.43 5.71
CA ASN A 57 17.05 7.77 6.26
C ASN A 57 16.32 8.71 5.31
N LEU A 58 16.74 8.72 4.04
CA LEU A 58 16.12 9.57 3.03
C LEU A 58 14.63 9.27 2.91
N GLY A 59 13.82 10.32 2.93
CA GLY A 59 12.38 10.15 2.82
C GLY A 59 11.86 10.47 1.43
N ASN A 60 11.69 9.44 0.61
CA ASN A 60 11.20 9.62 -0.75
C ASN A 60 9.88 8.87 -0.96
N ILE A 61 8.89 9.58 -1.51
CA ILE A 61 7.59 8.99 -1.76
C ILE A 61 7.72 7.70 -2.58
N LEU A 62 7.39 6.57 -1.95
CA LEU A 62 7.46 5.28 -2.62
C LEU A 62 6.23 5.05 -3.49
N LEU A 63 5.06 5.35 -2.94
CA LEU A 63 3.81 5.18 -3.66
C LEU A 63 2.71 6.07 -3.08
N ASN A 64 2.29 7.05 -3.86
CA ASN A 64 1.24 7.98 -3.42
C ASN A 64 0.04 7.91 -4.35
N VAL A 65 -1.00 7.23 -3.91
CA VAL A 65 -2.23 7.09 -4.72
C VAL A 65 -3.45 6.95 -3.82
N LEU A 66 -4.63 7.18 -4.39
CA LEU A 66 -5.87 7.07 -3.66
C LEU A 66 -6.35 5.63 -3.59
N ILE A 67 -7.32 5.37 -2.71
CA ILE A 67 -7.87 4.03 -2.56
C ILE A 67 -9.32 3.96 -3.03
N PRO A 68 -9.52 3.41 -4.24
CA PRO A 68 -10.86 3.27 -4.83
C PRO A 68 -11.70 2.24 -4.10
N PRO A 69 -13.03 2.43 -4.14
CA PRO A 69 -13.98 1.52 -3.49
C PRO A 69 -14.06 0.18 -4.20
N ASN A 70 -13.74 0.17 -5.49
CA ASN A 70 -13.79 -1.05 -6.28
C ASN A 70 -12.46 -1.81 -6.19
N MET A 71 -11.66 -1.46 -5.18
CA MET A 71 -10.37 -2.11 -4.98
C MET A 71 -10.55 -3.51 -4.41
N PRO A 72 -10.07 -4.52 -5.14
CA PRO A 72 -10.16 -5.91 -4.71
C PRO A 72 -9.25 -6.22 -3.52
N CYS A 73 -9.46 -7.38 -2.90
CA CYS A 73 -8.65 -7.79 -1.76
C CYS A 73 -8.36 -9.29 -1.81
N THR A 74 -7.10 -9.65 -1.58
CA THR A 74 -6.68 -11.04 -1.60
C THR A 74 -5.61 -11.32 -0.56
N ARG A 75 -6.03 -11.91 0.56
CA ARG A 75 -5.10 -12.24 1.64
C ARG A 75 -4.41 -13.58 1.40
N THR A 76 -3.08 -13.58 1.50
CA THR A 76 -2.32 -14.80 1.29
C THR A 76 -1.41 -15.09 2.48
N GLY A 77 -1.21 -16.38 2.76
CA GLY A 77 -0.36 -16.77 3.87
C GLY A 77 -0.90 -16.28 5.20
N LYS A 78 -0.01 -15.89 6.10
CA LYS A 78 -0.40 -15.40 7.42
C LYS A 78 0.03 -13.96 7.61
N ASN A 79 1.19 -13.60 7.08
CA ASN A 79 1.71 -12.24 7.19
C ASN A 79 1.80 -11.57 5.82
N ASN A 80 1.16 -12.19 4.82
CA ASN A 80 1.17 -11.66 3.46
C ASN A 80 -0.23 -11.25 3.04
N VAL A 81 -0.30 -10.23 2.18
CA VAL A 81 -1.59 -9.74 1.68
C VAL A 81 -1.43 -9.10 0.30
N LEU A 82 -2.19 -9.62 -0.66
CA LEU A 82 -2.15 -9.11 -2.03
C LEU A 82 -3.20 -8.02 -2.24
N ILE A 83 -2.92 -7.11 -3.15
CA ILE A 83 -3.85 -6.02 -3.46
C ILE A 83 -3.60 -5.45 -4.84
N VAL A 84 -4.64 -4.91 -5.46
CA VAL A 84 -4.52 -4.32 -6.79
C VAL A 84 -4.62 -2.80 -6.73
N CYS A 85 -3.58 -2.12 -7.20
CA CYS A 85 -3.55 -0.66 -7.21
C CYS A 85 -2.62 -0.14 -8.30
N VAL A 86 -2.84 1.10 -8.70
CA VAL A 86 -2.03 1.73 -9.74
C VAL A 86 -0.77 2.36 -9.15
N PRO A 87 0.40 1.94 -9.66
CA PRO A 87 1.69 2.45 -9.20
C PRO A 87 1.92 3.90 -9.62
N ASN A 88 2.33 4.73 -8.66
CA ASN A 88 2.59 6.14 -8.92
C ASN A 88 3.90 6.58 -8.29
N PRO A 89 4.89 6.91 -9.13
CA PRO A 89 4.73 6.85 -10.58
C PRO A 89 4.64 5.42 -11.11
N PRO A 90 4.29 5.28 -12.39
CA PRO A 90 4.15 3.96 -13.03
C PRO A 90 5.50 3.27 -13.21
N ILE A 91 5.48 1.94 -13.24
CA ILE A 91 6.69 1.16 -13.40
C ILE A 91 6.93 0.82 -14.88
N ASP A 92 5.86 0.48 -15.58
CA ASP A 92 5.94 0.14 -16.99
C ASP A 92 5.21 1.17 -17.84
N GLU A 93 5.96 1.85 -18.70
CA GLU A 93 5.37 2.86 -19.58
C GLU A 93 4.33 2.25 -20.51
N LYS A 94 4.67 1.11 -21.10
CA LYS A 94 3.77 0.41 -22.01
C LYS A 94 2.32 0.58 -21.57
N ASN A 95 2.07 0.44 -20.27
CA ASN A 95 0.72 0.58 -19.73
C ASN A 95 0.77 1.02 -18.27
N ALA A 96 0.51 2.30 -18.04
CA ALA A 96 0.52 2.86 -16.69
C ALA A 96 -0.88 2.81 -16.07
N THR A 97 -1.82 3.50 -16.71
CA THR A 97 -3.19 3.54 -16.22
C THR A 97 -3.59 2.20 -15.59
N MET A 98 -3.21 1.11 -16.24
CA MET A 98 -3.52 -0.23 -15.74
C MET A 98 -2.82 -0.49 -14.41
N PRO A 99 -3.59 -1.00 -13.43
CA PRO A 99 -3.05 -1.31 -12.10
C PRO A 99 -2.11 -2.50 -12.11
N VAL A 100 -1.42 -2.72 -11.00
CA VAL A 100 -0.48 -3.83 -10.88
C VAL A 100 -0.64 -4.53 -9.54
N THR A 101 -0.28 -5.81 -9.50
CA THR A 101 -0.36 -6.60 -8.28
C THR A 101 0.69 -6.17 -7.27
N MET A 102 0.27 -5.97 -6.02
CA MET A 102 1.19 -5.57 -4.96
C MET A 102 0.98 -6.41 -3.72
N LEU A 103 2.07 -6.99 -3.21
CA LEU A 103 2.01 -7.83 -2.02
C LEU A 103 2.62 -7.11 -0.82
N ILE A 104 1.97 -7.25 0.33
CA ILE A 104 2.46 -6.61 1.55
C ILE A 104 2.77 -7.65 2.63
N ARG A 105 4.03 -7.73 3.02
CA ARG A 105 4.46 -8.68 4.05
C ARG A 105 4.93 -7.95 5.31
N VAL A 106 4.07 -7.95 6.33
CA VAL A 106 4.40 -7.29 7.59
C VAL A 106 5.15 -8.23 8.51
N LYS A 107 5.53 -7.72 9.69
CA LYS A 107 6.25 -8.51 10.67
C LYS A 107 5.31 -9.46 11.41
N THR A 108 4.41 -8.88 12.21
CA THR A 108 3.45 -9.68 12.97
C THR A 108 2.25 -10.06 12.12
N SER A 109 1.63 -11.19 12.44
CA SER A 109 0.46 -11.66 11.70
C SER A 109 -0.72 -10.71 11.88
N GLU A 110 -0.98 -10.32 13.12
CA GLU A 110 -2.08 -9.43 13.43
C GLU A 110 -1.98 -8.14 12.61
N ASP A 111 -0.75 -7.77 12.26
CA ASP A 111 -0.51 -6.56 11.47
C ASP A 111 -1.09 -6.71 10.07
N ALA A 112 -0.66 -7.77 9.38
CA ALA A 112 -1.13 -8.02 8.02
C ALA A 112 -2.65 -7.92 7.94
N ASP A 113 -3.34 -8.75 8.72
CA ASP A 113 -4.80 -8.75 8.73
C ASP A 113 -5.35 -7.36 9.04
N GLU A 114 -4.73 -6.69 10.00
CA GLU A 114 -5.15 -5.35 10.39
C GLU A 114 -5.13 -4.40 9.19
N LEU A 115 -4.14 -4.57 8.32
CA LEU A 115 -4.02 -3.74 7.13
C LEU A 115 -5.13 -4.03 6.14
N HIS A 116 -5.23 -5.28 5.72
CA HIS A 116 -6.26 -5.70 4.76
C HIS A 116 -7.64 -5.24 5.23
N LYS A 117 -7.91 -5.40 6.52
CA LYS A 117 -9.19 -5.01 7.09
C LYS A 117 -9.43 -3.52 6.89
N ILE A 118 -8.64 -2.70 7.57
CA ILE A 118 -8.78 -1.25 7.46
C ILE A 118 -9.10 -0.83 6.03
N LEU A 119 -8.26 -1.25 5.09
CA LEU A 119 -8.44 -0.92 3.68
C LEU A 119 -9.89 -1.12 3.27
N LEU A 120 -10.42 -2.32 3.53
CA LEU A 120 -11.80 -2.63 3.18
C LEU A 120 -12.75 -1.53 3.65
N GLU A 121 -12.44 -0.94 4.79
CA GLU A 121 -13.26 0.14 5.34
C GLU A 121 -13.04 1.44 4.58
N LYS A 122 -11.80 1.89 4.53
CA LYS A 122 -11.45 3.11 3.82
C LYS A 122 -12.04 3.11 2.41
N LYS A 123 -11.85 2.00 1.71
CA LYS A 123 -12.36 1.86 0.35
C LYS A 123 -13.88 1.98 0.31
N ASP A 124 -14.53 1.33 1.26
CA ASP A 124 -15.99 1.36 1.33
C ASP A 124 -16.51 2.79 1.28
N ALA A 125 -15.92 3.66 2.10
CA ALA A 125 -16.32 5.07 2.15
C ALA A 125 -15.32 5.94 1.40
N GLU A 8 3.68 2.43 20.76
CA GLU A 8 4.77 3.39 20.87
C GLU A 8 4.75 4.37 19.70
N VAL A 9 3.61 4.45 19.02
CA VAL A 9 3.47 5.36 17.89
C VAL A 9 3.35 6.80 18.34
N LYS A 10 3.61 7.74 17.43
CA LYS A 10 3.53 9.16 17.74
C LYS A 10 2.34 9.80 17.03
N GLU A 11 2.05 11.04 17.40
CA GLU A 11 0.93 11.77 16.81
C GLU A 11 1.29 12.27 15.41
N GLU A 12 0.71 11.62 14.40
CA GLU A 12 0.97 12.00 13.01
C GLU A 12 -0.34 12.04 12.21
N ASP A 13 -0.26 12.58 11.00
CA ASP A 13 -1.43 12.69 10.13
C ASP A 13 -2.08 11.33 9.93
N ALA A 14 -1.25 10.31 9.66
CA ALA A 14 -1.75 8.96 9.45
C ALA A 14 -1.90 8.21 10.77
N PHE A 15 -3.07 7.64 11.00
CA PHE A 15 -3.34 6.89 12.22
C PHE A 15 -2.64 5.53 12.19
N TYR A 16 -2.82 4.80 11.09
CA TYR A 16 -2.22 3.48 10.95
C TYR A 16 -0.78 3.60 10.44
N SER A 17 0.17 3.30 11.33
CA SER A 17 1.58 3.37 10.98
C SER A 17 2.29 2.06 11.30
N LYS A 18 2.65 1.32 10.26
CA LYS A 18 3.32 0.04 10.42
C LYS A 18 4.30 -0.21 9.28
N LYS A 19 5.50 -0.68 9.61
CA LYS A 19 6.51 -0.97 8.61
C LYS A 19 6.12 -2.19 7.77
N CYS A 20 6.40 -2.12 6.47
CA CYS A 20 6.08 -3.21 5.56
C CYS A 20 6.86 -3.08 4.25
N LYS A 21 6.99 -4.19 3.54
CA LYS A 21 7.71 -4.20 2.28
C LYS A 21 6.77 -4.04 1.10
N LEU A 22 7.33 -3.80 -0.08
CA LEU A 22 6.53 -3.63 -1.29
C LEU A 22 7.10 -4.44 -2.44
N PHE A 23 6.23 -5.13 -3.16
CA PHE A 23 6.64 -5.95 -4.29
C PHE A 23 5.64 -5.84 -5.44
N TYR A 24 6.12 -6.07 -6.66
CA TYR A 24 5.27 -5.99 -7.84
C TYR A 24 5.50 -7.19 -8.76
N LYS A 25 4.49 -7.54 -9.53
CA LYS A 25 4.59 -8.66 -10.46
C LYS A 25 5.09 -8.21 -11.82
N LYS A 26 6.28 -8.67 -12.18
CA LYS A 26 6.89 -8.30 -13.45
C LYS A 26 7.59 -9.50 -14.09
N ASP A 27 7.24 -9.81 -15.33
CA ASP A 27 7.84 -10.93 -16.04
C ASP A 27 7.60 -12.24 -15.30
N ASN A 28 6.40 -12.38 -14.74
CA ASN A 28 6.05 -13.59 -14.00
C ASN A 28 6.95 -13.77 -12.79
N GLU A 29 7.24 -12.68 -12.09
CA GLU A 29 8.11 -12.73 -10.92
C GLU A 29 7.84 -11.55 -9.99
N PHE A 30 8.25 -11.68 -8.74
CA PHE A 30 8.04 -10.63 -7.74
C PHE A 30 9.36 -9.92 -7.42
N LYS A 31 9.42 -8.63 -7.73
CA LYS A 31 10.62 -7.85 -7.48
C LYS A 31 10.40 -6.89 -6.31
N GLU A 32 11.49 -6.53 -5.64
CA GLU A 32 11.40 -5.61 -4.50
C GLU A 32 11.43 -4.16 -4.96
N LYS A 33 10.34 -3.45 -4.70
CA LYS A 33 10.24 -2.04 -5.09
C LYS A 33 11.07 -1.16 -4.16
N GLY A 34 11.02 -1.46 -2.87
CA GLY A 34 11.77 -0.68 -1.90
C GLY A 34 11.16 -0.73 -0.52
N ILE A 35 11.99 -1.00 0.49
CA ILE A 35 11.52 -1.08 1.86
C ILE A 35 11.20 0.30 2.42
N GLY A 36 10.17 0.37 3.25
CA GLY A 36 9.77 1.64 3.84
C GLY A 36 8.65 1.49 4.85
N THR A 37 7.89 2.56 5.04
CA THR A 37 6.78 2.54 5.99
C THR A 37 5.48 2.99 5.32
N LEU A 38 4.37 2.38 5.72
CA LEU A 38 3.07 2.71 5.16
C LEU A 38 2.28 3.61 6.11
N HIS A 39 1.59 4.60 5.54
CA HIS A 39 0.80 5.52 6.34
C HIS A 39 -0.55 5.79 5.68
N LEU A 40 -1.62 5.44 6.38
CA LEU A 40 -2.97 5.63 5.86
C LEU A 40 -3.55 6.96 6.33
N LYS A 41 -3.63 7.93 5.41
CA LYS A 41 -4.16 9.24 5.74
C LYS A 41 -5.54 9.44 5.12
N PRO A 42 -6.54 9.71 5.97
CA PRO A 42 -7.92 9.93 5.54
C PRO A 42 -8.08 11.23 4.77
N THR A 43 -9.23 11.38 4.11
CA THR A 43 -9.53 12.58 3.33
C THR A 43 -10.87 13.19 3.72
N ALA A 44 -11.14 14.39 3.23
CA ALA A 44 -12.38 15.07 3.52
C ALA A 44 -13.56 14.40 2.84
N ASN A 45 -13.26 13.64 1.78
CA ASN A 45 -14.30 12.94 1.03
C ASN A 45 -14.59 11.58 1.66
N GLN A 46 -14.19 11.40 2.90
CA GLN A 46 -14.40 10.15 3.61
C GLN A 46 -13.66 9.00 2.93
N LYS A 47 -12.49 9.31 2.39
CA LYS A 47 -11.68 8.30 1.71
C LYS A 47 -10.30 8.17 2.37
N THR A 48 -9.50 7.23 1.87
CA THR A 48 -8.17 7.01 2.42
C THR A 48 -7.13 6.97 1.31
N GLN A 49 -6.03 7.70 1.50
CA GLN A 49 -4.96 7.75 0.52
C GLN A 49 -3.78 6.88 0.96
N LEU A 50 -3.34 6.00 0.07
CA LEU A 50 -2.21 5.12 0.37
C LEU A 50 -0.89 5.81 0.09
N LEU A 51 -0.02 5.84 1.10
CA LEU A 51 1.29 6.47 0.97
C LEU A 51 2.36 5.67 1.69
N VAL A 52 3.48 5.46 1.03
CA VAL A 52 4.59 4.70 1.61
C VAL A 52 5.90 5.49 1.52
N ARG A 53 6.49 5.78 2.68
CA ARG A 53 7.74 6.52 2.74
C ARG A 53 8.93 5.58 2.59
N ALA A 54 10.02 6.09 2.00
CA ALA A 54 11.22 5.31 1.81
C ALA A 54 12.06 5.26 3.08
N ASP A 55 12.92 4.26 3.18
CA ASP A 55 13.78 4.09 4.34
C ASP A 55 15.16 4.69 4.09
N THR A 56 15.70 4.44 2.89
CA THR A 56 17.01 4.96 2.52
C THR A 56 17.09 6.47 2.70
N ASN A 57 18.27 6.96 3.01
CA ASN A 57 18.48 8.40 3.20
C ASN A 57 17.60 9.20 2.25
N LEU A 58 17.51 8.76 1.00
CA LEU A 58 16.69 9.43 0.00
C LEU A 58 15.22 9.43 0.40
N GLY A 59 14.65 10.62 0.55
CA GLY A 59 13.26 10.73 0.93
C GLY A 59 12.33 10.72 -0.27
N ASN A 60 12.57 9.78 -1.19
CA ASN A 60 11.74 9.67 -2.39
C ASN A 60 10.60 8.69 -2.17
N ILE A 61 9.37 9.17 -2.40
CA ILE A 61 8.20 8.33 -2.23
C ILE A 61 8.29 7.06 -3.07
N LEU A 62 7.74 5.97 -2.55
CA LEU A 62 7.77 4.69 -3.25
C LEU A 62 6.46 4.46 -3.99
N LEU A 63 5.35 4.69 -3.31
CA LEU A 63 4.03 4.51 -3.92
C LEU A 63 2.99 5.40 -3.24
N ASN A 64 2.49 6.39 -3.99
CA ASN A 64 1.50 7.31 -3.47
C ASN A 64 0.26 7.34 -4.37
N VAL A 65 -0.80 6.66 -3.93
CA VAL A 65 -2.04 6.62 -4.69
C VAL A 65 -3.25 6.62 -3.76
N LEU A 66 -4.35 7.18 -4.24
CA LEU A 66 -5.58 7.26 -3.46
C LEU A 66 -6.47 6.05 -3.72
N ILE A 67 -6.90 5.39 -2.65
CA ILE A 67 -7.75 4.20 -2.76
C ILE A 67 -9.03 4.54 -3.51
N PRO A 68 -9.20 3.94 -4.70
CA PRO A 68 -10.37 4.15 -5.55
C PRO A 68 -11.63 3.52 -4.96
N PRO A 69 -12.79 3.87 -5.54
CA PRO A 69 -14.08 3.33 -5.08
C PRO A 69 -14.25 1.86 -5.40
N ASN A 70 -13.43 1.35 -6.33
CA ASN A 70 -13.48 -0.04 -6.72
C ASN A 70 -12.09 -0.67 -6.73
N MET A 71 -11.81 -1.48 -5.71
CA MET A 71 -10.52 -2.14 -5.60
C MET A 71 -10.67 -3.54 -5.02
N PRO A 72 -10.14 -4.54 -5.74
CA PRO A 72 -10.21 -5.95 -5.31
C PRO A 72 -9.32 -6.22 -4.11
N CYS A 73 -9.68 -7.26 -3.34
CA CYS A 73 -8.92 -7.63 -2.16
C CYS A 73 -8.70 -9.13 -2.11
N THR A 74 -7.47 -9.53 -1.79
CA THR A 74 -7.12 -10.95 -1.71
C THR A 74 -6.10 -11.20 -0.60
N ARG A 75 -6.57 -11.73 0.52
CA ARG A 75 -5.70 -12.02 1.65
C ARG A 75 -4.92 -13.31 1.41
N THR A 76 -3.61 -13.17 1.15
CA THR A 76 -2.76 -14.31 0.90
C THR A 76 -1.81 -14.56 2.07
N GLY A 77 -1.25 -15.76 2.13
CA GLY A 77 -0.33 -16.10 3.20
C GLY A 77 -0.89 -15.76 4.57
N LYS A 78 0.00 -15.63 5.55
CA LYS A 78 -0.41 -15.31 6.92
C LYS A 78 -0.30 -13.81 7.18
N ASN A 79 0.82 -13.23 6.76
CA ASN A 79 1.05 -11.80 6.95
C ASN A 79 1.18 -11.08 5.60
N ASN A 80 0.75 -11.75 4.54
CA ASN A 80 0.82 -11.18 3.20
C ASN A 80 -0.54 -10.62 2.78
N VAL A 81 -0.53 -9.42 2.20
CA VAL A 81 -1.76 -8.78 1.75
C VAL A 81 -1.67 -8.40 0.28
N LEU A 82 -2.38 -9.15 -0.56
CA LEU A 82 -2.39 -8.89 -2.00
C LEU A 82 -3.44 -7.86 -2.37
N ILE A 83 -3.02 -6.83 -3.09
CA ILE A 83 -3.94 -5.77 -3.51
C ILE A 83 -3.59 -5.27 -4.91
N VAL A 84 -4.61 -4.91 -5.68
CA VAL A 84 -4.42 -4.41 -7.03
C VAL A 84 -4.62 -2.90 -7.10
N CYS A 85 -3.59 -2.19 -7.52
CA CYS A 85 -3.65 -0.73 -7.62
C CYS A 85 -2.66 -0.22 -8.66
N VAL A 86 -2.86 1.02 -9.10
CA VAL A 86 -1.99 1.64 -10.10
C VAL A 86 -0.71 2.16 -9.46
N PRO A 87 0.44 1.67 -9.94
CA PRO A 87 1.75 2.08 -9.42
C PRO A 87 2.09 3.52 -9.79
N ASN A 88 2.27 4.35 -8.78
CA ASN A 88 2.61 5.76 -8.99
C ASN A 88 3.92 6.12 -8.29
N PRO A 89 4.93 6.48 -9.10
CA PRO A 89 4.81 6.52 -10.55
C PRO A 89 4.69 5.12 -11.17
N PRO A 90 4.29 5.08 -12.44
CA PRO A 90 4.13 3.82 -13.18
C PRO A 90 5.46 3.13 -13.46
N ILE A 91 5.48 1.80 -13.31
CA ILE A 91 6.70 1.04 -13.56
C ILE A 91 6.94 0.85 -15.05
N ASP A 92 5.88 0.54 -15.79
CA ASP A 92 5.99 0.34 -17.23
C ASP A 92 5.40 1.54 -17.99
N GLU A 93 5.97 1.84 -19.14
CA GLU A 93 5.52 2.95 -19.96
C GLU A 93 4.44 2.50 -20.94
N LYS A 94 4.65 1.32 -21.54
CA LYS A 94 3.70 0.77 -22.49
C LYS A 94 2.27 0.86 -21.97
N ASN A 95 2.13 0.80 -20.65
CA ASN A 95 0.81 0.89 -20.02
C ASN A 95 0.92 1.33 -18.56
N ALA A 96 0.61 2.59 -18.31
CA ALA A 96 0.69 3.15 -16.96
C ALA A 96 -0.66 3.02 -16.26
N THR A 97 -1.69 3.62 -16.84
CA THR A 97 -3.02 3.57 -16.26
C THR A 97 -3.36 2.19 -15.74
N MET A 98 -3.00 1.17 -16.52
CA MET A 98 -3.26 -0.22 -16.14
C MET A 98 -2.59 -0.55 -14.81
N PRO A 99 -3.39 -1.03 -13.85
CA PRO A 99 -2.90 -1.40 -12.52
C PRO A 99 -2.02 -2.64 -12.56
N VAL A 100 -1.27 -2.86 -11.47
CA VAL A 100 -0.39 -4.02 -11.39
C VAL A 100 -0.54 -4.72 -10.03
N THR A 101 -0.16 -5.99 -9.98
CA THR A 101 -0.26 -6.77 -8.76
C THR A 101 0.81 -6.35 -7.75
N MET A 102 0.36 -5.86 -6.59
CA MET A 102 1.28 -5.43 -5.56
C MET A 102 1.06 -6.23 -4.27
N LEU A 103 2.15 -6.63 -3.64
CA LEU A 103 2.09 -7.40 -2.40
C LEU A 103 2.73 -6.64 -1.25
N ILE A 104 2.10 -6.70 -0.08
CA ILE A 104 2.62 -6.01 1.10
C ILE A 104 2.71 -6.97 2.29
N ARG A 105 3.86 -6.97 2.95
CA ARG A 105 4.08 -7.84 4.10
C ARG A 105 4.33 -7.01 5.36
N VAL A 106 3.87 -7.51 6.50
CA VAL A 106 4.04 -6.82 7.78
C VAL A 106 4.78 -7.70 8.77
N LYS A 107 5.31 -7.09 9.82
CA LYS A 107 6.04 -7.81 10.85
C LYS A 107 5.16 -8.90 11.47
N THR A 108 4.05 -8.49 12.08
CA THR A 108 3.13 -9.42 12.70
C THR A 108 1.91 -9.68 11.82
N SER A 109 1.23 -10.80 12.06
CA SER A 109 0.05 -11.15 11.29
C SER A 109 -1.09 -10.17 11.55
N GLU A 110 -1.33 -9.88 12.82
CA GLU A 110 -2.40 -8.96 13.20
C GLU A 110 -2.33 -7.67 12.39
N ASP A 111 -1.12 -7.31 11.98
CA ASP A 111 -0.90 -6.10 11.20
C ASP A 111 -1.46 -6.27 9.78
N ALA A 112 -1.26 -7.45 9.21
CA ALA A 112 -1.73 -7.74 7.86
C ALA A 112 -3.25 -7.64 7.80
N ASP A 113 -3.93 -8.41 8.64
CA ASP A 113 -5.39 -8.42 8.68
C ASP A 113 -5.93 -7.01 8.96
N GLU A 114 -5.33 -6.35 9.94
CA GLU A 114 -5.75 -5.00 10.31
C GLU A 114 -5.51 -4.02 9.17
N LEU A 115 -4.24 -3.83 8.82
CA LEU A 115 -3.87 -2.91 7.74
C LEU A 115 -4.87 -3.01 6.58
N HIS A 116 -5.29 -4.23 6.26
CA HIS A 116 -6.22 -4.46 5.18
C HIS A 116 -7.65 -4.07 5.61
N LYS A 117 -7.99 -4.38 6.85
CA LYS A 117 -9.30 -4.06 7.38
C LYS A 117 -9.63 -2.59 7.20
N ILE A 118 -8.79 -1.73 7.77
CA ILE A 118 -8.98 -0.29 7.67
C ILE A 118 -9.19 0.13 6.23
N LEU A 119 -8.17 -0.08 5.40
CA LEU A 119 -8.24 0.28 3.98
C LEU A 119 -9.44 -0.38 3.33
N LEU A 120 -9.79 -1.58 3.78
CA LEU A 120 -10.91 -2.31 3.23
C LEU A 120 -12.24 -1.65 3.60
N GLU A 121 -12.24 -0.95 4.73
CA GLU A 121 -13.44 -0.27 5.21
C GLU A 121 -13.55 1.13 4.60
N LYS A 122 -12.40 1.79 4.44
CA LYS A 122 -12.36 3.13 3.88
C LYS A 122 -12.62 3.09 2.37
N LYS A 123 -11.98 2.14 1.70
CA LYS A 123 -12.14 1.99 0.25
C LYS A 123 -13.62 1.96 -0.13
N ASP A 124 -14.42 1.29 0.68
CA ASP A 124 -15.86 1.19 0.43
C ASP A 124 -16.58 2.45 0.89
N ALA A 125 -16.24 2.92 2.08
CA ALA A 125 -16.86 4.12 2.63
C ALA A 125 -15.83 5.25 2.79
N GLU A 8 2.84 13.16 20.51
CA GLU A 8 3.62 13.44 19.31
C GLU A 8 2.72 13.59 18.09
N VAL A 9 3.10 14.48 17.18
CA VAL A 9 2.33 14.73 15.97
C VAL A 9 3.20 14.65 14.73
N LYS A 10 2.57 14.42 13.58
CA LYS A 10 3.31 14.32 12.32
C LYS A 10 2.76 15.33 11.31
N GLU A 11 3.54 15.57 10.25
CA GLU A 11 3.13 16.51 9.21
C GLU A 11 2.41 15.79 8.07
N GLU A 12 2.14 14.50 8.26
CA GLU A 12 1.47 13.70 7.27
C GLU A 12 0.02 13.42 7.67
N ASP A 13 -0.32 13.77 8.91
CA ASP A 13 -1.67 13.56 9.43
C ASP A 13 -2.10 12.12 9.24
N ALA A 14 -1.14 11.20 9.33
CA ALA A 14 -1.43 9.77 9.17
C ALA A 14 -1.81 9.13 10.50
N PHE A 15 -2.80 8.26 10.47
CA PHE A 15 -3.26 7.57 11.68
C PHE A 15 -2.64 6.18 11.78
N TYR A 16 -2.66 5.45 10.67
CA TYR A 16 -2.10 4.10 10.63
C TYR A 16 -0.67 4.12 10.11
N SER A 17 0.24 3.55 10.90
CA SER A 17 1.65 3.50 10.53
C SER A 17 2.26 2.15 10.92
N LYS A 18 2.74 1.42 9.92
CA LYS A 18 3.36 0.12 10.15
C LYS A 18 4.47 -0.14 9.14
N LYS A 19 5.54 -0.80 9.60
CA LYS A 19 6.67 -1.12 8.73
C LYS A 19 6.43 -2.44 8.01
N CYS A 20 6.55 -2.40 6.68
CA CYS A 20 6.35 -3.59 5.86
C CYS A 20 7.11 -3.48 4.54
N LYS A 21 7.11 -4.56 3.77
CA LYS A 21 7.79 -4.59 2.48
C LYS A 21 6.80 -4.49 1.33
N LEU A 22 7.30 -4.20 0.14
CA LEU A 22 6.45 -4.09 -1.04
C LEU A 22 7.02 -4.89 -2.21
N PHE A 23 6.15 -5.59 -2.92
CA PHE A 23 6.58 -6.40 -4.06
C PHE A 23 5.57 -6.29 -5.20
N TYR A 24 6.07 -5.97 -6.39
CA TYR A 24 5.23 -5.83 -7.57
C TYR A 24 5.48 -6.96 -8.56
N LYS A 25 4.42 -7.38 -9.24
CA LYS A 25 4.51 -8.46 -10.22
C LYS A 25 4.91 -7.91 -11.58
N LYS A 26 6.11 -8.27 -12.04
CA LYS A 26 6.61 -7.82 -13.33
C LYS A 26 7.31 -8.96 -14.08
N ASP A 27 6.88 -9.20 -15.31
CA ASP A 27 7.47 -10.25 -16.13
C ASP A 27 7.27 -11.61 -15.48
N ASN A 28 6.08 -11.83 -14.92
CA ASN A 28 5.76 -13.09 -14.27
C ASN A 28 6.74 -13.39 -13.13
N GLU A 29 7.03 -12.37 -12.33
CA GLU A 29 7.95 -12.51 -11.22
C GLU A 29 7.75 -11.39 -10.20
N PHE A 30 8.08 -11.68 -8.94
CA PHE A 30 7.93 -10.70 -7.87
C PHE A 30 9.26 -9.99 -7.61
N LYS A 31 9.23 -8.66 -7.63
CA LYS A 31 10.43 -7.86 -7.41
C LYS A 31 10.21 -6.88 -6.25
N GLU A 32 11.20 -6.79 -5.36
CA GLU A 32 11.11 -5.90 -4.22
C GLU A 32 11.07 -4.44 -4.67
N LYS A 33 9.99 -3.75 -4.30
CA LYS A 33 9.83 -2.34 -4.68
C LYS A 33 10.69 -1.44 -3.79
N GLY A 34 10.75 -1.76 -2.50
CA GLY A 34 11.54 -0.97 -1.58
C GLY A 34 11.00 -1.04 -0.16
N ILE A 35 11.90 -1.21 0.81
CA ILE A 35 11.51 -1.29 2.20
C ILE A 35 11.23 0.10 2.77
N GLY A 36 10.02 0.27 3.31
CA GLY A 36 9.64 1.56 3.87
C GLY A 36 8.51 1.44 4.88
N THR A 37 7.79 2.53 5.09
CA THR A 37 6.67 2.54 6.03
C THR A 37 5.44 3.18 5.42
N LEU A 38 4.30 2.52 5.56
CA LEU A 38 3.04 3.03 5.03
C LEU A 38 2.36 3.98 6.01
N HIS A 39 1.68 4.98 5.48
CA HIS A 39 0.99 5.96 6.31
C HIS A 39 -0.34 6.37 5.68
N LEU A 40 -1.43 6.10 6.38
CA LEU A 40 -2.76 6.44 5.90
C LEU A 40 -3.31 7.67 6.61
N LYS A 41 -3.79 8.63 5.84
CA LYS A 41 -4.34 9.87 6.40
C LYS A 41 -5.65 10.24 5.71
N PRO A 42 -6.63 10.70 6.51
CA PRO A 42 -7.94 11.11 5.99
C PRO A 42 -7.87 12.38 5.15
N THR A 43 -8.54 12.35 4.00
CA THR A 43 -8.54 13.51 3.10
C THR A 43 -9.70 14.45 3.44
N ALA A 44 -9.58 15.70 3.00
CA ALA A 44 -10.62 16.69 3.25
C ALA A 44 -12.00 16.09 3.09
N ASN A 45 -12.11 15.09 2.22
CA ASN A 45 -13.39 14.44 1.97
C ASN A 45 -13.46 13.09 2.69
N GLN A 46 -14.57 12.38 2.50
CA GLN A 46 -14.75 11.08 3.14
C GLN A 46 -13.91 10.01 2.45
N LYS A 47 -13.01 10.46 1.57
CA LYS A 47 -12.13 9.54 0.85
C LYS A 47 -10.91 9.17 1.68
N THR A 48 -10.10 8.26 1.17
CA THR A 48 -8.89 7.82 1.87
C THR A 48 -7.69 7.84 0.95
N GLN A 49 -6.60 8.47 1.40
CA GLN A 49 -5.38 8.55 0.61
C GLN A 49 -4.35 7.54 1.09
N LEU A 50 -3.47 7.11 0.19
CA LEU A 50 -2.44 6.14 0.51
C LEU A 50 -1.05 6.71 0.23
N LEU A 51 -0.19 6.70 1.24
CA LEU A 51 1.17 7.21 1.11
C LEU A 51 2.17 6.28 1.78
N VAL A 52 3.24 5.95 1.07
CA VAL A 52 4.29 5.08 1.60
C VAL A 52 5.66 5.75 1.55
N ARG A 53 6.30 5.85 2.70
CA ARG A 53 7.62 6.46 2.79
C ARG A 53 8.72 5.43 2.65
N ALA A 54 9.82 5.82 2.01
CA ALA A 54 10.95 4.92 1.80
C ALA A 54 11.96 5.05 2.94
N ASP A 55 12.46 3.91 3.41
CA ASP A 55 13.44 3.89 4.49
C ASP A 55 14.86 3.95 3.94
N THR A 56 15.17 3.05 3.00
CA THR A 56 16.49 2.99 2.40
C THR A 56 16.87 4.34 1.80
N ASN A 57 15.92 4.99 1.13
CA ASN A 57 16.16 6.28 0.52
C ASN A 57 16.06 7.40 1.55
N LEU A 58 16.67 8.54 1.23
CA LEU A 58 16.66 9.69 2.13
C LEU A 58 15.23 10.06 2.51
N GLY A 59 14.35 10.10 1.51
CA GLY A 59 12.95 10.44 1.76
C GLY A 59 12.12 10.44 0.50
N ASN A 60 12.33 9.43 -0.34
CA ASN A 60 11.59 9.32 -1.60
C ASN A 60 10.36 8.44 -1.43
N ILE A 61 9.21 8.93 -1.88
CA ILE A 61 7.97 8.17 -1.78
C ILE A 61 8.07 6.85 -2.52
N LEU A 62 7.39 5.84 -2.00
CA LEU A 62 7.40 4.52 -2.62
C LEU A 62 6.15 4.30 -3.48
N LEU A 63 4.99 4.66 -2.92
CA LEU A 63 3.72 4.51 -3.64
C LEU A 63 2.68 5.49 -3.09
N ASN A 64 2.24 6.39 -3.95
CA ASN A 64 1.24 7.39 -3.57
C ASN A 64 0.07 7.38 -4.54
N VAL A 65 -1.04 6.76 -4.12
CA VAL A 65 -2.23 6.68 -4.95
C VAL A 65 -3.49 6.86 -4.11
N LEU A 66 -4.60 7.17 -4.78
CA LEU A 66 -5.87 7.36 -4.10
C LEU A 66 -6.76 6.13 -4.23
N ILE A 67 -7.49 5.82 -3.17
CA ILE A 67 -8.39 4.66 -3.17
C ILE A 67 -9.33 4.71 -4.37
N PRO A 68 -9.12 3.79 -5.32
CA PRO A 68 -9.94 3.69 -6.54
C PRO A 68 -11.35 3.20 -6.24
N PRO A 69 -12.22 3.28 -7.24
CA PRO A 69 -13.62 2.84 -7.12
C PRO A 69 -13.75 1.33 -7.00
N ASN A 70 -12.67 0.62 -7.32
CA ASN A 70 -12.66 -0.83 -7.26
C ASN A 70 -11.28 -1.35 -6.89
N MET A 71 -11.19 -2.06 -5.77
CA MET A 71 -9.91 -2.61 -5.32
C MET A 71 -10.11 -4.00 -4.72
N PRO A 72 -9.77 -5.04 -5.49
CA PRO A 72 -9.91 -6.43 -5.06
C PRO A 72 -8.90 -6.80 -3.98
N CYS A 73 -9.38 -7.39 -2.89
CA CYS A 73 -8.53 -7.79 -1.78
C CYS A 73 -8.27 -9.29 -1.82
N THR A 74 -7.01 -9.67 -1.61
CA THR A 74 -6.62 -11.08 -1.62
C THR A 74 -5.55 -11.36 -0.58
N ARG A 75 -5.95 -11.94 0.55
CA ARG A 75 -5.03 -12.26 1.62
C ARG A 75 -4.39 -13.62 1.40
N THR A 76 -3.06 -13.64 1.33
CA THR A 76 -2.33 -14.88 1.12
C THR A 76 -1.23 -15.07 2.16
N GLY A 77 -1.31 -16.17 2.91
CA GLY A 77 -0.31 -16.43 3.94
C GLY A 77 -0.73 -15.91 5.30
N LYS A 78 0.25 -15.54 6.12
CA LYS A 78 -0.02 -15.02 7.45
C LYS A 78 0.48 -13.59 7.59
N ASN A 79 1.63 -13.30 6.98
CA ASN A 79 2.22 -11.98 7.03
C ASN A 79 2.31 -11.35 5.64
N ASN A 80 1.54 -11.92 4.70
CA ASN A 80 1.53 -11.43 3.33
C ASN A 80 0.11 -11.19 2.84
N VAL A 81 -0.11 -10.08 2.16
CA VAL A 81 -1.42 -9.73 1.63
C VAL A 81 -1.32 -9.13 0.24
N LEU A 82 -2.01 -9.73 -0.72
CA LEU A 82 -2.00 -9.25 -2.09
C LEU A 82 -3.09 -8.21 -2.32
N ILE A 83 -2.77 -7.16 -3.06
CA ILE A 83 -3.73 -6.10 -3.35
C ILE A 83 -3.47 -5.49 -4.73
N VAL A 84 -4.55 -5.30 -5.49
CA VAL A 84 -4.45 -4.72 -6.82
C VAL A 84 -4.68 -3.21 -6.79
N CYS A 85 -3.68 -2.45 -7.21
CA CYS A 85 -3.78 -1.00 -7.24
C CYS A 85 -2.89 -0.41 -8.32
N VAL A 86 -3.15 0.85 -8.67
CA VAL A 86 -2.37 1.54 -9.69
C VAL A 86 -1.09 2.12 -9.12
N PRO A 87 0.07 1.66 -9.62
CA PRO A 87 1.37 2.12 -9.17
C PRO A 87 1.66 3.55 -9.60
N ASN A 88 1.93 4.42 -8.62
CA ASN A 88 2.22 5.82 -8.90
C ASN A 88 3.55 6.23 -8.28
N PRO A 89 4.52 6.59 -9.13
CA PRO A 89 4.33 6.58 -10.59
C PRO A 89 4.21 5.16 -11.15
N PRO A 90 3.64 5.05 -12.36
CA PRO A 90 3.46 3.76 -13.03
C PRO A 90 4.78 3.15 -13.49
N ILE A 91 5.07 1.96 -12.99
CA ILE A 91 6.30 1.26 -13.35
C ILE A 91 6.44 1.14 -14.87
N ASP A 92 5.36 0.75 -15.54
CA ASP A 92 5.36 0.59 -16.98
C ASP A 92 4.35 1.54 -17.62
N GLU A 93 4.62 1.94 -18.86
CA GLU A 93 3.73 2.84 -19.58
C GLU A 93 2.64 2.05 -20.32
N LYS A 94 3.04 0.96 -20.95
CA LYS A 94 2.10 0.12 -21.69
C LYS A 94 0.87 -0.19 -20.84
N ASN A 95 1.10 -0.52 -19.57
CA ASN A 95 0.01 -0.84 -18.65
C ASN A 95 -0.10 0.21 -17.55
N ALA A 96 0.57 1.34 -17.75
CA ALA A 96 0.55 2.42 -16.77
C ALA A 96 -0.85 2.61 -16.20
N THR A 97 -1.80 2.95 -17.06
CA THR A 97 -3.18 3.15 -16.64
C THR A 97 -3.72 1.94 -15.89
N MET A 98 -3.43 0.76 -16.41
CA MET A 98 -3.89 -0.48 -15.79
C MET A 98 -3.10 -0.76 -14.51
N PRO A 99 -3.80 -1.24 -13.47
CA PRO A 99 -3.19 -1.56 -12.18
C PRO A 99 -2.29 -2.79 -12.25
N VAL A 100 -1.46 -2.97 -11.23
CA VAL A 100 -0.55 -4.11 -11.19
C VAL A 100 -0.65 -4.83 -9.85
N THR A 101 -0.18 -6.07 -9.82
CA THR A 101 -0.22 -6.88 -8.60
C THR A 101 0.78 -6.35 -7.57
N MET A 102 0.33 -6.25 -6.33
CA MET A 102 1.18 -5.76 -5.24
C MET A 102 1.00 -6.61 -3.98
N LEU A 103 2.06 -6.75 -3.22
CA LEU A 103 2.03 -7.54 -1.98
C LEU A 103 2.61 -6.75 -0.82
N ILE A 104 2.00 -6.89 0.36
CA ILE A 104 2.46 -6.19 1.55
C ILE A 104 2.88 -7.18 2.63
N ARG A 105 4.19 -7.29 2.84
CA ARG A 105 4.73 -8.20 3.85
C ARG A 105 5.08 -7.45 5.13
N VAL A 106 4.31 -7.68 6.18
CA VAL A 106 4.55 -7.01 7.46
C VAL A 106 5.38 -7.89 8.39
N LYS A 107 5.85 -7.31 9.49
CA LYS A 107 6.66 -8.05 10.45
C LYS A 107 5.90 -9.26 10.99
N THR A 108 4.75 -9.01 11.61
CA THR A 108 3.93 -10.08 12.16
C THR A 108 2.60 -10.18 11.44
N SER A 109 2.11 -11.40 11.27
CA SER A 109 0.84 -11.63 10.59
C SER A 109 -0.25 -10.72 11.16
N GLU A 110 -0.46 -10.80 12.47
CA GLU A 110 -1.47 -9.99 13.13
C GLU A 110 -1.51 -8.58 12.54
N ASP A 111 -0.34 -8.04 12.24
CA ASP A 111 -0.23 -6.70 11.67
C ASP A 111 -0.81 -6.67 10.26
N ALA A 112 -0.55 -7.72 9.50
CA ALA A 112 -1.05 -7.81 8.13
C ALA A 112 -2.56 -7.64 8.09
N ASP A 113 -3.27 -8.54 8.74
CA ASP A 113 -4.74 -8.50 8.78
C ASP A 113 -5.22 -7.07 9.01
N GLU A 114 -4.56 -6.37 9.92
CA GLU A 114 -4.93 -4.99 10.25
C GLU A 114 -4.94 -4.12 8.99
N LEU A 115 -3.92 -4.28 8.15
CA LEU A 115 -3.82 -3.51 6.91
C LEU A 115 -5.00 -3.79 6.00
N HIS A 116 -5.16 -5.05 5.62
CA HIS A 116 -6.26 -5.45 4.74
C HIS A 116 -7.60 -5.03 5.32
N LYS A 117 -7.74 -5.19 6.64
CA LYS A 117 -8.98 -4.82 7.32
C LYS A 117 -9.34 -3.36 7.06
N ILE A 118 -8.48 -2.46 7.51
CA ILE A 118 -8.70 -1.03 7.32
C ILE A 118 -9.05 -0.72 5.87
N LEU A 119 -8.16 -1.11 4.96
CA LEU A 119 -8.37 -0.87 3.54
C LEU A 119 -9.84 -1.00 3.17
N LEU A 120 -10.43 -2.15 3.50
CA LEU A 120 -11.84 -2.40 3.20
C LEU A 120 -12.70 -1.24 3.68
N GLU A 121 -12.44 -0.78 4.89
CA GLU A 121 -13.21 0.33 5.46
C GLU A 121 -12.87 1.64 4.75
N LYS A 122 -11.60 1.81 4.40
CA LYS A 122 -11.15 3.01 3.71
C LYS A 122 -11.55 2.99 2.24
N LYS A 123 -12.34 1.98 1.87
CA LYS A 123 -12.79 1.84 0.49
C LYS A 123 -14.28 1.50 0.44
N ASP A 124 -15.08 2.41 -0.12
CA ASP A 124 -16.51 2.20 -0.22
C ASP A 124 -17.17 2.14 1.15
N ALA A 125 -16.63 2.92 2.09
CA ALA A 125 -17.15 2.96 3.45
C ALA A 125 -18.65 3.22 3.46
N GLU A 8 -1.20 4.83 20.41
CA GLU A 8 -2.17 5.91 20.34
C GLU A 8 -1.49 7.23 19.97
N VAL A 9 -0.27 7.14 19.44
CA VAL A 9 0.48 8.32 19.05
C VAL A 9 -0.17 9.03 17.88
N LYS A 10 -0.53 10.30 18.08
CA LYS A 10 -1.17 11.09 17.04
C LYS A 10 -0.21 12.16 16.52
N GLU A 11 1.07 11.98 16.79
CA GLU A 11 2.08 12.93 16.33
C GLU A 11 2.46 12.69 14.88
N GLU A 12 1.64 11.90 14.19
CA GLU A 12 1.88 11.58 12.79
C GLU A 12 0.66 11.91 11.94
N ASP A 13 0.90 12.53 10.78
CA ASP A 13 -0.19 12.89 9.88
C ASP A 13 -1.07 11.68 9.59
N ALA A 14 -0.44 10.55 9.27
CA ALA A 14 -1.18 9.33 8.98
C ALA A 14 -1.45 8.53 10.25
N PHE A 15 -2.72 8.19 10.47
CA PHE A 15 -3.11 7.43 11.65
C PHE A 15 -2.46 6.05 11.65
N TYR A 16 -2.49 5.39 10.50
CA TYR A 16 -1.91 4.06 10.36
C TYR A 16 -0.43 4.15 10.00
N SER A 17 0.42 3.57 10.85
CA SER A 17 1.86 3.58 10.61
C SER A 17 2.48 2.25 11.00
N LYS A 18 2.87 1.48 9.98
CA LYS A 18 3.48 0.17 10.21
C LYS A 18 4.55 -0.11 9.16
N LYS A 19 5.68 -0.67 9.62
CA LYS A 19 6.78 -0.99 8.71
C LYS A 19 6.48 -2.26 7.92
N CYS A 20 6.86 -2.27 6.64
CA CYS A 20 6.63 -3.41 5.79
C CYS A 20 7.49 -3.34 4.52
N LYS A 21 7.39 -4.36 3.69
CA LYS A 21 8.16 -4.40 2.44
C LYS A 21 7.24 -4.42 1.23
N LEU A 22 7.46 -3.47 0.32
CA LEU A 22 6.66 -3.38 -0.90
C LEU A 22 7.18 -4.32 -1.98
N PHE A 23 6.27 -4.90 -2.74
CA PHE A 23 6.63 -5.82 -3.82
C PHE A 23 5.67 -5.69 -5.00
N TYR A 24 6.23 -5.60 -6.20
CA TYR A 24 5.44 -5.46 -7.42
C TYR A 24 5.70 -6.61 -8.37
N LYS A 25 4.66 -7.02 -9.10
CA LYS A 25 4.78 -8.11 -10.06
C LYS A 25 5.10 -7.59 -11.45
N LYS A 26 6.27 -7.94 -11.95
CA LYS A 26 6.70 -7.51 -13.28
C LYS A 26 7.44 -8.63 -14.00
N ASP A 27 7.19 -8.75 -15.31
CA ASP A 27 7.82 -9.77 -16.11
C ASP A 27 7.65 -11.15 -15.48
N ASN A 28 6.49 -11.38 -14.87
CA ASN A 28 6.21 -12.65 -14.23
C ASN A 28 7.17 -12.91 -13.07
N GLU A 29 7.35 -11.90 -12.22
CA GLU A 29 8.25 -12.02 -11.07
C GLU A 29 7.95 -10.93 -10.04
N PHE A 30 8.32 -11.20 -8.80
CA PHE A 30 8.10 -10.25 -7.71
C PHE A 30 9.34 -9.43 -7.43
N LYS A 31 9.27 -8.14 -7.71
CA LYS A 31 10.40 -7.24 -7.48
C LYS A 31 10.13 -6.31 -6.30
N GLU A 32 11.20 -5.87 -5.65
CA GLU A 32 11.08 -4.96 -4.51
C GLU A 32 11.02 -3.52 -4.97
N LYS A 33 9.94 -2.83 -4.59
CA LYS A 33 9.77 -1.43 -4.96
C LYS A 33 10.60 -0.52 -4.07
N GLY A 34 10.56 -0.77 -2.76
CA GLY A 34 11.32 0.04 -1.83
C GLY A 34 10.87 -0.18 -0.39
N ILE A 35 11.79 -0.65 0.44
CA ILE A 35 11.49 -0.91 1.84
C ILE A 35 11.40 0.40 2.63
N GLY A 36 10.28 0.57 3.34
CA GLY A 36 10.09 1.78 4.12
C GLY A 36 9.00 1.62 5.16
N THR A 37 8.12 2.63 5.25
CA THR A 37 7.03 2.59 6.22
C THR A 37 5.71 2.96 5.56
N LEU A 38 4.68 2.15 5.81
CA LEU A 38 3.37 2.39 5.24
C LEU A 38 2.58 3.41 6.07
N HIS A 39 1.90 4.32 5.39
CA HIS A 39 1.12 5.36 6.06
C HIS A 39 -0.26 5.49 5.42
N LEU A 40 -1.18 6.11 6.16
CA LEU A 40 -2.54 6.31 5.66
C LEU A 40 -3.13 7.61 6.18
N LYS A 41 -3.24 8.60 5.29
CA LYS A 41 -3.79 9.90 5.67
C LYS A 41 -4.92 10.31 4.72
N PRO A 42 -5.96 10.95 5.28
CA PRO A 42 -7.11 11.41 4.50
C PRO A 42 -6.77 12.56 3.57
N THR A 43 -7.31 12.50 2.35
CA THR A 43 -7.07 13.53 1.36
C THR A 43 -8.22 14.54 1.31
N ALA A 44 -8.00 15.64 0.58
CA ALA A 44 -9.02 16.67 0.46
C ALA A 44 -10.41 16.07 0.28
N ASN A 45 -10.51 15.08 -0.61
CA ASN A 45 -11.78 14.42 -0.88
C ASN A 45 -12.24 13.63 0.34
N GLN A 46 -13.42 13.02 0.23
CA GLN A 46 -13.98 12.24 1.32
C GLN A 46 -13.40 10.82 1.34
N LYS A 47 -12.30 10.63 0.62
CA LYS A 47 -11.65 9.34 0.54
C LYS A 47 -10.30 9.36 1.25
N THR A 48 -9.66 8.20 1.35
CA THR A 48 -8.36 8.09 2.00
C THR A 48 -7.25 7.87 0.98
N GLN A 49 -6.10 8.51 1.20
CA GLN A 49 -4.97 8.38 0.30
C GLN A 49 -3.89 7.50 0.91
N LEU A 50 -3.14 6.81 0.07
CA LEU A 50 -2.08 5.92 0.52
C LEU A 50 -0.72 6.41 0.03
N LEU A 51 0.20 6.64 0.97
CA LEU A 51 1.53 7.11 0.64
C LEU A 51 2.59 6.38 1.47
N VAL A 52 3.49 5.68 0.79
CA VAL A 52 4.56 4.94 1.46
C VAL A 52 5.87 5.72 1.42
N ARG A 53 6.44 5.94 2.60
CA ARG A 53 7.71 6.67 2.70
C ARG A 53 8.89 5.71 2.71
N ALA A 54 9.98 6.12 2.08
CA ALA A 54 11.18 5.30 2.01
C ALA A 54 11.70 4.97 3.41
N ASP A 55 12.77 4.18 3.47
CA ASP A 55 13.37 3.80 4.74
C ASP A 55 14.54 4.73 5.09
N THR A 56 15.37 5.02 4.11
CA THR A 56 16.52 5.89 4.31
C THR A 56 16.10 7.22 4.92
N ASN A 57 16.99 7.80 5.73
CA ASN A 57 16.71 9.08 6.38
C ASN A 57 16.13 10.08 5.38
N LEU A 58 16.90 10.36 4.32
CA LEU A 58 16.46 11.31 3.30
C LEU A 58 14.94 11.23 3.10
N GLY A 59 14.48 10.09 2.61
CA GLY A 59 13.05 9.91 2.39
C GLY A 59 12.63 10.33 0.99
N ASN A 60 11.76 9.54 0.37
CA ASN A 60 11.28 9.82 -0.97
C ASN A 60 9.97 9.10 -1.25
N ILE A 61 9.19 9.63 -2.20
CA ILE A 61 7.92 9.05 -2.55
C ILE A 61 8.10 7.73 -3.31
N LEU A 62 7.69 6.64 -2.69
CA LEU A 62 7.81 5.32 -3.31
C LEU A 62 6.57 4.98 -4.13
N LEU A 63 5.41 5.07 -3.48
CA LEU A 63 4.15 4.76 -4.15
C LEU A 63 3.03 5.67 -3.62
N ASN A 64 2.53 6.54 -4.48
CA ASN A 64 1.45 7.45 -4.11
C ASN A 64 0.20 7.20 -4.94
N VAL A 65 -0.83 6.67 -4.29
CA VAL A 65 -2.10 6.38 -4.97
C VAL A 65 -3.28 6.56 -4.03
N LEU A 66 -4.47 6.76 -4.60
CA LEU A 66 -5.68 6.95 -3.82
C LEU A 66 -6.53 5.68 -3.82
N ILE A 67 -7.12 5.36 -2.68
CA ILE A 67 -7.96 4.18 -2.56
C ILE A 67 -9.25 4.34 -3.35
N PRO A 68 -9.39 3.55 -4.43
CA PRO A 68 -10.56 3.57 -5.29
C PRO A 68 -11.80 3.01 -4.61
N PRO A 69 -12.96 3.19 -5.25
CA PRO A 69 -14.25 2.71 -4.72
C PRO A 69 -14.34 1.19 -4.75
N ASN A 70 -13.65 0.57 -5.70
CA ASN A 70 -13.66 -0.88 -5.83
C ASN A 70 -12.25 -1.42 -6.01
N MET A 71 -11.80 -2.22 -5.05
CA MET A 71 -10.46 -2.81 -5.09
C MET A 71 -10.49 -4.25 -4.61
N PRO A 72 -9.91 -5.16 -5.41
CA PRO A 72 -9.86 -6.59 -5.08
C PRO A 72 -8.91 -6.88 -3.92
N CYS A 73 -9.27 -7.87 -3.11
CA CYS A 73 -8.45 -8.24 -1.96
C CYS A 73 -8.15 -9.74 -1.97
N THR A 74 -6.86 -10.08 -1.93
CA THR A 74 -6.44 -11.47 -1.94
C THR A 74 -5.43 -11.75 -0.84
N ARG A 75 -5.86 -12.51 0.17
CA ARG A 75 -5.00 -12.85 1.30
C ARG A 75 -4.22 -14.13 1.01
N THR A 76 -2.89 -14.02 0.99
CA THR A 76 -2.04 -15.17 0.73
C THR A 76 -1.09 -15.43 1.90
N GLY A 77 -0.57 -16.65 1.99
CA GLY A 77 0.34 -17.00 3.06
C GLY A 77 -0.29 -16.82 4.42
N LYS A 78 0.54 -16.52 5.42
CA LYS A 78 0.06 -16.32 6.78
C LYS A 78 -0.12 -14.84 7.08
N ASN A 79 0.94 -14.06 6.88
CA ASN A 79 0.89 -12.63 7.13
C ASN A 79 1.11 -11.84 5.85
N ASN A 80 0.94 -12.51 4.71
CA ASN A 80 1.11 -11.88 3.42
C ASN A 80 -0.22 -11.41 2.85
N VAL A 81 -0.25 -10.17 2.36
CA VAL A 81 -1.46 -9.60 1.80
C VAL A 81 -1.23 -9.12 0.36
N LEU A 82 -2.02 -9.64 -0.57
CA LEU A 82 -1.90 -9.27 -1.97
C LEU A 82 -3.04 -8.33 -2.39
N ILE A 83 -2.70 -7.30 -3.13
CA ILE A 83 -3.69 -6.33 -3.61
C ILE A 83 -3.40 -5.91 -5.04
N VAL A 84 -4.41 -5.29 -5.67
CA VAL A 84 -4.26 -4.83 -7.04
C VAL A 84 -4.68 -3.37 -7.18
N CYS A 85 -3.75 -2.52 -7.61
CA CYS A 85 -4.02 -1.10 -7.79
C CYS A 85 -3.08 -0.49 -8.81
N VAL A 86 -3.49 0.64 -9.39
CA VAL A 86 -2.68 1.33 -10.37
C VAL A 86 -1.58 2.16 -9.71
N PRO A 87 -0.33 1.73 -9.89
CA PRO A 87 0.83 2.42 -9.32
C PRO A 87 1.10 3.76 -9.99
N ASN A 88 1.45 4.76 -9.18
CA ASN A 88 1.72 6.10 -9.70
C ASN A 88 3.06 6.61 -9.18
N PRO A 89 4.03 6.77 -10.10
CA PRO A 89 3.83 6.48 -11.52
C PRO A 89 3.69 4.99 -11.79
N PRO A 90 3.30 4.64 -13.03
CA PRO A 90 3.13 3.24 -13.44
C PRO A 90 4.45 2.50 -13.54
N ILE A 91 4.55 1.39 -12.81
CA ILE A 91 5.77 0.59 -12.82
C ILE A 91 6.05 0.02 -14.21
N ASP A 92 4.98 -0.37 -14.90
CA ASP A 92 5.12 -0.92 -16.24
C ASP A 92 4.50 0.01 -17.28
N GLU A 93 4.95 -0.11 -18.53
CA GLU A 93 4.43 0.72 -19.61
C GLU A 93 3.38 -0.03 -20.42
N LYS A 94 3.61 -1.32 -20.61
CA LYS A 94 2.69 -2.16 -21.38
C LYS A 94 1.33 -2.26 -20.67
N ASN A 95 1.37 -2.51 -19.37
CA ASN A 95 0.15 -2.63 -18.59
C ASN A 95 -0.11 -1.36 -17.78
N ALA A 96 0.55 -0.27 -18.18
CA ALA A 96 0.38 1.01 -17.51
C ALA A 96 -1.09 1.30 -17.22
N THR A 97 -1.88 1.42 -18.27
CA THR A 97 -3.30 1.69 -18.14
C THR A 97 -3.93 0.81 -17.07
N MET A 98 -3.62 -0.47 -17.11
CA MET A 98 -4.16 -1.42 -16.14
C MET A 98 -3.40 -1.34 -14.81
N PRO A 99 -4.01 -1.86 -13.74
CA PRO A 99 -3.40 -1.85 -12.40
C PRO A 99 -2.20 -2.79 -12.31
N VAL A 100 -1.53 -2.76 -11.16
CA VAL A 100 -0.36 -3.61 -10.93
C VAL A 100 -0.56 -4.50 -9.72
N THR A 101 0.05 -5.69 -9.76
CA THR A 101 -0.06 -6.64 -8.67
C THR A 101 0.99 -6.36 -7.58
N MET A 102 0.53 -5.88 -6.43
CA MET A 102 1.43 -5.57 -5.32
C MET A 102 1.16 -6.49 -4.14
N LEU A 103 2.17 -6.66 -3.29
CA LEU A 103 2.04 -7.52 -2.12
C LEU A 103 2.79 -6.92 -0.93
N ILE A 104 2.10 -6.83 0.21
CA ILE A 104 2.71 -6.28 1.42
C ILE A 104 3.13 -7.39 2.37
N ARG A 105 4.31 -7.24 2.96
CA ARG A 105 4.84 -8.23 3.89
C ARG A 105 5.05 -7.62 5.27
N VAL A 106 4.37 -8.17 6.27
CA VAL A 106 4.48 -7.67 7.64
C VAL A 106 5.24 -8.67 8.52
N LYS A 107 5.50 -8.27 9.76
CA LYS A 107 6.21 -9.13 10.71
C LYS A 107 5.25 -10.12 11.36
N THR A 108 4.17 -9.61 11.95
CA THR A 108 3.19 -10.44 12.61
C THR A 108 1.91 -10.56 11.77
N SER A 109 1.26 -11.71 11.85
CA SER A 109 0.04 -11.95 11.10
C SER A 109 -1.03 -10.92 11.47
N GLU A 110 -1.32 -10.82 12.77
CA GLU A 110 -2.32 -9.88 13.25
C GLU A 110 -2.32 -8.60 12.42
N ASP A 111 -1.12 -8.15 12.05
CA ASP A 111 -0.97 -6.93 11.26
C ASP A 111 -1.75 -7.04 9.96
N ALA A 112 -1.45 -8.08 9.18
CA ALA A 112 -2.12 -8.30 7.90
C ALA A 112 -3.64 -8.27 8.07
N ASP A 113 -4.16 -9.19 8.87
CA ASP A 113 -5.60 -9.27 9.11
C ASP A 113 -6.21 -7.88 9.21
N GLU A 114 -5.71 -7.09 10.15
CA GLU A 114 -6.21 -5.73 10.35
C GLU A 114 -6.03 -4.88 9.09
N LEU A 115 -4.80 -4.85 8.59
CA LEU A 115 -4.49 -4.09 7.38
C LEU A 115 -5.52 -4.35 6.29
N HIS A 116 -5.86 -5.62 6.10
CA HIS A 116 -6.84 -6.01 5.09
C HIS A 116 -8.22 -5.47 5.43
N LYS A 117 -8.63 -5.66 6.69
CA LYS A 117 -9.93 -5.21 7.15
C LYS A 117 -10.06 -3.69 7.00
N ILE A 118 -9.20 -2.96 7.71
CA ILE A 118 -9.22 -1.50 7.65
C ILE A 118 -9.48 -1.00 6.24
N LEU A 119 -8.56 -1.30 5.33
CA LEU A 119 -8.69 -0.89 3.93
C LEU A 119 -10.14 -1.03 3.46
N LEU A 120 -10.66 -2.25 3.56
CA LEU A 120 -12.03 -2.53 3.15
C LEU A 120 -13.00 -1.56 3.80
N GLU A 121 -12.72 -1.19 5.04
CA GLU A 121 -13.58 -0.27 5.78
C GLU A 121 -13.43 1.15 5.23
N LYS A 122 -12.20 1.64 5.20
CA LYS A 122 -11.93 2.99 4.71
C LYS A 122 -12.61 3.22 3.37
N LYS A 123 -12.65 2.19 2.53
CA LYS A 123 -13.28 2.27 1.22
C LYS A 123 -14.79 2.11 1.33
N ASP A 124 -15.22 1.30 2.29
CA ASP A 124 -16.64 1.07 2.50
C ASP A 124 -17.41 2.37 2.63
N ALA A 125 -16.91 3.26 3.49
CA ALA A 125 -17.55 4.55 3.70
C ALA A 125 -17.99 5.18 2.38
N GLU A 8 -10.12 12.14 20.30
CA GLU A 8 -9.79 11.54 19.01
C GLU A 8 -8.78 12.40 18.27
N VAL A 9 -7.88 13.03 19.00
CA VAL A 9 -6.86 13.89 18.39
C VAL A 9 -5.63 13.08 17.99
N LYS A 10 -5.10 13.38 16.81
CA LYS A 10 -3.92 12.68 16.31
C LYS A 10 -2.84 13.68 15.91
N GLU A 11 -1.71 13.62 16.60
CA GLU A 11 -0.59 14.51 16.32
C GLU A 11 0.23 14.00 15.14
N GLU A 12 -0.34 13.08 14.39
CA GLU A 12 0.34 12.50 13.24
C GLU A 12 -0.56 12.55 12.00
N ASP A 13 -0.07 13.20 10.95
CA ASP A 13 -0.82 13.33 9.71
C ASP A 13 -1.50 12.00 9.35
N ALA A 14 -0.76 10.92 9.47
CA ALA A 14 -1.30 9.60 9.15
C ALA A 14 -1.68 8.84 10.43
N PHE A 15 -2.98 8.64 10.61
CA PHE A 15 -3.49 7.94 11.80
C PHE A 15 -2.95 6.51 11.84
N TYR A 16 -2.88 5.87 10.69
CA TYR A 16 -2.39 4.50 10.59
C TYR A 16 -0.89 4.47 10.29
N SER A 17 -0.16 3.64 11.02
CA SER A 17 1.28 3.52 10.83
C SER A 17 1.72 2.07 10.95
N LYS A 18 2.05 1.47 9.81
CA LYS A 18 2.49 0.07 9.78
C LYS A 18 3.74 -0.08 8.91
N LYS A 19 4.77 -0.70 9.48
CA LYS A 19 6.02 -0.92 8.76
C LYS A 19 5.98 -2.21 7.95
N CYS A 20 6.28 -2.11 6.66
CA CYS A 20 6.27 -3.27 5.78
C CYS A 20 7.05 -2.99 4.51
N LYS A 21 7.16 -4.01 3.65
CA LYS A 21 7.89 -3.87 2.40
C LYS A 21 6.94 -3.91 1.20
N LEU A 22 7.44 -3.52 0.04
CA LEU A 22 6.64 -3.52 -1.17
C LEU A 22 7.25 -4.41 -2.24
N PHE A 23 6.41 -5.15 -2.96
CA PHE A 23 6.88 -6.04 -4.01
C PHE A 23 5.98 -5.94 -5.24
N TYR A 24 6.61 -5.85 -6.42
CA TYR A 24 5.87 -5.75 -7.67
C TYR A 24 6.16 -6.95 -8.57
N LYS A 25 5.19 -7.32 -9.38
CA LYS A 25 5.33 -8.45 -10.30
C LYS A 25 5.83 -7.99 -11.66
N LYS A 26 7.05 -8.39 -12.00
CA LYS A 26 7.64 -8.02 -13.29
C LYS A 26 8.45 -9.18 -13.86
N ASP A 27 8.45 -9.28 -15.19
CA ASP A 27 9.18 -10.34 -15.87
C ASP A 27 8.85 -11.71 -15.27
N ASN A 28 7.58 -11.91 -14.93
CA ASN A 28 7.13 -13.17 -14.35
C ASN A 28 7.92 -13.47 -13.07
N GLU A 29 8.03 -12.48 -12.20
CA GLU A 29 8.75 -12.65 -10.94
C GLU A 29 8.43 -11.51 -9.98
N PHE A 30 8.52 -11.79 -8.68
CA PHE A 30 8.25 -10.79 -7.66
C PHE A 30 9.52 -10.08 -7.24
N LYS A 31 9.56 -8.77 -7.46
CA LYS A 31 10.72 -7.96 -7.10
C LYS A 31 10.37 -6.93 -6.03
N GLU A 32 11.35 -6.57 -5.21
CA GLU A 32 11.14 -5.60 -4.15
C GLU A 32 11.20 -4.17 -4.68
N LYS A 33 10.20 -3.38 -4.35
CA LYS A 33 10.14 -1.98 -4.81
C LYS A 33 10.98 -1.09 -3.90
N GLY A 34 10.86 -1.29 -2.59
CA GLY A 34 11.62 -0.49 -1.65
C GLY A 34 11.06 -0.57 -0.24
N ILE A 35 11.93 -0.84 0.72
CA ILE A 35 11.52 -0.94 2.12
C ILE A 35 11.18 0.42 2.70
N GLY A 36 10.11 0.47 3.49
CA GLY A 36 9.69 1.73 4.09
C GLY A 36 8.54 1.55 5.06
N THR A 37 7.70 2.57 5.16
CA THR A 37 6.55 2.53 6.05
C THR A 37 5.28 3.01 5.35
N LEU A 38 4.15 2.41 5.70
CA LEU A 38 2.87 2.77 5.10
C LEU A 38 2.15 3.82 5.95
N HIS A 39 1.59 4.83 5.29
CA HIS A 39 0.87 5.89 5.98
C HIS A 39 -0.46 6.18 5.30
N LEU A 40 -1.45 6.59 6.09
CA LEU A 40 -2.77 6.91 5.56
C LEU A 40 -3.24 8.28 6.03
N LYS A 41 -3.40 9.21 5.08
CA LYS A 41 -3.85 10.55 5.39
C LYS A 41 -5.25 10.80 4.85
N PRO A 42 -6.18 11.15 5.74
CA PRO A 42 -7.57 11.43 5.36
C PRO A 42 -7.71 12.73 4.57
N THR A 43 -8.72 12.78 3.71
CA THR A 43 -8.96 13.97 2.89
C THR A 43 -10.26 14.66 3.30
N ALA A 44 -10.57 15.78 2.64
CA ALA A 44 -11.78 16.52 2.92
C ALA A 44 -13.01 15.80 2.40
N ASN A 45 -12.82 14.98 1.36
CA ASN A 45 -13.91 14.23 0.78
C ASN A 45 -14.21 12.97 1.59
N GLN A 46 -13.72 12.94 2.83
CA GLN A 46 -13.94 11.79 3.70
C GLN A 46 -13.41 10.51 3.06
N LYS A 47 -12.32 10.63 2.32
CA LYS A 47 -11.71 9.49 1.66
C LYS A 47 -10.37 9.14 2.28
N THR A 48 -9.73 8.08 1.78
CA THR A 48 -8.44 7.65 2.29
C THR A 48 -7.44 7.44 1.16
N GLN A 49 -6.31 8.13 1.24
CA GLN A 49 -5.27 8.02 0.22
C GLN A 49 -4.17 7.08 0.68
N LEU A 50 -3.80 6.14 -0.19
CA LEU A 50 -2.75 5.18 0.12
C LEU A 50 -1.37 5.74 -0.22
N LEU A 51 -0.54 5.93 0.79
CA LEU A 51 0.80 6.46 0.60
C LEU A 51 1.84 5.62 1.35
N VAL A 52 2.96 5.34 0.69
CA VAL A 52 4.02 4.55 1.30
C VAL A 52 5.35 5.29 1.23
N ARG A 53 5.91 5.61 2.39
CA ARG A 53 7.18 6.31 2.47
C ARG A 53 8.34 5.32 2.40
N ALA A 54 9.50 5.82 1.96
CA ALA A 54 10.69 4.99 1.84
C ALA A 54 11.60 5.16 3.06
N ASP A 55 12.41 4.15 3.33
CA ASP A 55 13.33 4.19 4.46
C ASP A 55 14.43 5.24 4.24
N THR A 56 14.81 5.41 2.97
CA THR A 56 15.85 6.37 2.61
C THR A 56 15.51 7.76 3.11
N ASN A 57 16.45 8.68 2.98
CA ASN A 57 16.25 10.06 3.42
C ASN A 57 15.33 10.81 2.45
N LEU A 58 14.91 12.01 2.85
CA LEU A 58 14.02 12.82 2.02
C LEU A 58 12.69 12.13 1.80
N GLY A 59 12.26 11.35 2.79
CA GLY A 59 11.00 10.65 2.68
C GLY A 59 10.64 10.31 1.24
N ASN A 60 11.51 9.53 0.59
CA ASN A 60 11.29 9.14 -0.79
C ASN A 60 9.94 8.44 -0.95
N ILE A 61 9.22 8.78 -2.02
CA ILE A 61 7.92 8.19 -2.28
C ILE A 61 8.06 6.88 -3.06
N LEU A 62 7.43 5.83 -2.55
CA LEU A 62 7.47 4.53 -3.20
C LEU A 62 6.15 4.21 -3.91
N LEU A 63 5.05 4.61 -3.29
CA LEU A 63 3.72 4.38 -3.87
C LEU A 63 2.72 5.41 -3.36
N ASN A 64 2.20 6.22 -4.27
CA ASN A 64 1.23 7.26 -3.92
C ASN A 64 -0.02 7.16 -4.81
N VAL A 65 -1.10 6.64 -4.24
CA VAL A 65 -2.35 6.49 -4.97
C VAL A 65 -3.54 6.48 -4.02
N LEU A 66 -4.67 7.00 -4.50
CA LEU A 66 -5.89 7.04 -3.69
C LEU A 66 -6.69 5.76 -3.85
N ILE A 67 -7.37 5.36 -2.77
CA ILE A 67 -8.19 4.16 -2.80
C ILE A 67 -9.37 4.30 -3.76
N PRO A 68 -9.34 3.53 -4.84
CA PRO A 68 -10.40 3.55 -5.85
C PRO A 68 -11.71 2.95 -5.34
N PRO A 69 -12.78 3.11 -6.13
CA PRO A 69 -14.11 2.59 -5.77
C PRO A 69 -14.17 1.07 -5.85
N ASN A 70 -13.53 0.50 -6.86
CA ASN A 70 -13.51 -0.94 -7.05
C ASN A 70 -12.08 -1.47 -7.09
N MET A 71 -11.78 -2.41 -6.19
CA MET A 71 -10.45 -3.00 -6.12
C MET A 71 -10.50 -4.40 -5.52
N PRO A 72 -10.01 -5.39 -6.27
CA PRO A 72 -9.99 -6.79 -5.83
C PRO A 72 -9.00 -7.02 -4.69
N CYS A 73 -9.47 -7.65 -3.62
CA CYS A 73 -8.62 -7.94 -2.47
C CYS A 73 -8.39 -9.45 -2.33
N THR A 74 -7.13 -9.83 -2.13
CA THR A 74 -6.77 -11.23 -1.98
C THR A 74 -5.72 -11.42 -0.88
N ARG A 75 -6.18 -11.89 0.28
CA ARG A 75 -5.28 -12.12 1.40
C ARG A 75 -4.53 -13.45 1.25
N THR A 76 -3.23 -13.36 1.04
CA THR A 76 -2.40 -14.55 0.88
C THR A 76 -1.51 -14.77 2.10
N GLY A 77 -1.17 -16.03 2.35
CA GLY A 77 -0.32 -16.36 3.48
C GLY A 77 -0.89 -15.86 4.79
N LYS A 78 -0.01 -15.57 5.75
CA LYS A 78 -0.43 -15.08 7.05
C LYS A 78 -0.03 -13.62 7.24
N ASN A 79 1.12 -13.26 6.69
CA ASN A 79 1.61 -11.88 6.79
C ASN A 79 1.74 -11.24 5.42
N ASN A 80 1.07 -11.84 4.43
CA ASN A 80 1.10 -11.33 3.07
C ASN A 80 -0.26 -10.79 2.65
N VAL A 81 -0.26 -9.72 1.86
CA VAL A 81 -1.49 -9.11 1.39
C VAL A 81 -1.39 -8.72 -0.08
N LEU A 82 -2.15 -9.42 -0.92
CA LEU A 82 -2.15 -9.15 -2.35
C LEU A 82 -3.27 -8.19 -2.73
N ILE A 83 -2.91 -7.12 -3.45
CA ILE A 83 -3.88 -6.12 -3.88
C ILE A 83 -3.53 -5.58 -5.26
N VAL A 84 -4.55 -5.40 -6.10
CA VAL A 84 -4.35 -4.89 -7.44
C VAL A 84 -4.60 -3.38 -7.49
N CYS A 85 -3.54 -2.62 -7.75
CA CYS A 85 -3.64 -1.17 -7.82
C CYS A 85 -2.63 -0.60 -8.81
N VAL A 86 -2.94 0.55 -9.38
CA VAL A 86 -2.06 1.20 -10.34
C VAL A 86 -0.88 1.86 -9.65
N PRO A 87 0.33 1.38 -10.00
CA PRO A 87 1.58 1.92 -9.42
C PRO A 87 1.89 3.32 -9.90
N ASN A 88 2.09 4.24 -8.94
CA ASN A 88 2.40 5.63 -9.27
C ASN A 88 3.68 6.07 -8.59
N PRO A 89 4.69 6.41 -9.40
CA PRO A 89 4.59 6.36 -10.86
C PRO A 89 4.52 4.92 -11.38
N PRO A 90 4.10 4.77 -12.65
CA PRO A 90 3.97 3.47 -13.29
C PRO A 90 5.33 2.82 -13.56
N ILE A 91 5.47 1.56 -13.18
CA ILE A 91 6.72 0.83 -13.39
C ILE A 91 6.94 0.53 -14.87
N ASP A 92 5.89 0.10 -15.55
CA ASP A 92 5.97 -0.21 -16.97
C ASP A 92 5.36 0.91 -17.81
N GLU A 93 5.90 1.11 -19.01
CA GLU A 93 5.42 2.15 -19.90
C GLU A 93 4.43 1.57 -20.91
N LYS A 94 4.76 0.40 -21.44
CA LYS A 94 3.90 -0.26 -22.42
C LYS A 94 2.43 -0.11 -22.05
N ASN A 95 2.13 -0.28 -20.76
CA ASN A 95 0.76 -0.16 -20.28
C ASN A 95 0.74 0.25 -18.81
N ALA A 96 0.47 1.53 -18.56
CA ALA A 96 0.41 2.04 -17.20
C ALA A 96 -1.01 2.03 -16.66
N THR A 97 -1.96 2.44 -17.51
CA THR A 97 -3.36 2.49 -17.12
C THR A 97 -3.76 1.22 -16.38
N MET A 98 -3.18 0.09 -16.79
CA MET A 98 -3.49 -1.19 -16.16
C MET A 98 -2.67 -1.38 -14.89
N PRO A 99 -3.35 -1.76 -13.79
CA PRO A 99 -2.70 -1.98 -12.50
C PRO A 99 -1.82 -3.23 -12.50
N VAL A 100 -0.92 -3.30 -11.52
CA VAL A 100 -0.02 -4.45 -11.40
C VAL A 100 -0.17 -5.13 -10.05
N THR A 101 0.24 -6.39 -9.99
CA THR A 101 0.16 -7.15 -8.74
C THR A 101 1.20 -6.68 -7.73
N MET A 102 0.77 -6.52 -6.48
CA MET A 102 1.66 -6.07 -5.42
C MET A 102 1.51 -6.95 -4.18
N LEU A 103 2.64 -7.29 -3.57
CA LEU A 103 2.64 -8.13 -2.38
C LEU A 103 3.16 -7.36 -1.16
N ILE A 104 2.39 -7.35 -0.08
CA ILE A 104 2.78 -6.65 1.12
C ILE A 104 3.08 -7.64 2.25
N ARG A 105 4.34 -7.66 2.67
CA ARG A 105 4.78 -8.56 3.75
C ARG A 105 5.06 -7.78 5.03
N VAL A 106 4.25 -8.02 6.05
CA VAL A 106 4.42 -7.34 7.33
C VAL A 106 5.28 -8.16 8.28
N LYS A 107 5.80 -7.51 9.32
CA LYS A 107 6.64 -8.18 10.30
C LYS A 107 5.89 -9.32 10.98
N THR A 108 4.68 -9.02 11.45
CA THR A 108 3.85 -10.02 12.12
C THR A 108 2.53 -10.22 11.39
N SER A 109 2.21 -11.47 11.08
CA SER A 109 0.98 -11.80 10.38
C SER A 109 -0.21 -11.06 11.00
N GLU A 110 -0.36 -11.19 12.31
CA GLU A 110 -1.45 -10.54 13.03
C GLU A 110 -1.70 -9.13 12.48
N ASP A 111 -0.61 -8.44 12.15
CA ASP A 111 -0.70 -7.08 11.61
C ASP A 111 -1.43 -7.08 10.27
N ALA A 112 -0.99 -7.94 9.37
CA ALA A 112 -1.59 -8.04 8.04
C ALA A 112 -3.11 -7.93 8.13
N ASP A 113 -3.71 -8.78 8.95
CA ASP A 113 -5.16 -8.78 9.13
C ASP A 113 -5.71 -7.36 9.21
N GLU A 114 -5.21 -6.60 10.18
CA GLU A 114 -5.65 -5.22 10.36
C GLU A 114 -5.50 -4.42 9.06
N LEU A 115 -4.31 -4.49 8.47
CA LEU A 115 -4.04 -3.78 7.23
C LEU A 115 -5.11 -4.07 6.19
N HIS A 116 -5.45 -5.34 6.04
CA HIS A 116 -6.47 -5.75 5.07
C HIS A 116 -7.84 -5.22 5.48
N LYS A 117 -8.22 -5.43 6.73
CA LYS A 117 -9.51 -4.97 7.24
C LYS A 117 -9.67 -3.47 7.02
N ILE A 118 -8.74 -2.69 7.55
CA ILE A 118 -8.79 -1.25 7.41
C ILE A 118 -8.90 -0.85 5.94
N LEU A 119 -7.86 -1.12 5.17
CA LEU A 119 -7.84 -0.80 3.74
C LEU A 119 -9.25 -0.89 3.15
N LEU A 120 -9.98 -1.93 3.54
CA LEU A 120 -11.32 -2.14 3.04
C LEU A 120 -12.27 -1.05 3.55
N GLU A 121 -12.39 -0.95 4.87
CA GLU A 121 -13.26 0.05 5.48
C GLU A 121 -12.94 1.44 4.95
N LYS A 122 -11.66 1.72 4.76
CA LYS A 122 -11.22 3.01 4.25
C LYS A 122 -11.94 3.36 2.95
N LYS A 123 -12.04 2.38 2.07
CA LYS A 123 -12.72 2.58 0.79
C LYS A 123 -14.01 3.35 0.96
N ASP A 124 -14.86 2.88 1.87
CA ASP A 124 -16.14 3.53 2.14
C ASP A 124 -15.95 4.77 3.02
N ALA A 125 -15.09 4.63 4.03
CA ALA A 125 -14.82 5.73 4.94
C ALA A 125 -13.75 6.66 4.38
N GLU A 8 1.47 5.37 21.17
CA GLU A 8 0.73 4.97 19.99
C GLU A 8 1.24 5.69 18.75
N VAL A 9 2.45 6.23 18.85
CA VAL A 9 3.05 6.94 17.73
C VAL A 9 2.02 7.76 16.97
N LYS A 10 1.01 8.24 17.69
CA LYS A 10 -0.05 9.03 17.07
C LYS A 10 0.34 10.50 17.01
N GLU A 11 1.63 10.77 17.15
CA GLU A 11 2.13 12.15 17.11
C GLU A 11 2.31 12.62 15.67
N GLU A 12 1.72 11.88 14.73
CA GLU A 12 1.82 12.22 13.32
C GLU A 12 0.44 12.37 12.69
N ASP A 13 0.41 12.82 11.44
CA ASP A 13 -0.85 13.01 10.73
C ASP A 13 -1.47 11.66 10.35
N ALA A 14 -0.63 10.74 9.88
CA ALA A 14 -1.10 9.42 9.48
C ALA A 14 -1.59 8.64 10.69
N PHE A 15 -2.85 8.22 10.64
CA PHE A 15 -3.44 7.45 11.74
C PHE A 15 -2.87 6.03 11.78
N TYR A 16 -2.82 5.39 10.62
CA TYR A 16 -2.29 4.03 10.53
C TYR A 16 -0.84 4.04 10.10
N SER A 17 0.06 3.76 11.05
CA SER A 17 1.49 3.73 10.77
C SER A 17 2.08 2.37 11.10
N LYS A 18 2.62 1.70 10.08
CA LYS A 18 3.22 0.39 10.25
C LYS A 18 4.25 0.11 9.17
N LYS A 19 5.46 -0.26 9.59
CA LYS A 19 6.53 -0.56 8.65
C LYS A 19 6.23 -1.83 7.85
N CYS A 20 6.47 -1.77 6.55
CA CYS A 20 6.22 -2.91 5.67
C CYS A 20 6.96 -2.75 4.34
N LYS A 21 6.97 -3.82 3.55
CA LYS A 21 7.65 -3.79 2.25
C LYS A 21 6.63 -3.82 1.12
N LEU A 22 7.07 -3.41 -0.07
CA LEU A 22 6.20 -3.38 -1.24
C LEU A 22 6.76 -4.26 -2.35
N PHE A 23 5.89 -5.07 -2.95
CA PHE A 23 6.29 -5.96 -4.03
C PHE A 23 5.31 -5.88 -5.20
N TYR A 24 5.81 -6.10 -6.41
CA TYR A 24 4.99 -6.05 -7.60
C TYR A 24 5.22 -7.28 -8.48
N LYS A 25 4.21 -7.64 -9.27
CA LYS A 25 4.30 -8.80 -10.15
C LYS A 25 4.80 -8.38 -11.53
N LYS A 26 5.99 -8.86 -11.89
CA LYS A 26 6.57 -8.54 -13.19
C LYS A 26 7.30 -9.75 -13.77
N ASP A 27 6.95 -10.11 -15.00
CA ASP A 27 7.57 -11.25 -15.67
C ASP A 27 7.35 -12.53 -14.88
N ASN A 28 6.15 -12.67 -14.31
CA ASN A 28 5.80 -13.85 -13.53
C ASN A 28 6.72 -13.99 -12.32
N GLU A 29 6.98 -12.87 -11.65
CA GLU A 29 7.85 -12.86 -10.48
C GLU A 29 7.57 -11.65 -9.60
N PHE A 30 7.77 -11.81 -8.30
CA PHE A 30 7.54 -10.73 -7.34
C PHE A 30 8.85 -10.09 -6.92
N LYS A 31 9.03 -8.82 -7.26
CA LYS A 31 10.24 -8.08 -6.91
C LYS A 31 9.98 -7.11 -5.76
N GLU A 32 11.04 -6.73 -5.06
CA GLU A 32 10.93 -5.81 -3.94
C GLU A 32 11.08 -4.37 -4.42
N LYS A 33 10.01 -3.60 -4.32
CA LYS A 33 10.02 -2.20 -4.73
C LYS A 33 10.95 -1.37 -3.84
N GLY A 34 10.89 -1.62 -2.54
CA GLY A 34 11.72 -0.90 -1.60
C GLY A 34 11.16 -0.91 -0.19
N ILE A 35 12.04 -1.04 0.79
CA ILE A 35 11.63 -1.07 2.19
C ILE A 35 11.34 0.34 2.70
N GLY A 36 10.16 0.51 3.30
CA GLY A 36 9.79 1.81 3.82
C GLY A 36 8.69 1.73 4.86
N THR A 37 7.92 2.80 5.00
CA THR A 37 6.83 2.84 5.97
C THR A 37 5.54 3.34 5.34
N LEU A 38 4.42 2.75 5.74
CA LEU A 38 3.12 3.13 5.21
C LEU A 38 2.46 4.18 6.10
N HIS A 39 1.90 5.21 5.47
CA HIS A 39 1.23 6.28 6.21
C HIS A 39 -0.09 6.65 5.55
N LEU A 40 -1.19 6.37 6.24
CA LEU A 40 -2.52 6.66 5.73
C LEU A 40 -3.02 8.01 6.25
N LYS A 41 -3.19 8.96 5.35
CA LYS A 41 -3.66 10.29 5.72
C LYS A 41 -5.02 10.58 5.10
N PRO A 42 -5.95 11.12 5.91
CA PRO A 42 -7.30 11.44 5.46
C PRO A 42 -7.32 12.63 4.49
N THR A 43 -7.98 12.44 3.36
CA THR A 43 -8.08 13.50 2.36
C THR A 43 -9.27 14.42 2.63
N ALA A 44 -9.19 15.63 2.10
CA ALA A 44 -10.26 16.61 2.28
C ALA A 44 -11.63 15.94 2.15
N ASN A 45 -11.72 14.95 1.28
CA ASN A 45 -12.97 14.23 1.07
C ASN A 45 -13.07 13.00 1.96
N GLN A 46 -14.15 12.25 1.82
CA GLN A 46 -14.36 11.05 2.62
C GLN A 46 -13.49 9.90 2.10
N LYS A 47 -12.54 10.22 1.23
CA LYS A 47 -11.65 9.23 0.67
C LYS A 47 -10.42 9.03 1.55
N THR A 48 -9.56 8.11 1.14
CA THR A 48 -8.34 7.82 1.90
C THR A 48 -7.11 7.85 1.00
N GLN A 49 -6.09 8.60 1.41
CA GLN A 49 -4.86 8.71 0.64
C GLN A 49 -3.86 7.65 1.06
N LEU A 50 -3.15 7.09 0.09
CA LEU A 50 -2.15 6.06 0.35
C LEU A 50 -0.75 6.55 0.01
N LEU A 51 0.07 6.75 1.04
CA LEU A 51 1.44 7.22 0.85
C LEU A 51 2.42 6.35 1.61
N VAL A 52 3.53 6.00 0.95
CA VAL A 52 4.55 5.17 1.57
C VAL A 52 5.94 5.77 1.38
N ARG A 53 6.57 6.16 2.49
CA ARG A 53 7.91 6.75 2.43
C ARG A 53 8.98 5.67 2.44
N ALA A 54 10.06 5.91 1.71
CA ALA A 54 11.16 4.96 1.63
C ALA A 54 12.18 5.20 2.75
N ASP A 55 12.87 4.14 3.15
CA ASP A 55 13.86 4.24 4.21
C ASP A 55 15.21 4.68 3.65
N THR A 56 15.54 5.95 3.83
CA THR A 56 16.81 6.49 3.34
C THR A 56 17.25 7.69 4.17
N ASN A 57 18.48 8.14 3.92
CA ASN A 57 19.02 9.28 4.65
C ASN A 57 18.06 10.46 4.64
N LEU A 58 17.56 10.79 3.45
CA LEU A 58 16.62 11.90 3.30
C LEU A 58 15.18 11.40 3.35
N GLY A 59 14.79 10.63 2.35
CA GLY A 59 13.43 10.10 2.31
C GLY A 59 12.73 10.40 0.99
N ASN A 60 12.55 9.37 0.18
CA ASN A 60 11.89 9.53 -1.12
C ASN A 60 10.52 8.86 -1.11
N ILE A 61 9.72 9.17 -2.12
CA ILE A 61 8.38 8.59 -2.24
C ILE A 61 8.40 7.30 -3.04
N LEU A 62 7.89 6.23 -2.45
CA LEU A 62 7.84 4.93 -3.11
C LEU A 62 6.58 4.78 -3.94
N LEU A 63 5.43 5.04 -3.31
CA LEU A 63 4.15 4.93 -4.00
C LEU A 63 3.13 5.91 -3.41
N ASN A 64 2.56 6.74 -4.25
CA ASN A 64 1.57 7.73 -3.81
C ASN A 64 0.33 7.67 -4.68
N VAL A 65 -0.76 7.13 -4.12
CA VAL A 65 -2.01 7.01 -4.85
C VAL A 65 -3.20 7.07 -3.89
N LEU A 66 -4.40 7.28 -4.45
CA LEU A 66 -5.61 7.35 -3.65
C LEU A 66 -6.33 6.00 -3.62
N ILE A 67 -6.85 5.63 -2.46
CA ILE A 67 -7.56 4.37 -2.30
C ILE A 67 -8.93 4.43 -2.97
N PRO A 68 -9.14 3.56 -3.97
CA PRO A 68 -10.40 3.49 -4.71
C PRO A 68 -11.54 2.92 -3.86
N PRO A 69 -12.77 3.02 -4.38
CA PRO A 69 -13.97 2.52 -3.69
C PRO A 69 -14.00 1.00 -3.62
N ASN A 70 -13.55 0.34 -4.68
CA ASN A 70 -13.54 -1.11 -4.74
C ASN A 70 -12.16 -1.62 -5.17
N MET A 71 -11.48 -2.32 -4.24
CA MET A 71 -10.17 -2.86 -4.53
C MET A 71 -10.07 -4.32 -4.08
N PRO A 72 -9.52 -5.17 -4.96
CA PRO A 72 -9.36 -6.60 -4.68
C PRO A 72 -8.30 -6.87 -3.60
N CYS A 73 -8.68 -7.65 -2.60
CA CYS A 73 -7.77 -7.99 -1.51
C CYS A 73 -7.78 -9.49 -1.24
N THR A 74 -6.59 -10.05 -1.01
CA THR A 74 -6.45 -11.47 -0.75
C THR A 74 -5.35 -11.74 0.26
N ARG A 75 -5.59 -12.66 1.19
CA ARG A 75 -4.61 -13.01 2.21
C ARG A 75 -3.90 -14.31 1.85
N THR A 76 -2.58 -14.32 2.04
CA THR A 76 -1.78 -15.50 1.75
C THR A 76 -0.56 -15.58 2.65
N GLY A 77 0.10 -16.73 2.65
CA GLY A 77 1.28 -16.92 3.47
C GLY A 77 1.04 -16.52 4.91
N LYS A 78 2.06 -16.68 5.75
CA LYS A 78 1.96 -16.34 7.16
C LYS A 78 1.52 -14.89 7.34
N ASN A 79 2.16 -13.99 6.62
CA ASN A 79 1.81 -12.57 6.70
C ASN A 79 2.04 -11.88 5.36
N ASN A 80 0.95 -11.64 4.63
CA ASN A 80 1.03 -11.00 3.32
C ASN A 80 -0.24 -10.22 3.02
N VAL A 81 -0.18 -9.34 2.02
CA VAL A 81 -1.33 -8.53 1.64
C VAL A 81 -1.32 -8.25 0.14
N LEU A 82 -2.15 -8.98 -0.60
CA LEU A 82 -2.24 -8.80 -2.04
C LEU A 82 -3.32 -7.78 -2.40
N ILE A 83 -2.96 -6.81 -3.24
CA ILE A 83 -3.90 -5.78 -3.66
C ILE A 83 -3.55 -5.25 -5.05
N VAL A 84 -4.57 -4.91 -5.82
CA VAL A 84 -4.38 -4.39 -7.17
C VAL A 84 -4.65 -2.90 -7.23
N CYS A 85 -3.65 -2.14 -7.65
CA CYS A 85 -3.76 -0.69 -7.75
C CYS A 85 -2.79 -0.13 -8.78
N VAL A 86 -3.06 1.09 -9.23
CA VAL A 86 -2.20 1.74 -10.22
C VAL A 86 -0.92 2.27 -9.57
N PRO A 87 0.22 1.70 -9.98
CA PRO A 87 1.53 2.09 -9.46
C PRO A 87 1.94 3.48 -9.93
N ASN A 88 2.20 4.38 -8.98
CA ASN A 88 2.60 5.74 -9.29
C ASN A 88 3.91 6.09 -8.60
N PRO A 89 4.93 6.40 -9.41
CA PRO A 89 4.82 6.40 -10.86
C PRO A 89 4.67 5.00 -11.43
N PRO A 90 4.27 4.92 -12.72
CA PRO A 90 4.07 3.64 -13.41
C PRO A 90 5.39 2.92 -13.67
N ILE A 91 5.55 1.75 -13.06
CA ILE A 91 6.76 0.96 -13.23
C ILE A 91 7.01 0.64 -14.70
N ASP A 92 5.95 0.25 -15.40
CA ASP A 92 6.05 -0.09 -16.81
C ASP A 92 5.52 1.05 -17.68
N GLU A 93 5.88 1.03 -18.96
CA GLU A 93 5.44 2.05 -19.89
C GLU A 93 4.39 1.51 -20.86
N LYS A 94 4.58 0.26 -21.27
CA LYS A 94 3.65 -0.38 -22.20
C LYS A 94 2.21 -0.04 -21.86
N ASN A 95 1.88 -0.11 -20.57
CA ASN A 95 0.53 0.21 -20.10
C ASN A 95 0.55 0.73 -18.68
N ALA A 96 0.41 2.04 -18.53
CA ALA A 96 0.40 2.67 -17.22
C ALA A 96 -1.01 2.78 -16.66
N THR A 97 -1.95 3.17 -17.52
CA THR A 97 -3.35 3.31 -17.11
C THR A 97 -3.85 2.05 -16.43
N MET A 98 -3.28 0.91 -16.80
CA MET A 98 -3.68 -0.37 -16.23
C MET A 98 -2.89 -0.65 -14.95
N PRO A 99 -3.62 -1.05 -13.88
CA PRO A 99 -3.02 -1.35 -12.59
C PRO A 99 -2.18 -2.64 -12.62
N VAL A 100 -1.37 -2.83 -11.59
CA VAL A 100 -0.52 -4.01 -11.50
C VAL A 100 -0.71 -4.73 -10.17
N THR A 101 -0.36 -6.01 -10.14
CA THR A 101 -0.49 -6.81 -8.93
C THR A 101 0.54 -6.41 -7.89
N MET A 102 0.06 -5.88 -6.76
CA MET A 102 0.93 -5.46 -5.68
C MET A 102 0.73 -6.33 -4.44
N LEU A 103 1.79 -6.48 -3.66
CA LEU A 103 1.73 -7.28 -2.44
C LEU A 103 2.61 -6.69 -1.34
N ILE A 104 2.14 -6.76 -0.10
CA ILE A 104 2.88 -6.23 1.03
C ILE A 104 3.19 -7.33 2.04
N ARG A 105 4.37 -7.24 2.65
CA ARG A 105 4.79 -8.22 3.64
C ARG A 105 5.02 -7.56 5.00
N VAL A 106 4.28 -8.02 6.00
CA VAL A 106 4.41 -7.47 7.36
C VAL A 106 5.24 -8.39 8.24
N LYS A 107 5.44 -7.97 9.49
CA LYS A 107 6.23 -8.76 10.44
C LYS A 107 5.37 -9.85 11.07
N THR A 108 4.27 -9.45 11.70
CA THR A 108 3.37 -10.40 12.35
C THR A 108 2.08 -10.55 11.56
N SER A 109 1.51 -11.75 11.59
CA SER A 109 0.27 -12.03 10.88
C SER A 109 -0.80 -10.99 11.22
N GLU A 110 -1.06 -10.83 12.51
CA GLU A 110 -2.06 -9.88 12.97
C GLU A 110 -1.94 -8.56 12.22
N ASP A 111 -0.72 -8.20 11.85
CA ASP A 111 -0.47 -6.97 11.11
C ASP A 111 -1.18 -6.98 9.76
N ALA A 112 -0.96 -8.04 8.99
CA ALA A 112 -1.58 -8.16 7.68
C ALA A 112 -3.10 -8.23 7.80
N ASP A 113 -3.59 -9.03 8.73
CA ASP A 113 -5.03 -9.19 8.95
C ASP A 113 -5.67 -7.84 9.22
N GLU A 114 -5.05 -7.06 10.10
CA GLU A 114 -5.58 -5.74 10.46
C GLU A 114 -5.72 -4.87 9.22
N LEU A 115 -4.59 -4.56 8.58
CA LEU A 115 -4.60 -3.72 7.39
C LEU A 115 -5.54 -4.28 6.33
N HIS A 116 -5.54 -5.61 6.19
CA HIS A 116 -6.40 -6.27 5.21
C HIS A 116 -7.86 -5.88 5.43
N LYS A 117 -8.29 -5.89 6.69
CA LYS A 117 -9.66 -5.53 7.04
C LYS A 117 -9.90 -4.03 6.90
N ILE A 118 -9.06 -3.25 7.57
CA ILE A 118 -9.17 -1.79 7.52
C ILE A 118 -9.34 -1.30 6.08
N LEU A 119 -8.50 -1.82 5.19
CA LEU A 119 -8.56 -1.44 3.78
C LEU A 119 -9.96 -1.65 3.22
N LEU A 120 -10.58 -2.78 3.57
CA LEU A 120 -11.92 -3.08 3.10
C LEU A 120 -12.94 -2.11 3.67
N GLU A 121 -12.67 -1.62 4.87
CA GLU A 121 -13.56 -0.66 5.53
C GLU A 121 -13.36 0.74 4.99
N LYS A 122 -12.11 1.06 4.65
CA LYS A 122 -11.77 2.38 4.13
C LYS A 122 -12.30 2.55 2.71
N LYS A 123 -12.03 1.56 1.85
CA LYS A 123 -12.48 1.60 0.48
C LYS A 123 -13.96 1.99 0.39
N ASP A 124 -14.74 1.53 1.36
CA ASP A 124 -16.17 1.83 1.40
C ASP A 124 -16.42 3.18 2.07
N ALA A 125 -15.73 3.41 3.18
CA ALA A 125 -15.88 4.66 3.93
C ALA A 125 -15.02 5.76 3.32
N GLU A 8 -4.65 10.65 23.52
CA GLU A 8 -3.46 11.13 22.83
C GLU A 8 -3.80 11.62 21.43
N VAL A 9 -3.05 12.62 20.96
CA VAL A 9 -3.28 13.17 19.63
C VAL A 9 -1.99 13.22 18.83
N LYS A 10 -2.06 12.76 17.57
CA LYS A 10 -0.89 12.75 16.69
C LYS A 10 -0.79 14.05 15.91
N GLU A 11 0.40 14.65 15.91
CA GLU A 11 0.63 15.90 15.20
C GLU A 11 0.80 15.65 13.70
N GLU A 12 0.66 14.39 13.30
CA GLU A 12 0.80 14.02 11.90
C GLU A 12 -0.56 13.80 11.25
N ASP A 13 -0.57 13.68 9.93
CA ASP A 13 -1.81 13.47 9.20
C ASP A 13 -2.18 11.99 9.14
N ALA A 14 -1.18 11.15 8.89
CA ALA A 14 -1.38 9.71 8.81
C ALA A 14 -1.69 9.13 10.18
N PHE A 15 -2.89 8.53 10.31
CA PHE A 15 -3.31 7.94 11.57
C PHE A 15 -2.68 6.56 11.76
N TYR A 16 -2.62 5.79 10.68
CA TYR A 16 -2.05 4.45 10.71
C TYR A 16 -0.61 4.45 10.21
N SER A 17 0.29 3.88 11.01
CA SER A 17 1.70 3.83 10.64
C SER A 17 2.30 2.48 11.00
N LYS A 18 2.78 1.76 9.98
CA LYS A 18 3.38 0.45 10.18
C LYS A 18 4.39 0.14 9.09
N LYS A 19 5.53 -0.41 9.49
CA LYS A 19 6.59 -0.76 8.53
C LYS A 19 6.28 -2.07 7.82
N CYS A 20 6.61 -2.14 6.54
CA CYS A 20 6.36 -3.33 5.75
C CYS A 20 7.15 -3.29 4.43
N LYS A 21 7.19 -4.41 3.74
CA LYS A 21 7.90 -4.51 2.47
C LYS A 21 6.92 -4.47 1.30
N LEU A 22 7.28 -3.74 0.25
CA LEU A 22 6.44 -3.62 -0.93
C LEU A 22 6.94 -4.54 -2.05
N PHE A 23 6.02 -5.06 -2.83
CA PHE A 23 6.37 -5.94 -3.94
C PHE A 23 5.39 -5.77 -5.11
N TYR A 24 5.95 -5.57 -6.31
CA TYR A 24 5.14 -5.38 -7.50
C TYR A 24 5.26 -6.59 -8.43
N LYS A 25 4.19 -6.86 -9.17
CA LYS A 25 4.17 -7.98 -10.11
C LYS A 25 4.66 -7.55 -11.48
N LYS A 26 5.82 -8.06 -11.88
CA LYS A 26 6.40 -7.73 -13.18
C LYS A 26 6.96 -8.97 -13.86
N ASP A 27 6.61 -9.15 -15.13
CA ASP A 27 7.08 -10.31 -15.90
C ASP A 27 6.66 -11.62 -15.22
N ASN A 28 5.45 -11.63 -14.68
CA ASN A 28 4.93 -12.81 -14.01
C ASN A 28 5.80 -13.19 -12.80
N GLU A 29 6.20 -12.17 -12.04
CA GLU A 29 7.03 -12.39 -10.87
C GLU A 29 6.88 -11.24 -9.87
N PHE A 30 7.13 -11.53 -8.60
CA PHE A 30 7.02 -10.52 -7.55
C PHE A 30 8.39 -9.92 -7.23
N LYS A 31 8.56 -8.65 -7.58
CA LYS A 31 9.82 -7.95 -7.34
C LYS A 31 9.68 -6.98 -6.17
N GLU A 32 10.79 -6.72 -5.49
CA GLU A 32 10.79 -5.81 -4.35
C GLU A 32 10.86 -4.36 -4.82
N LYS A 33 9.91 -3.55 -4.35
CA LYS A 33 9.86 -2.14 -4.72
C LYS A 33 10.81 -1.33 -3.85
N GLY A 34 10.82 -1.61 -2.55
CA GLY A 34 11.69 -0.90 -1.65
C GLY A 34 11.17 -0.89 -0.22
N ILE A 35 12.06 -1.11 0.73
CA ILE A 35 11.69 -1.14 2.14
C ILE A 35 11.34 0.26 2.65
N GLY A 36 10.31 0.34 3.47
CA GLY A 36 9.89 1.62 4.02
C GLY A 36 8.74 1.50 4.99
N THR A 37 7.96 2.57 5.13
CA THR A 37 6.82 2.57 6.04
C THR A 37 5.57 3.11 5.35
N LEU A 38 4.44 2.48 5.62
CA LEU A 38 3.17 2.89 5.02
C LEU A 38 2.44 3.87 5.94
N HIS A 39 1.87 4.92 5.35
CA HIS A 39 1.13 5.92 6.11
C HIS A 39 -0.19 6.25 5.44
N LEU A 40 -1.27 6.17 6.20
CA LEU A 40 -2.61 6.45 5.68
C LEU A 40 -3.12 7.78 6.22
N LYS A 41 -3.18 8.79 5.35
CA LYS A 41 -3.66 10.11 5.74
C LYS A 41 -4.98 10.42 5.06
N PRO A 42 -5.95 10.91 5.85
CA PRO A 42 -7.29 11.26 5.35
C PRO A 42 -7.26 12.50 4.45
N THR A 43 -7.91 12.40 3.30
CA THR A 43 -7.97 13.51 2.36
C THR A 43 -9.12 14.45 2.68
N ALA A 44 -9.06 15.66 2.14
CA ALA A 44 -10.10 16.66 2.36
C ALA A 44 -11.48 16.02 2.36
N ASN A 45 -11.65 15.00 1.52
CA ASN A 45 -12.93 14.30 1.42
C ASN A 45 -12.92 13.03 2.27
N GLN A 46 -14.04 12.31 2.26
CA GLN A 46 -14.17 11.08 3.02
C GLN A 46 -13.25 10.00 2.47
N LYS A 47 -12.56 10.32 1.38
CA LYS A 47 -11.64 9.38 0.75
C LYS A 47 -10.42 9.14 1.63
N THR A 48 -9.58 8.19 1.21
CA THR A 48 -8.37 7.86 1.97
C THR A 48 -7.15 7.83 1.06
N GLN A 49 -6.11 8.55 1.46
CA GLN A 49 -4.87 8.61 0.69
C GLN A 49 -3.89 7.52 1.13
N LEU A 50 -3.12 7.02 0.19
CA LEU A 50 -2.14 5.97 0.48
C LEU A 50 -0.73 6.41 0.09
N LEU A 51 0.14 6.51 1.08
CA LEU A 51 1.53 6.91 0.84
C LEU A 51 2.50 6.02 1.61
N VAL A 52 3.72 5.90 1.08
CA VAL A 52 4.74 5.08 1.70
C VAL A 52 6.10 5.78 1.69
N ARG A 53 6.72 5.89 2.85
CA ARG A 53 8.02 6.53 2.96
C ARG A 53 9.15 5.51 2.87
N ALA A 54 10.09 5.76 1.96
CA ALA A 54 11.22 4.86 1.76
C ALA A 54 12.30 5.11 2.81
N ASP A 55 13.17 4.13 3.01
CA ASP A 55 14.25 4.24 3.97
C ASP A 55 15.58 4.49 3.27
N THR A 56 16.05 5.74 3.33
CA THR A 56 17.30 6.12 2.70
C THR A 56 17.95 7.29 3.42
N ASN A 57 19.15 7.66 2.97
CA ASN A 57 19.87 8.78 3.58
C ASN A 57 18.97 10.00 3.73
N LEU A 58 18.48 10.51 2.61
CA LEU A 58 17.60 11.67 2.62
C LEU A 58 16.13 11.25 2.64
N GLY A 59 15.74 10.43 1.67
CA GLY A 59 14.37 9.96 1.60
C GLY A 59 13.77 10.13 0.22
N ASN A 60 12.81 9.27 -0.11
CA ASN A 60 12.15 9.33 -1.41
C ASN A 60 10.77 8.70 -1.36
N ILE A 61 9.87 9.15 -2.23
CA ILE A 61 8.52 8.61 -2.27
C ILE A 61 8.47 7.29 -3.01
N LEU A 62 8.02 6.25 -2.33
CA LEU A 62 7.93 4.92 -2.91
C LEU A 62 6.63 4.76 -3.71
N LEU A 63 5.51 5.00 -3.04
CA LEU A 63 4.20 4.90 -3.68
C LEU A 63 3.21 5.88 -3.07
N ASN A 64 2.48 6.59 -3.91
CA ASN A 64 1.50 7.56 -3.46
C ASN A 64 0.27 7.57 -4.37
N VAL A 65 -0.81 6.96 -3.90
CA VAL A 65 -2.05 6.91 -4.67
C VAL A 65 -3.27 7.01 -3.77
N LEU A 66 -4.45 7.07 -4.38
CA LEU A 66 -5.70 7.17 -3.62
C LEU A 66 -6.50 5.87 -3.71
N ILE A 67 -6.99 5.40 -2.58
CA ILE A 67 -7.78 4.18 -2.53
C ILE A 67 -9.07 4.32 -3.32
N PRO A 68 -9.22 3.51 -4.38
CA PRO A 68 -10.40 3.53 -5.24
C PRO A 68 -11.64 2.98 -4.53
N PRO A 69 -12.81 3.17 -5.15
CA PRO A 69 -14.09 2.71 -4.61
C PRO A 69 -14.21 1.19 -4.63
N ASN A 70 -13.55 0.56 -5.61
CA ASN A 70 -13.59 -0.89 -5.74
C ASN A 70 -12.18 -1.46 -5.80
N MET A 71 -11.76 -2.10 -4.71
CA MET A 71 -10.43 -2.70 -4.65
C MET A 71 -10.51 -4.12 -4.11
N PRO A 72 -9.91 -5.06 -4.85
CA PRO A 72 -9.89 -6.48 -4.46
C PRO A 72 -9.01 -6.75 -3.24
N CYS A 73 -9.58 -7.41 -2.24
CA CYS A 73 -8.85 -7.71 -1.01
C CYS A 73 -8.64 -9.21 -0.88
N THR A 74 -7.39 -9.63 -0.77
CA THR A 74 -7.05 -11.04 -0.63
C THR A 74 -5.84 -11.23 0.28
N ARG A 75 -5.83 -12.35 1.01
CA ARG A 75 -4.73 -12.65 1.92
C ARG A 75 -4.02 -13.94 1.51
N THR A 76 -2.72 -14.00 1.77
CA THR A 76 -1.92 -15.17 1.43
C THR A 76 -0.75 -15.34 2.38
N GLY A 77 -0.13 -16.51 2.34
CA GLY A 77 1.00 -16.79 3.20
C GLY A 77 0.70 -16.46 4.66
N LYS A 78 1.70 -16.61 5.52
CA LYS A 78 1.56 -16.33 6.93
C LYS A 78 1.12 -14.87 7.16
N ASN A 79 1.88 -13.94 6.59
CA ASN A 79 1.58 -12.53 6.73
C ASN A 79 1.80 -11.79 5.41
N ASN A 80 0.71 -11.51 4.71
CA ASN A 80 0.79 -10.80 3.43
C ASN A 80 -0.48 -9.97 3.19
N VAL A 81 -0.43 -9.13 2.17
CA VAL A 81 -1.57 -8.28 1.83
C VAL A 81 -1.63 -8.02 0.33
N LEU A 82 -2.60 -8.62 -0.34
CA LEU A 82 -2.77 -8.45 -1.77
C LEU A 82 -3.82 -7.38 -2.07
N ILE A 83 -3.45 -6.42 -2.92
CA ILE A 83 -4.36 -5.34 -3.29
C ILE A 83 -4.05 -4.83 -4.69
N VAL A 84 -5.10 -4.64 -5.49
CA VAL A 84 -4.95 -4.15 -6.86
C VAL A 84 -5.18 -2.65 -6.92
N CYS A 85 -4.14 -1.91 -7.33
CA CYS A 85 -4.23 -0.46 -7.45
C CYS A 85 -3.24 0.06 -8.49
N VAL A 86 -3.47 1.30 -8.93
CA VAL A 86 -2.59 1.92 -9.92
C VAL A 86 -1.31 2.41 -9.29
N PRO A 87 -0.17 1.85 -9.74
CA PRO A 87 1.15 2.22 -9.23
C PRO A 87 1.57 3.63 -9.65
N ASN A 88 1.95 4.44 -8.68
CA ASN A 88 2.36 5.82 -8.94
C ASN A 88 3.71 6.12 -8.29
N PRO A 89 4.71 6.43 -9.12
CA PRO A 89 4.54 6.48 -10.58
C PRO A 89 4.33 5.11 -11.19
N PRO A 90 3.91 5.08 -12.47
CA PRO A 90 3.67 3.84 -13.20
C PRO A 90 4.96 3.08 -13.50
N ILE A 91 4.85 1.76 -13.59
CA ILE A 91 6.02 0.92 -13.88
C ILE A 91 6.19 0.72 -15.38
N ASP A 92 5.07 0.49 -16.06
CA ASP A 92 5.09 0.28 -17.51
C ASP A 92 4.47 1.48 -18.24
N GLU A 93 4.65 1.51 -19.56
CA GLU A 93 4.12 2.60 -20.37
C GLU A 93 2.79 2.20 -21.01
N LYS A 94 2.66 0.91 -21.33
CA LYS A 94 1.44 0.41 -21.95
C LYS A 94 0.38 0.11 -20.88
N ASN A 95 0.75 -0.69 -19.90
CA ASN A 95 -0.17 -1.04 -18.81
C ASN A 95 -0.19 0.04 -17.74
N ALA A 96 0.37 1.20 -18.07
CA ALA A 96 0.42 2.32 -17.13
C ALA A 96 -0.96 2.58 -16.52
N THR A 97 -1.92 2.94 -17.36
CA THR A 97 -3.27 3.23 -16.91
C THR A 97 -3.82 2.07 -16.08
N MET A 98 -3.62 0.85 -16.57
CA MET A 98 -4.09 -0.33 -15.86
C MET A 98 -3.30 -0.56 -14.57
N PRO A 99 -4.01 -0.93 -13.50
CA PRO A 99 -3.39 -1.20 -12.20
C PRO A 99 -2.54 -2.45 -12.20
N VAL A 100 -1.67 -2.58 -11.19
CA VAL A 100 -0.79 -3.74 -11.08
C VAL A 100 -0.94 -4.40 -9.72
N THR A 101 -0.53 -5.67 -9.63
CA THR A 101 -0.61 -6.42 -8.38
C THR A 101 0.47 -5.99 -7.40
N MET A 102 0.07 -5.73 -6.16
CA MET A 102 1.01 -5.30 -5.13
C MET A 102 0.92 -6.20 -3.91
N LEU A 103 2.04 -6.79 -3.51
CA LEU A 103 2.09 -7.67 -2.35
C LEU A 103 2.91 -7.06 -1.23
N ILE A 104 2.27 -6.82 -0.09
CA ILE A 104 2.96 -6.25 1.06
C ILE A 104 3.29 -7.31 2.09
N ARG A 105 4.56 -7.34 2.52
CA ARG A 105 5.00 -8.31 3.51
C ARG A 105 5.22 -7.65 4.86
N VAL A 106 4.53 -8.15 5.88
CA VAL A 106 4.66 -7.61 7.23
C VAL A 106 5.37 -8.59 8.15
N LYS A 107 5.55 -8.18 9.40
CA LYS A 107 6.23 -9.02 10.39
C LYS A 107 5.28 -10.10 10.92
N THR A 108 4.28 -9.67 11.68
CA THR A 108 3.30 -10.60 12.26
C THR A 108 2.01 -10.60 11.44
N SER A 109 1.27 -11.69 11.52
CA SER A 109 0.01 -11.83 10.79
C SER A 109 -1.00 -10.81 11.27
N GLU A 110 -1.17 -10.72 12.60
CA GLU A 110 -2.11 -9.78 13.18
C GLU A 110 -2.05 -8.42 12.47
N ASP A 111 -0.91 -8.14 11.86
CA ASP A 111 -0.72 -6.89 11.14
C ASP A 111 -1.45 -6.90 9.81
N ALA A 112 -1.24 -7.96 9.03
CA ALA A 112 -1.89 -8.09 7.73
C ALA A 112 -3.40 -7.94 7.85
N ASP A 113 -3.95 -8.45 8.94
CA ASP A 113 -5.39 -8.38 9.19
C ASP A 113 -5.84 -6.93 9.33
N GLU A 114 -5.20 -6.22 10.26
CA GLU A 114 -5.54 -4.82 10.52
C GLU A 114 -5.54 -4.02 9.23
N LEU A 115 -4.35 -3.88 8.62
CA LEU A 115 -4.22 -3.13 7.38
C LEU A 115 -5.28 -3.55 6.36
N HIS A 116 -5.26 -4.81 5.97
CA HIS A 116 -6.22 -5.34 5.01
C HIS A 116 -7.64 -4.92 5.39
N LYS A 117 -7.98 -5.07 6.67
CA LYS A 117 -9.30 -4.71 7.15
C LYS A 117 -9.57 -3.22 6.94
N ILE A 118 -8.56 -2.41 7.18
CA ILE A 118 -8.67 -0.96 7.01
C ILE A 118 -8.91 -0.59 5.55
N LEU A 119 -8.07 -1.12 4.67
CA LEU A 119 -8.18 -0.85 3.25
C LEU A 119 -9.47 -1.44 2.68
N LEU A 120 -9.86 -2.60 3.19
CA LEU A 120 -11.08 -3.27 2.73
C LEU A 120 -12.31 -2.51 3.21
N GLU A 121 -12.35 -2.19 4.50
CA GLU A 121 -13.48 -1.46 5.07
C GLU A 121 -13.54 -0.03 4.54
N LYS A 122 -12.41 0.66 4.62
CA LYS A 122 -12.33 2.04 4.15
C LYS A 122 -12.93 2.17 2.75
N LYS A 123 -12.54 1.26 1.86
CA LYS A 123 -13.04 1.28 0.49
C LYS A 123 -14.53 0.95 0.45
N ASP A 124 -14.98 0.15 1.41
CA ASP A 124 -16.38 -0.23 1.49
C ASP A 124 -17.28 0.98 1.72
N ALA A 125 -16.99 1.71 2.79
CA ALA A 125 -17.76 2.90 3.13
C ALA A 125 -17.41 4.07 2.22
N GLU A 8 0.37 5.59 21.43
CA GLU A 8 0.98 6.72 22.12
C GLU A 8 1.24 7.87 21.14
N VAL A 9 0.56 7.83 20.00
CA VAL A 9 0.71 8.87 18.99
C VAL A 9 -0.62 9.54 18.69
N LYS A 10 -0.60 10.87 18.59
CA LYS A 10 -1.81 11.63 18.31
C LYS A 10 -1.46 12.98 17.68
N GLU A 11 -2.40 13.52 16.90
CA GLU A 11 -2.19 14.82 16.25
C GLU A 11 -1.11 14.71 15.18
N GLU A 12 -1.19 13.65 14.37
CA GLU A 12 -0.21 13.43 13.31
C GLU A 12 -0.89 13.48 11.94
N ASP A 13 -0.08 13.63 10.90
CA ASP A 13 -0.60 13.70 9.53
C ASP A 13 -1.32 12.40 9.17
N ALA A 14 -0.68 11.27 9.45
CA ALA A 14 -1.26 9.97 9.16
C ALA A 14 -1.71 9.27 10.43
N PHE A 15 -2.86 8.61 10.35
CA PHE A 15 -3.41 7.89 11.51
C PHE A 15 -2.82 6.50 11.61
N TYR A 16 -2.74 5.80 10.48
CA TYR A 16 -2.20 4.45 10.44
C TYR A 16 -0.74 4.45 9.98
N SER A 17 0.14 3.90 10.81
CA SER A 17 1.56 3.85 10.49
C SER A 17 2.15 2.51 10.90
N LYS A 18 2.52 1.71 9.90
CA LYS A 18 3.10 0.39 10.14
C LYS A 18 4.22 0.10 9.14
N LYS A 19 5.31 -0.47 9.65
CA LYS A 19 6.46 -0.79 8.80
C LYS A 19 6.19 -2.05 7.99
N CYS A 20 6.58 -2.03 6.72
CA CYS A 20 6.38 -3.17 5.83
C CYS A 20 7.19 -3.01 4.55
N LYS A 21 7.11 -4.01 3.68
CA LYS A 21 7.83 -3.98 2.41
C LYS A 21 6.87 -4.19 1.24
N LEU A 22 7.02 -3.37 0.21
CA LEU A 22 6.17 -3.46 -0.98
C LEU A 22 6.69 -4.53 -1.94
N PHE A 23 5.82 -4.99 -2.83
CA PHE A 23 6.20 -6.00 -3.81
C PHE A 23 5.32 -5.92 -5.05
N TYR A 24 5.96 -5.89 -6.21
CA TYR A 24 5.23 -5.80 -7.48
C TYR A 24 5.61 -6.96 -8.39
N LYS A 25 4.64 -7.40 -9.21
CA LYS A 25 4.87 -8.50 -10.14
C LYS A 25 5.48 -7.98 -11.44
N LYS A 26 6.71 -8.41 -11.73
CA LYS A 26 7.40 -8.00 -12.94
C LYS A 26 8.14 -9.17 -13.57
N ASP A 27 7.79 -9.50 -14.81
CA ASP A 27 8.43 -10.61 -15.51
C ASP A 27 8.16 -11.93 -14.81
N ASN A 28 6.94 -12.09 -14.33
CA ASN A 28 6.54 -13.32 -13.63
C ASN A 28 7.38 -13.52 -12.37
N GLU A 29 7.70 -12.43 -11.70
CA GLU A 29 8.50 -12.49 -10.48
C GLU A 29 8.13 -11.36 -9.52
N PHE A 30 8.33 -11.59 -8.23
CA PHE A 30 8.02 -10.59 -7.22
C PHE A 30 9.23 -9.74 -6.89
N LYS A 31 9.17 -8.46 -7.25
CA LYS A 31 10.27 -7.54 -7.00
C LYS A 31 9.87 -6.47 -5.98
N GLU A 32 10.46 -6.53 -4.79
CA GLU A 32 10.16 -5.56 -3.74
C GLU A 32 10.52 -4.15 -4.18
N LYS A 33 9.51 -3.30 -4.28
CA LYS A 33 9.71 -1.91 -4.68
C LYS A 33 10.79 -1.24 -3.84
N GLY A 34 10.86 -1.63 -2.56
CA GLY A 34 11.85 -1.06 -1.67
C GLY A 34 11.39 -1.07 -0.23
N ILE A 35 12.33 -0.82 0.69
CA ILE A 35 12.00 -0.80 2.11
C ILE A 35 11.51 0.57 2.55
N GLY A 36 10.48 0.59 3.38
CA GLY A 36 9.92 1.84 3.87
C GLY A 36 8.78 1.63 4.85
N THR A 37 8.03 2.70 5.11
CA THR A 37 6.91 2.63 6.04
C THR A 37 5.63 3.14 5.40
N LEU A 38 4.52 2.48 5.69
CA LEU A 38 3.23 2.86 5.14
C LEU A 38 2.52 3.87 6.05
N HIS A 39 1.92 4.89 5.45
CA HIS A 39 1.21 5.91 6.21
C HIS A 39 -0.08 6.31 5.50
N LEU A 40 -1.19 6.31 6.24
CA LEU A 40 -2.49 6.66 5.69
C LEU A 40 -3.00 7.96 6.30
N LYS A 41 -3.47 8.87 5.45
CA LYS A 41 -4.00 10.15 5.92
C LYS A 41 -5.19 10.59 5.07
N PRO A 42 -6.19 11.21 5.73
CA PRO A 42 -7.40 11.68 5.05
C PRO A 42 -7.12 12.87 4.14
N THR A 43 -7.96 13.04 3.12
CA THR A 43 -7.81 14.14 2.18
C THR A 43 -8.90 15.18 2.36
N ALA A 44 -8.76 16.31 1.67
CA ALA A 44 -9.74 17.38 1.76
C ALA A 44 -11.10 16.94 1.22
N ASN A 45 -11.07 16.04 0.24
CA ASN A 45 -12.30 15.53 -0.36
C ASN A 45 -12.94 14.46 0.51
N GLN A 46 -12.47 14.37 1.76
CA GLN A 46 -13.00 13.38 2.69
C GLN A 46 -12.73 11.96 2.19
N LYS A 47 -11.59 11.78 1.54
CA LYS A 47 -11.22 10.47 1.01
C LYS A 47 -10.01 9.91 1.75
N THR A 48 -9.63 8.68 1.42
CA THR A 48 -8.49 8.03 2.05
C THR A 48 -7.36 7.82 1.06
N GLN A 49 -6.29 8.60 1.21
CA GLN A 49 -5.14 8.50 0.32
C GLN A 49 -4.05 7.65 0.95
N LEU A 50 -3.32 6.91 0.11
CA LEU A 50 -2.24 6.04 0.59
C LEU A 50 -0.88 6.67 0.31
N LEU A 51 0.05 6.48 1.23
CA LEU A 51 1.40 7.03 1.09
C LEU A 51 2.43 6.10 1.72
N VAL A 52 3.53 5.86 1.01
CA VAL A 52 4.59 5.00 1.50
C VAL A 52 5.95 5.70 1.41
N ARG A 53 6.57 5.93 2.57
CA ARG A 53 7.86 6.59 2.61
C ARG A 53 8.99 5.56 2.67
N ALA A 54 10.13 5.88 2.06
CA ALA A 54 11.28 4.99 2.05
C ALA A 54 11.93 4.92 3.42
N ASP A 55 12.55 3.78 3.72
CA ASP A 55 13.22 3.59 5.00
C ASP A 55 14.53 4.35 5.04
N THR A 56 15.32 4.25 3.98
CA THR A 56 16.60 4.93 3.89
C THR A 56 16.44 6.44 3.99
N ASN A 57 17.54 7.14 4.18
CA ASN A 57 17.52 8.60 4.29
C ASN A 57 16.62 9.20 3.22
N LEU A 58 16.93 8.91 1.96
CA LEU A 58 16.13 9.44 0.85
C LEU A 58 14.66 9.55 1.22
N GLY A 59 14.14 8.51 1.87
CA GLY A 59 12.75 8.51 2.28
C GLY A 59 11.83 9.01 1.19
N ASN A 60 12.08 8.58 -0.04
CA ASN A 60 11.26 9.00 -1.18
C ASN A 60 9.97 8.18 -1.25
N ILE A 61 8.93 8.78 -1.83
CA ILE A 61 7.64 8.10 -1.97
C ILE A 61 7.76 6.88 -2.86
N LEU A 62 7.41 5.72 -2.32
CA LEU A 62 7.46 4.47 -3.06
C LEU A 62 6.18 4.26 -3.86
N LEU A 63 5.04 4.52 -3.23
CA LEU A 63 3.75 4.36 -3.87
C LEU A 63 2.70 5.27 -3.24
N ASN A 64 2.16 6.19 -4.03
CA ASN A 64 1.16 7.12 -3.54
C ASN A 64 -0.07 7.13 -4.46
N VAL A 65 -1.19 6.63 -3.95
CA VAL A 65 -2.43 6.58 -4.71
C VAL A 65 -3.65 6.63 -3.80
N LEU A 66 -4.81 6.86 -4.39
CA LEU A 66 -6.05 6.93 -3.63
C LEU A 66 -6.84 5.63 -3.74
N ILE A 67 -7.63 5.32 -2.71
CA ILE A 67 -8.44 4.11 -2.70
C ILE A 67 -9.72 4.30 -3.49
N PRO A 68 -9.83 3.58 -4.62
CA PRO A 68 -11.01 3.66 -5.49
C PRO A 68 -12.24 3.02 -4.86
N PRO A 69 -13.41 3.23 -5.47
CA PRO A 69 -14.68 2.68 -4.98
C PRO A 69 -14.76 1.17 -5.14
N ASN A 70 -14.12 0.65 -6.19
CA ASN A 70 -14.12 -0.79 -6.45
C ASN A 70 -12.70 -1.32 -6.54
N MET A 71 -12.26 -2.03 -5.50
CA MET A 71 -10.93 -2.60 -5.46
C MET A 71 -10.96 -4.06 -5.02
N PRO A 72 -10.51 -4.96 -5.90
CA PRO A 72 -10.48 -6.40 -5.62
C PRO A 72 -9.44 -6.76 -4.56
N CYS A 73 -9.84 -7.61 -3.61
CA CYS A 73 -8.94 -8.04 -2.55
C CYS A 73 -8.67 -9.53 -2.63
N THR A 74 -7.41 -9.91 -2.43
CA THR A 74 -7.01 -11.31 -2.49
C THR A 74 -5.99 -11.64 -1.41
N ARG A 75 -6.45 -12.29 -0.35
CA ARG A 75 -5.58 -12.66 0.76
C ARG A 75 -4.72 -13.87 0.40
N THR A 76 -3.41 -13.66 0.32
CA THR A 76 -2.48 -14.73 -0.03
C THR A 76 -1.48 -14.98 1.09
N GLY A 77 -0.95 -16.19 1.15
CA GLY A 77 0.01 -16.53 2.18
C GLY A 77 -0.56 -16.36 3.58
N LYS A 78 0.33 -16.26 4.57
CA LYS A 78 -0.09 -16.09 5.96
C LYS A 78 -0.08 -14.62 6.36
N ASN A 79 1.01 -13.94 6.02
CA ASN A 79 1.14 -12.52 6.35
C ASN A 79 1.26 -11.68 5.08
N ASN A 80 0.86 -12.26 3.95
CA ASN A 80 0.92 -11.56 2.67
C ASN A 80 -0.47 -11.06 2.27
N VAL A 81 -0.49 -9.93 1.55
CA VAL A 81 -1.75 -9.35 1.11
C VAL A 81 -1.64 -8.88 -0.34
N LEU A 82 -2.32 -9.59 -1.24
CA LEU A 82 -2.31 -9.26 -2.65
C LEU A 82 -3.47 -8.31 -3.00
N ILE A 83 -3.14 -7.22 -3.67
CA ILE A 83 -4.15 -6.24 -4.07
C ILE A 83 -3.86 -5.68 -5.46
N VAL A 84 -4.92 -5.25 -6.15
CA VAL A 84 -4.77 -4.69 -7.49
C VAL A 84 -5.02 -3.19 -7.48
N CYS A 85 -3.98 -2.43 -7.81
CA CYS A 85 -4.06 -0.97 -7.84
C CYS A 85 -3.02 -0.38 -8.78
N VAL A 86 -3.32 0.80 -9.32
CA VAL A 86 -2.41 1.47 -10.24
C VAL A 86 -1.19 2.02 -9.50
N PRO A 87 0.01 1.54 -9.90
CA PRO A 87 1.27 1.98 -9.29
C PRO A 87 1.61 3.42 -9.63
N ASN A 88 1.92 4.20 -8.60
CA ASN A 88 2.28 5.61 -8.79
C ASN A 88 3.55 5.96 -8.04
N PRO A 89 4.60 6.32 -8.78
CA PRO A 89 4.55 6.39 -10.25
C PRO A 89 4.44 5.01 -10.89
N PRO A 90 4.09 4.99 -12.18
CA PRO A 90 3.96 3.73 -12.94
C PRO A 90 5.31 3.06 -13.19
N ILE A 91 5.29 1.73 -13.27
CA ILE A 91 6.51 0.97 -13.50
C ILE A 91 6.65 0.61 -14.98
N ASP A 92 5.54 0.22 -15.59
CA ASP A 92 5.55 -0.15 -17.01
C ASP A 92 5.29 1.07 -17.89
N GLU A 93 5.98 1.12 -19.03
CA GLU A 93 5.82 2.24 -19.96
C GLU A 93 4.84 1.89 -21.07
N LYS A 94 4.87 0.64 -21.52
CA LYS A 94 3.99 0.18 -22.58
C LYS A 94 2.53 0.17 -22.10
N ASN A 95 2.35 0.01 -20.80
CA ASN A 95 1.01 -0.01 -20.22
C ASN A 95 1.04 0.42 -18.75
N ALA A 96 0.65 1.67 -18.49
CA ALA A 96 0.64 2.20 -17.14
C ALA A 96 -0.80 2.37 -16.64
N THR A 97 -1.68 2.79 -17.52
CA THR A 97 -3.09 3.00 -17.17
C THR A 97 -3.64 1.78 -16.44
N MET A 98 -3.28 0.60 -16.90
CA MET A 98 -3.75 -0.64 -16.28
C MET A 98 -3.00 -0.92 -14.99
N PRO A 99 -3.75 -1.33 -13.95
CA PRO A 99 -3.17 -1.64 -12.64
C PRO A 99 -2.32 -2.91 -12.66
N VAL A 100 -1.43 -3.03 -11.68
CA VAL A 100 -0.56 -4.19 -11.59
C VAL A 100 -0.72 -4.90 -10.24
N THR A 101 -0.30 -6.16 -10.19
CA THR A 101 -0.40 -6.95 -8.96
C THR A 101 0.56 -6.43 -7.90
N MET A 102 0.06 -6.26 -6.68
CA MET A 102 0.88 -5.78 -5.58
C MET A 102 0.69 -6.64 -4.33
N LEU A 103 1.77 -6.85 -3.59
CA LEU A 103 1.72 -7.66 -2.37
C LEU A 103 2.40 -6.94 -1.21
N ILE A 104 1.93 -7.22 0.00
CA ILE A 104 2.50 -6.60 1.19
C ILE A 104 2.77 -7.64 2.26
N ARG A 105 4.01 -7.66 2.76
CA ARG A 105 4.41 -8.61 3.79
C ARG A 105 4.79 -7.89 5.08
N VAL A 106 3.88 -7.89 6.05
CA VAL A 106 4.11 -7.24 7.33
C VAL A 106 4.91 -8.13 8.26
N LYS A 107 5.46 -7.54 9.32
CA LYS A 107 6.25 -8.28 10.29
C LYS A 107 5.57 -9.58 10.66
N THR A 108 4.44 -9.49 11.37
CA THR A 108 3.68 -10.66 11.79
C THR A 108 2.32 -10.71 11.10
N SER A 109 1.97 -11.89 10.59
CA SER A 109 0.69 -12.07 9.91
C SER A 109 -0.42 -11.33 10.65
N GLU A 110 -0.57 -11.62 11.93
CA GLU A 110 -1.60 -10.99 12.75
C GLU A 110 -1.77 -9.53 12.37
N ASP A 111 -0.66 -8.86 12.07
CA ASP A 111 -0.67 -7.45 11.69
C ASP A 111 -1.32 -7.27 10.32
N ALA A 112 -0.95 -8.13 9.38
CA ALA A 112 -1.49 -8.08 8.03
C ALA A 112 -3.00 -7.93 8.04
N ASP A 113 -3.66 -8.83 8.78
CA ASP A 113 -5.12 -8.81 8.88
C ASP A 113 -5.62 -7.39 9.15
N GLU A 114 -5.02 -6.75 10.15
CA GLU A 114 -5.41 -5.40 10.52
C GLU A 114 -5.17 -4.42 9.37
N LEU A 115 -4.02 -4.54 8.73
CA LEU A 115 -3.67 -3.68 7.60
C LEU A 115 -4.72 -3.77 6.50
N HIS A 116 -4.87 -4.96 5.94
CA HIS A 116 -5.84 -5.19 4.88
C HIS A 116 -7.24 -4.76 5.31
N LYS A 117 -7.66 -5.24 6.47
CA LYS A 117 -8.97 -4.91 7.01
C LYS A 117 -9.30 -3.45 6.77
N ILE A 118 -8.46 -2.57 7.30
CA ILE A 118 -8.66 -1.12 7.15
C ILE A 118 -9.13 -0.78 5.74
N LEU A 119 -8.26 -1.01 4.76
CA LEU A 119 -8.58 -0.73 3.37
C LEU A 119 -10.01 -1.14 3.05
N LEU A 120 -10.33 -2.41 3.29
CA LEU A 120 -11.66 -2.94 3.03
C LEU A 120 -12.73 -2.01 3.60
N GLU A 121 -12.45 -1.43 4.76
CA GLU A 121 -13.38 -0.52 5.41
C GLU A 121 -13.37 0.85 4.75
N LYS A 122 -12.17 1.42 4.61
CA LYS A 122 -12.02 2.73 3.99
C LYS A 122 -12.73 2.78 2.64
N LYS A 123 -12.48 1.77 1.82
CA LYS A 123 -13.09 1.70 0.49
C LYS A 123 -14.61 1.64 0.60
N ASP A 124 -15.11 0.82 1.53
CA ASP A 124 -16.55 0.68 1.74
C ASP A 124 -17.22 2.04 1.84
N ALA A 125 -16.65 2.92 2.66
CA ALA A 125 -17.18 4.26 2.84
C ALA A 125 -16.58 5.24 1.86
N GLU A 8 -0.73 11.84 23.36
CA GLU A 8 0.66 11.67 22.95
C GLU A 8 1.17 12.92 22.22
N VAL A 9 2.46 13.21 22.39
CA VAL A 9 3.07 14.37 21.76
C VAL A 9 3.61 14.02 20.37
N LYS A 10 3.64 15.02 19.49
CA LYS A 10 4.13 14.82 18.13
C LYS A 10 3.43 13.63 17.46
N GLU A 11 2.10 13.61 17.57
CA GLU A 11 1.32 12.52 16.98
C GLU A 11 1.39 12.57 15.45
N GLU A 12 1.18 11.42 14.82
CA GLU A 12 1.22 11.33 13.37
C GLU A 12 -0.17 11.54 12.77
N ASP A 13 -0.24 12.35 11.72
CA ASP A 13 -1.49 12.64 11.05
C ASP A 13 -2.23 11.35 10.68
N ALA A 14 -1.50 10.45 10.03
CA ALA A 14 -2.09 9.17 9.62
C ALA A 14 -2.51 8.35 10.82
N PHE A 15 -3.65 7.66 10.70
CA PHE A 15 -4.17 6.83 11.78
C PHE A 15 -3.47 5.49 11.82
N TYR A 16 -3.25 4.90 10.65
CA TYR A 16 -2.60 3.60 10.55
C TYR A 16 -1.19 3.75 9.98
N SER A 17 -0.18 3.56 10.83
CA SER A 17 1.21 3.68 10.42
C SER A 17 2.01 2.46 10.88
N LYS A 18 2.43 1.63 9.93
CA LYS A 18 3.20 0.44 10.24
C LYS A 18 4.21 0.16 9.14
N LYS A 19 5.41 -0.27 9.54
CA LYS A 19 6.47 -0.57 8.59
C LYS A 19 6.16 -1.85 7.82
N CYS A 20 6.45 -1.85 6.53
CA CYS A 20 6.20 -3.01 5.68
C CYS A 20 6.92 -2.88 4.35
N LYS A 21 6.99 -3.98 3.61
CA LYS A 21 7.65 -3.99 2.31
C LYS A 21 6.64 -3.86 1.18
N LEU A 22 7.13 -3.63 -0.03
CA LEU A 22 6.27 -3.49 -1.19
C LEU A 22 6.84 -4.24 -2.39
N PHE A 23 6.00 -5.04 -3.04
CA PHE A 23 6.42 -5.81 -4.21
C PHE A 23 5.42 -5.66 -5.35
N TYR A 24 5.93 -5.65 -6.58
CA TYR A 24 5.08 -5.51 -7.76
C TYR A 24 5.35 -6.63 -8.75
N LYS A 25 4.32 -7.03 -9.48
CA LYS A 25 4.43 -8.10 -10.46
C LYS A 25 4.88 -7.53 -11.82
N LYS A 26 6.07 -7.94 -12.24
CA LYS A 26 6.62 -7.48 -13.51
C LYS A 26 7.28 -8.63 -14.27
N ASP A 27 6.86 -8.85 -15.51
CA ASP A 27 7.41 -9.92 -16.34
C ASP A 27 7.30 -11.26 -15.62
N ASN A 28 6.19 -11.48 -14.94
CA ASN A 28 5.96 -12.73 -14.22
C ASN A 28 7.00 -12.90 -13.10
N GLU A 29 7.22 -11.84 -12.35
CA GLU A 29 8.19 -11.87 -11.26
C GLU A 29 7.86 -10.81 -10.21
N PHE A 30 8.30 -11.05 -8.98
CA PHE A 30 8.06 -10.12 -7.88
C PHE A 30 9.32 -9.35 -7.53
N LYS A 31 9.31 -8.04 -7.81
CA LYS A 31 10.46 -7.19 -7.53
C LYS A 31 10.17 -6.26 -6.35
N GLU A 32 11.02 -6.31 -5.34
CA GLU A 32 10.85 -5.47 -4.16
C GLU A 32 10.90 -3.98 -4.54
N LYS A 33 9.74 -3.34 -4.50
CA LYS A 33 9.64 -1.93 -4.84
C LYS A 33 10.63 -1.10 -4.02
N GLY A 34 10.65 -1.35 -2.71
CA GLY A 34 11.55 -0.63 -1.83
C GLY A 34 11.09 -0.64 -0.38
N ILE A 35 12.02 -0.89 0.53
CA ILE A 35 11.71 -0.93 1.95
C ILE A 35 11.25 0.43 2.45
N GLY A 36 10.30 0.43 3.38
CA GLY A 36 9.79 1.67 3.93
C GLY A 36 8.63 1.45 4.87
N THR A 37 7.85 2.51 5.11
CA THR A 37 6.70 2.43 6.00
C THR A 37 5.44 2.99 5.33
N LEU A 38 4.30 2.38 5.63
CA LEU A 38 3.03 2.82 5.07
C LEU A 38 2.25 3.68 6.06
N HIS A 39 1.65 4.75 5.57
CA HIS A 39 0.88 5.64 6.41
C HIS A 39 -0.46 6.00 5.74
N LEU A 40 -1.55 5.69 6.42
CA LEU A 40 -2.89 5.97 5.89
C LEU A 40 -3.42 7.28 6.46
N LYS A 41 -3.67 8.25 5.59
CA LYS A 41 -4.19 9.54 6.00
C LYS A 41 -5.15 10.11 4.97
N PRO A 42 -6.23 10.76 5.44
CA PRO A 42 -7.23 11.36 4.56
C PRO A 42 -6.71 12.57 3.81
N THR A 43 -7.21 12.76 2.59
CA THR A 43 -6.79 13.89 1.76
C THR A 43 -7.92 14.90 1.58
N ALA A 44 -7.56 16.12 1.22
CA ALA A 44 -8.55 17.18 1.01
C ALA A 44 -9.76 16.65 0.25
N ASN A 45 -9.56 15.58 -0.50
CA ASN A 45 -10.64 14.97 -1.28
C ASN A 45 -11.49 14.06 -0.41
N GLN A 46 -11.39 14.23 0.90
CA GLN A 46 -12.15 13.43 1.84
C GLN A 46 -12.03 11.94 1.51
N LYS A 47 -10.87 11.56 0.99
CA LYS A 47 -10.61 10.16 0.64
C LYS A 47 -9.33 9.67 1.30
N THR A 48 -9.16 8.35 1.33
CA THR A 48 -7.98 7.74 1.93
C THR A 48 -6.80 7.76 0.98
N GLN A 49 -5.77 8.54 1.34
CA GLN A 49 -4.58 8.66 0.51
C GLN A 49 -3.45 7.81 1.06
N LEU A 50 -2.95 6.88 0.25
CA LEU A 50 -1.87 6.00 0.67
C LEU A 50 -0.51 6.65 0.41
N LEU A 51 0.37 6.56 1.39
CA LEU A 51 1.71 7.14 1.28
C LEU A 51 2.75 6.24 1.94
N VAL A 52 3.72 5.79 1.16
CA VAL A 52 4.78 4.94 1.67
C VAL A 52 6.14 5.63 1.60
N ARG A 53 6.73 5.88 2.76
CA ARG A 53 8.03 6.53 2.84
C ARG A 53 9.14 5.52 3.03
N ALA A 54 10.20 5.64 2.24
CA ALA A 54 11.33 4.73 2.32
C ALA A 54 12.08 4.90 3.64
N ASP A 55 12.55 3.80 4.20
CA ASP A 55 13.28 3.83 5.46
C ASP A 55 14.79 3.86 5.22
N THR A 56 15.29 2.82 4.56
CA THR A 56 16.72 2.73 4.27
C THR A 56 17.21 3.95 3.51
N ASN A 57 16.41 4.41 2.55
CA ASN A 57 16.76 5.58 1.75
C ASN A 57 16.20 6.84 2.37
N LEU A 58 16.58 7.99 1.80
CA LEU A 58 16.11 9.28 2.30
C LEU A 58 14.61 9.45 2.06
N GLY A 59 13.97 10.30 2.84
CA GLY A 59 12.55 10.54 2.70
C GLY A 59 12.15 10.76 1.25
N ASN A 60 11.52 9.76 0.65
CA ASN A 60 11.09 9.85 -0.74
C ASN A 60 9.71 9.24 -0.93
N ILE A 61 9.17 9.34 -2.14
CA ILE A 61 7.86 8.79 -2.45
C ILE A 61 7.98 7.46 -3.19
N LEU A 62 7.51 6.39 -2.56
CA LEU A 62 7.57 5.06 -3.17
C LEU A 62 6.29 4.77 -3.94
N LEU A 63 5.15 4.97 -3.29
CA LEU A 63 3.85 4.72 -3.93
C LEU A 63 2.78 5.60 -3.29
N ASN A 64 2.26 6.55 -4.07
CA ASN A 64 1.21 7.44 -3.59
C ASN A 64 -0.05 7.34 -4.46
N VAL A 65 -1.12 6.80 -3.89
CA VAL A 65 -2.37 6.64 -4.62
C VAL A 65 -3.56 6.69 -3.66
N LEU A 66 -4.76 6.73 -4.23
CA LEU A 66 -5.98 6.78 -3.43
C LEU A 66 -6.78 5.49 -3.59
N ILE A 67 -7.45 5.07 -2.51
CA ILE A 67 -8.26 3.86 -2.54
C ILE A 67 -9.63 4.13 -3.16
N PRO A 68 -9.86 3.56 -4.35
CA PRO A 68 -11.13 3.72 -5.07
C PRO A 68 -12.28 2.99 -4.38
N PRO A 69 -13.52 3.26 -4.83
CA PRO A 69 -14.72 2.64 -4.27
C PRO A 69 -14.82 1.16 -4.63
N ASN A 70 -14.14 0.77 -5.70
CA ASN A 70 -14.16 -0.62 -6.15
C ASN A 70 -12.74 -1.16 -6.31
N MET A 71 -12.31 -1.96 -5.33
CA MET A 71 -10.97 -2.54 -5.35
C MET A 71 -10.97 -3.93 -4.74
N PRO A 72 -10.56 -4.93 -5.53
CA PRO A 72 -10.50 -6.33 -5.08
C PRO A 72 -9.41 -6.56 -4.06
N CYS A 73 -9.73 -7.33 -3.02
CA CYS A 73 -8.76 -7.62 -1.96
C CYS A 73 -8.48 -9.13 -1.90
N THR A 74 -7.20 -9.47 -1.81
CA THR A 74 -6.78 -10.87 -1.74
C THR A 74 -5.75 -11.09 -0.65
N ARG A 75 -6.18 -11.67 0.47
CA ARG A 75 -5.27 -11.93 1.59
C ARG A 75 -4.54 -13.26 1.40
N THR A 76 -3.23 -13.19 1.24
CA THR A 76 -2.41 -14.39 1.05
C THR A 76 -1.60 -14.70 2.29
N GLY A 77 -1.23 -15.98 2.45
CA GLY A 77 -0.45 -16.37 3.60
C GLY A 77 -1.05 -15.90 4.91
N LYS A 78 -0.20 -15.60 5.88
CA LYS A 78 -0.65 -15.13 7.18
C LYS A 78 -0.21 -13.69 7.43
N ASN A 79 0.94 -13.34 6.88
CA ASN A 79 1.48 -11.98 7.03
C ASN A 79 1.59 -11.28 5.68
N ASN A 80 0.94 -11.84 4.67
CA ASN A 80 0.97 -11.27 3.33
C ASN A 80 -0.41 -10.73 2.94
N VAL A 81 -0.42 -9.68 2.13
CA VAL A 81 -1.66 -9.07 1.68
C VAL A 81 -1.58 -8.69 0.21
N LEU A 82 -2.44 -9.29 -0.60
CA LEU A 82 -2.48 -9.01 -2.03
C LEU A 82 -3.64 -8.09 -2.38
N ILE A 83 -3.41 -7.14 -3.28
CA ILE A 83 -4.44 -6.21 -3.70
C ILE A 83 -4.13 -5.64 -5.08
N VAL A 84 -5.18 -5.30 -5.82
CA VAL A 84 -5.03 -4.74 -7.16
C VAL A 84 -5.25 -3.23 -7.15
N CYS A 85 -4.24 -2.48 -7.57
CA CYS A 85 -4.32 -1.02 -7.62
C CYS A 85 -3.35 -0.45 -8.65
N VAL A 86 -3.65 0.75 -9.13
CA VAL A 86 -2.79 1.41 -10.11
C VAL A 86 -1.56 2.02 -9.45
N PRO A 87 -0.37 1.51 -9.82
CA PRO A 87 0.90 1.99 -9.28
C PRO A 87 1.24 3.40 -9.77
N ASN A 88 1.60 4.27 -8.83
CA ASN A 88 1.94 5.64 -9.17
C ASN A 88 3.35 5.98 -8.68
N PRO A 89 4.26 6.27 -9.62
CA PRO A 89 3.95 6.25 -11.05
C PRO A 89 3.69 4.85 -11.58
N PRO A 90 3.10 4.77 -12.77
CA PRO A 90 2.79 3.48 -13.41
C PRO A 90 4.04 2.75 -13.88
N ILE A 91 4.03 1.43 -13.73
CA ILE A 91 5.18 0.61 -14.13
C ILE A 91 5.56 0.87 -15.59
N ASP A 92 4.55 0.92 -16.46
CA ASP A 92 4.78 1.18 -17.87
C ASP A 92 3.67 2.05 -18.46
N GLU A 93 3.90 2.57 -19.65
CA GLU A 93 2.93 3.42 -20.32
C GLU A 93 1.78 2.59 -20.89
N LYS A 94 2.13 1.44 -21.48
CA LYS A 94 1.13 0.55 -22.06
C LYS A 94 0.13 0.08 -21.00
N ASN A 95 0.65 -0.45 -19.90
CA ASN A 95 -0.20 -0.94 -18.82
C ASN A 95 -0.41 0.14 -17.77
N ALA A 96 -0.05 1.37 -18.11
CA ALA A 96 -0.21 2.50 -17.20
C ALA A 96 -1.62 2.56 -16.63
N THR A 97 -2.60 2.57 -17.53
CA THR A 97 -4.00 2.62 -17.14
C THR A 97 -4.40 1.40 -16.32
N MET A 98 -3.94 0.23 -16.77
CA MET A 98 -4.25 -1.02 -16.09
C MET A 98 -3.40 -1.17 -14.83
N PRO A 99 -4.05 -1.57 -13.72
CA PRO A 99 -3.38 -1.76 -12.43
C PRO A 99 -2.44 -2.96 -12.44
N VAL A 100 -1.66 -3.11 -11.37
CA VAL A 100 -0.72 -4.22 -11.25
C VAL A 100 -0.87 -4.91 -9.91
N THR A 101 -0.43 -6.18 -9.85
CA THR A 101 -0.51 -6.95 -8.62
C THR A 101 0.50 -6.46 -7.59
N MET A 102 -0.01 -5.93 -6.48
CA MET A 102 0.85 -5.43 -5.41
C MET A 102 0.68 -6.24 -4.14
N LEU A 103 1.80 -6.66 -3.55
CA LEU A 103 1.77 -7.45 -2.33
C LEU A 103 2.41 -6.69 -1.18
N ILE A 104 1.90 -6.90 0.03
CA ILE A 104 2.43 -6.25 1.22
C ILE A 104 2.91 -7.26 2.25
N ARG A 105 4.18 -7.17 2.62
CA ARG A 105 4.76 -8.08 3.60
C ARG A 105 5.06 -7.35 4.91
N VAL A 106 4.28 -7.67 5.93
CA VAL A 106 4.45 -7.05 7.24
C VAL A 106 5.44 -7.84 8.10
N LYS A 107 5.71 -7.34 9.31
CA LYS A 107 6.63 -8.00 10.22
C LYS A 107 5.93 -9.12 10.97
N THR A 108 4.77 -8.82 11.56
CA THR A 108 4.01 -9.80 12.31
C THR A 108 2.69 -10.12 11.61
N SER A 109 2.39 -11.40 11.49
CA SER A 109 1.16 -11.84 10.84
C SER A 109 -0.04 -11.08 11.39
N GLU A 110 -0.18 -11.07 12.71
CA GLU A 110 -1.29 -10.38 13.36
C GLU A 110 -1.57 -9.04 12.68
N ASP A 111 -0.51 -8.36 12.27
CA ASP A 111 -0.64 -7.07 11.60
C ASP A 111 -1.44 -7.21 10.31
N ALA A 112 -0.97 -8.06 9.41
CA ALA A 112 -1.64 -8.28 8.13
C ALA A 112 -3.16 -8.35 8.32
N ASP A 113 -3.58 -9.05 9.37
CA ASP A 113 -5.01 -9.20 9.66
C ASP A 113 -5.68 -7.84 9.81
N GLU A 114 -5.07 -6.96 10.61
CA GLU A 114 -5.59 -5.63 10.84
C GLU A 114 -5.63 -4.83 9.54
N LEU A 115 -4.47 -4.61 8.96
CA LEU A 115 -4.35 -3.86 7.71
C LEU A 115 -5.53 -4.17 6.78
N HIS A 116 -5.80 -5.46 6.60
CA HIS A 116 -6.90 -5.88 5.74
C HIS A 116 -8.22 -5.30 6.21
N LYS A 117 -8.45 -5.32 7.52
CA LYS A 117 -9.67 -4.79 8.10
C LYS A 117 -9.93 -3.36 7.63
N ILE A 118 -9.00 -2.47 7.94
CA ILE A 118 -9.11 -1.07 7.54
C ILE A 118 -9.32 -0.94 6.03
N LEU A 119 -8.35 -1.43 5.27
CA LEU A 119 -8.42 -1.38 3.81
C LEU A 119 -9.84 -1.66 3.33
N LEU A 120 -10.49 -2.65 3.93
CA LEU A 120 -11.85 -3.02 3.55
C LEU A 120 -12.82 -1.88 3.87
N GLU A 121 -12.59 -1.19 4.97
CA GLU A 121 -13.44 -0.07 5.37
C GLU A 121 -13.11 1.18 4.56
N LYS A 122 -11.85 1.30 4.15
CA LYS A 122 -11.41 2.45 3.36
C LYS A 122 -11.81 2.30 1.91
N LYS A 123 -12.68 1.32 1.63
CA LYS A 123 -13.15 1.07 0.26
C LYS A 123 -14.65 0.79 0.25
N ASP A 124 -15.41 1.70 -0.34
CA ASP A 124 -16.86 1.54 -0.43
C ASP A 124 -17.49 1.53 0.96
N ALA A 125 -16.90 2.30 1.87
CA ALA A 125 -17.41 2.37 3.24
C ALA A 125 -18.89 2.68 3.26
#